data_1TIZ
#
_entry.id   1TIZ
#
_entity_poly.entity_id   1
_entity_poly.type   'polypeptide(L)'
_entity_poly.pdbx_seq_one_letter_code
;SSAKRVFEKFDKNKDGKLSLDEFREVALAFSPYFTQEDIVKFFEEIDVDGNGELNADEFTSCIEKML
;
_entity_poly.pdbx_strand_id   A
#
# COMPACT_ATOMS: atom_id res chain seq x y z
N SER A 1 -8.39 11.90 5.41
CA SER A 1 -7.71 10.59 5.19
C SER A 1 -6.40 10.83 4.42
N SER A 2 -5.29 10.82 5.11
CA SER A 2 -3.98 11.03 4.42
C SER A 2 -3.57 9.76 3.71
N ALA A 3 -4.49 8.93 3.34
CA ALA A 3 -4.11 7.67 2.66
C ALA A 3 -3.74 7.96 1.21
N LYS A 4 -4.38 8.92 0.60
CA LYS A 4 -4.05 9.27 -0.80
C LYS A 4 -2.80 10.13 -0.77
N ARG A 5 -2.69 11.00 0.20
CA ARG A 5 -1.50 11.88 0.33
C ARG A 5 -0.26 10.99 0.48
N VAL A 6 -0.31 10.08 1.41
CA VAL A 6 0.84 9.18 1.63
C VAL A 6 1.12 8.42 0.33
N PHE A 7 0.07 7.98 -0.31
CA PHE A 7 0.25 7.25 -1.60
C PHE A 7 0.97 8.18 -2.59
N GLU A 8 0.53 9.41 -2.72
CA GLU A 8 1.23 10.31 -3.67
C GLU A 8 2.73 10.24 -3.40
N LYS A 9 3.13 10.42 -2.18
CA LYS A 9 4.57 10.37 -1.84
C LYS A 9 5.16 9.03 -2.31
N PHE A 10 4.40 7.96 -2.25
CA PHE A 10 4.92 6.65 -2.69
C PHE A 10 4.64 6.42 -4.16
N ASP A 11 3.73 7.14 -4.76
CA ASP A 11 3.49 6.92 -6.21
C ASP A 11 4.84 6.98 -6.92
N LYS A 12 5.56 5.93 -6.81
CA LYS A 12 6.89 5.82 -7.44
C LYS A 12 6.69 5.46 -8.90
N ASN A 13 5.49 5.11 -9.24
CA ASN A 13 5.15 4.77 -10.66
C ASN A 13 4.10 5.78 -11.16
N LYS A 14 3.92 6.86 -10.45
CA LYS A 14 2.91 7.90 -10.86
C LYS A 14 1.83 7.21 -11.70
N ASP A 15 1.30 6.15 -11.16
CA ASP A 15 0.29 5.36 -11.90
C ASP A 15 -1.06 5.45 -11.22
N GLY A 16 -1.13 5.68 -9.93
CA GLY A 16 -2.46 5.69 -9.28
C GLY A 16 -2.62 4.33 -8.66
N LYS A 17 -1.52 3.63 -8.61
CA LYS A 17 -1.49 2.30 -7.99
C LYS A 17 -0.10 2.01 -7.45
N LEU A 18 -0.06 1.28 -6.39
CA LEU A 18 1.22 0.90 -5.77
C LEU A 18 1.40 -0.58 -5.84
N SER A 19 2.62 -0.99 -5.75
CA SER A 19 2.93 -2.41 -5.76
C SER A 19 3.28 -2.79 -4.34
N LEU A 20 3.10 -4.02 -3.99
CA LEU A 20 3.46 -4.41 -2.62
C LEU A 20 4.88 -3.92 -2.40
N ASP A 21 5.55 -3.76 -3.48
CA ASP A 21 6.92 -3.25 -3.45
C ASP A 21 6.91 -1.81 -2.92
N GLU A 22 6.00 -0.95 -3.40
CA GLU A 22 5.99 0.44 -2.90
C GLU A 22 5.42 0.47 -1.48
N PHE A 23 4.38 -0.29 -1.25
CA PHE A 23 3.76 -0.36 0.10
C PHE A 23 4.70 -1.12 1.04
N ARG A 24 5.55 -1.96 0.52
CA ARG A 24 6.53 -2.70 1.37
C ARG A 24 7.69 -1.75 1.67
N GLU A 25 7.99 -0.90 0.74
CA GLU A 25 9.06 0.11 0.96
C GLU A 25 8.43 1.13 1.90
N VAL A 26 7.16 1.35 1.67
CA VAL A 26 6.33 2.26 2.48
C VAL A 26 6.22 1.71 3.90
N ALA A 27 5.95 0.46 3.96
CA ALA A 27 5.73 -0.22 5.27
C ALA A 27 7.07 -0.41 5.97
N LEU A 28 8.07 -0.80 5.23
CA LEU A 28 9.41 -1.02 5.85
C LEU A 28 10.05 0.32 6.17
N ALA A 29 9.73 1.35 5.43
CA ALA A 29 10.35 2.67 5.66
C ALA A 29 9.72 3.37 6.88
N PHE A 30 8.44 3.64 6.85
CA PHE A 30 7.79 4.36 7.99
C PHE A 30 7.37 3.39 9.09
N SER A 31 6.78 2.29 8.74
CA SER A 31 6.32 1.31 9.78
C SER A 31 7.15 0.02 9.66
N PRO A 32 8.41 0.08 10.01
CA PRO A 32 9.31 -1.10 9.92
C PRO A 32 8.79 -2.30 10.72
N TYR A 33 7.89 -2.07 11.64
CA TYR A 33 7.35 -3.20 12.43
C TYR A 33 6.43 -4.06 11.57
N PHE A 34 6.00 -3.56 10.44
CA PHE A 34 5.11 -4.38 9.58
C PHE A 34 5.88 -5.57 9.07
N THR A 35 5.42 -6.74 9.40
CA THR A 35 6.12 -7.94 8.94
C THR A 35 5.79 -8.18 7.49
N GLN A 36 6.75 -8.61 6.75
CA GLN A 36 6.52 -8.86 5.32
C GLN A 36 5.30 -9.75 5.12
N GLU A 37 5.04 -10.61 6.06
CA GLU A 37 3.85 -11.51 5.93
C GLU A 37 2.59 -10.69 6.16
N ASP A 38 2.62 -9.76 7.07
CA ASP A 38 1.42 -8.91 7.32
C ASP A 38 1.24 -7.94 6.15
N ILE A 39 2.33 -7.47 5.60
CA ILE A 39 2.25 -6.52 4.46
C ILE A 39 1.75 -7.26 3.22
N VAL A 40 2.32 -8.41 2.96
CA VAL A 40 1.92 -9.20 1.77
C VAL A 40 0.59 -9.87 2.02
N LYS A 41 0.35 -10.39 3.18
CA LYS A 41 -0.97 -11.01 3.41
C LYS A 41 -2.00 -9.93 3.12
N PHE A 42 -1.88 -8.85 3.82
CA PHE A 42 -2.81 -7.71 3.65
C PHE A 42 -2.73 -7.13 2.23
N PHE A 43 -1.55 -6.85 1.73
CA PHE A 43 -1.47 -6.30 0.34
C PHE A 43 -2.09 -7.32 -0.60
N GLU A 44 -1.67 -8.54 -0.46
CA GLU A 44 -2.25 -9.61 -1.30
C GLU A 44 -3.77 -9.59 -1.04
N GLU A 45 -4.15 -9.25 0.16
CA GLU A 45 -5.59 -9.18 0.54
C GLU A 45 -6.23 -7.90 0.00
N ILE A 46 -5.52 -6.81 0.02
CA ILE A 46 -6.12 -5.53 -0.46
C ILE A 46 -5.97 -5.41 -1.97
N ASP A 47 -4.91 -5.93 -2.53
CA ASP A 47 -4.79 -5.88 -4.01
C ASP A 47 -5.92 -6.73 -4.55
N VAL A 48 -7.10 -6.19 -4.64
CA VAL A 48 -8.29 -6.99 -5.08
C VAL A 48 -8.38 -7.15 -6.60
N ASP A 49 -7.88 -6.22 -7.33
CA ASP A 49 -8.02 -6.31 -8.81
C ASP A 49 -7.00 -7.31 -9.33
N GLY A 50 -6.05 -7.66 -8.51
CA GLY A 50 -5.04 -8.65 -8.93
C GLY A 50 -4.00 -8.05 -9.87
N ASN A 51 -3.96 -6.75 -10.02
CA ASN A 51 -2.93 -6.16 -10.91
C ASN A 51 -1.60 -6.22 -10.18
N GLY A 52 -1.63 -6.70 -8.96
CA GLY A 52 -0.38 -6.79 -8.16
C GLY A 52 -0.03 -5.41 -7.62
N GLU A 53 -0.99 -4.52 -7.53
CA GLU A 53 -0.69 -3.14 -7.04
C GLU A 53 -1.87 -2.60 -6.24
N LEU A 54 -1.62 -1.67 -5.36
CA LEU A 54 -2.72 -1.09 -4.57
C LEU A 54 -3.46 -0.06 -5.40
N ASN A 55 -4.71 -0.31 -5.62
CA ASN A 55 -5.52 0.65 -6.43
C ASN A 55 -5.94 1.82 -5.54
N ALA A 56 -6.62 2.77 -6.12
CA ALA A 56 -7.06 3.97 -5.36
C ALA A 56 -8.04 3.61 -4.22
N ASP A 57 -9.16 3.01 -4.51
CA ASP A 57 -10.11 2.68 -3.40
C ASP A 57 -9.42 1.74 -2.39
N GLU A 58 -8.73 0.74 -2.87
CA GLU A 58 -8.05 -0.20 -1.94
C GLU A 58 -6.93 0.57 -1.26
N PHE A 59 -6.39 1.54 -1.92
CA PHE A 59 -5.30 2.36 -1.33
C PHE A 59 -5.76 2.92 0.01
N THR A 60 -6.95 3.48 0.03
CA THR A 60 -7.46 4.08 1.28
C THR A 60 -7.69 2.96 2.28
N SER A 61 -8.20 1.85 1.84
CA SER A 61 -8.41 0.72 2.77
C SER A 61 -7.05 0.09 3.08
N CYS A 62 -6.09 0.35 2.23
CA CYS A 62 -4.72 -0.18 2.48
C CYS A 62 -4.16 0.60 3.64
N ILE A 63 -4.51 1.84 3.73
CA ILE A 63 -4.03 2.67 4.83
C ILE A 63 -5.02 2.52 5.99
N GLU A 64 -6.30 2.38 5.71
CA GLU A 64 -7.24 2.21 6.83
C GLU A 64 -6.72 1.14 7.76
N LYS A 65 -5.91 0.21 7.26
CA LYS A 65 -5.37 -0.79 8.22
C LYS A 65 -4.77 -0.01 9.41
N MET A 66 -4.63 1.27 9.23
CA MET A 66 -4.10 2.17 10.27
C MET A 66 -4.58 3.56 9.88
N LEU A 67 -4.09 4.58 10.50
CA LEU A 67 -4.54 5.95 10.15
C LEU A 67 -6.02 6.11 10.51
N SER A 1 -8.24 11.23 5.14
CA SER A 1 -7.22 11.36 6.20
C SER A 1 -5.86 11.70 5.57
N SER A 2 -5.19 10.71 5.03
CA SER A 2 -3.87 10.98 4.39
C SER A 2 -3.42 9.75 3.61
N ALA A 3 -4.33 8.92 3.22
CA ALA A 3 -3.93 7.70 2.48
C ALA A 3 -3.66 8.05 1.02
N LYS A 4 -4.36 8.99 0.48
CA LYS A 4 -4.12 9.38 -0.92
C LYS A 4 -2.88 10.28 -0.95
N ARG A 5 -2.72 11.07 0.07
CA ARG A 5 -1.53 11.95 0.15
C ARG A 5 -0.27 11.10 0.28
N VAL A 6 -0.28 10.18 1.21
CA VAL A 6 0.90 9.31 1.41
C VAL A 6 1.14 8.53 0.12
N PHE A 7 0.09 8.06 -0.49
CA PHE A 7 0.25 7.31 -1.77
C PHE A 7 0.87 8.24 -2.80
N GLU A 8 0.38 9.43 -2.96
CA GLU A 8 1.00 10.34 -3.96
C GLU A 8 2.51 10.35 -3.70
N LYS A 9 2.91 10.33 -2.47
CA LYS A 9 4.37 10.33 -2.16
C LYS A 9 5.00 9.01 -2.62
N PHE A 10 4.29 7.93 -2.51
CA PHE A 10 4.85 6.62 -2.93
C PHE A 10 4.55 6.38 -4.40
N ASP A 11 3.61 7.09 -4.98
CA ASP A 11 3.33 6.85 -6.42
C ASP A 11 4.65 6.93 -7.17
N LYS A 12 5.38 5.88 -7.08
CA LYS A 12 6.69 5.80 -7.75
C LYS A 12 6.47 5.43 -9.21
N ASN A 13 5.26 5.06 -9.52
CA ASN A 13 4.89 4.72 -10.93
C ASN A 13 3.82 5.71 -11.40
N LYS A 14 3.64 6.80 -10.68
CA LYS A 14 2.60 7.82 -11.06
C LYS A 14 1.51 7.10 -11.85
N ASP A 15 1.06 6.01 -11.30
CA ASP A 15 0.05 5.18 -11.98
C ASP A 15 -1.29 5.29 -11.28
N GLY A 16 -1.32 5.52 -9.99
CA GLY A 16 -2.64 5.54 -9.31
C GLY A 16 -2.78 4.19 -8.67
N LYS A 17 -1.67 3.50 -8.61
CA LYS A 17 -1.63 2.17 -7.98
C LYS A 17 -0.24 1.89 -7.46
N LEU A 18 -0.18 1.17 -6.39
CA LEU A 18 1.09 0.78 -5.78
C LEU A 18 1.27 -0.70 -5.83
N SER A 19 2.48 -1.12 -5.75
CA SER A 19 2.77 -2.55 -5.72
C SER A 19 3.14 -2.88 -4.29
N LEU A 20 2.95 -4.09 -3.87
CA LEU A 20 3.32 -4.42 -2.50
C LEU A 20 4.74 -3.95 -2.33
N ASP A 21 5.39 -3.83 -3.43
CA ASP A 21 6.78 -3.33 -3.45
C ASP A 21 6.81 -1.87 -3.02
N GLU A 22 5.94 -1.02 -3.54
CA GLU A 22 5.97 0.40 -3.10
C GLU A 22 5.46 0.48 -1.67
N PHE A 23 4.44 -0.27 -1.39
CA PHE A 23 3.87 -0.32 -0.04
C PHE A 23 4.87 -1.03 0.90
N ARG A 24 5.75 -1.85 0.36
CA ARG A 24 6.78 -2.53 1.21
C ARG A 24 7.90 -1.52 1.48
N GLU A 25 8.10 -0.63 0.55
CA GLU A 25 9.11 0.43 0.77
C GLU A 25 8.46 1.38 1.76
N VAL A 26 7.19 1.55 1.54
CA VAL A 26 6.32 2.39 2.40
C VAL A 26 6.26 1.81 3.80
N ALA A 27 6.11 0.52 3.85
CA ALA A 27 5.98 -0.18 5.14
C ALA A 27 7.36 -0.32 5.79
N LEU A 28 8.32 -0.76 5.03
CA LEU A 28 9.68 -0.95 5.59
C LEU A 28 10.26 0.42 5.97
N ALA A 29 9.89 1.45 5.27
CA ALA A 29 10.41 2.81 5.58
C ALA A 29 9.74 3.43 6.81
N PHE A 30 8.45 3.63 6.77
CA PHE A 30 7.75 4.28 7.92
C PHE A 30 7.36 3.26 8.98
N SER A 31 6.75 2.17 8.59
CA SER A 31 6.34 1.13 9.59
C SER A 31 7.21 -0.11 9.43
N PRO A 32 8.45 -0.04 9.85
CA PRO A 32 9.39 -1.19 9.73
C PRO A 32 8.95 -2.41 10.55
N TYR A 33 8.11 -2.22 11.54
CA TYR A 33 7.68 -3.38 12.36
C TYR A 33 6.72 -4.26 11.56
N PHE A 34 6.19 -3.75 10.47
CA PHE A 34 5.25 -4.60 9.67
C PHE A 34 6.00 -5.76 9.09
N THR A 35 5.56 -6.94 9.40
CA THR A 35 6.25 -8.12 8.86
C THR A 35 5.82 -8.32 7.43
N GLN A 36 6.74 -8.74 6.62
CA GLN A 36 6.43 -8.95 5.20
C GLN A 36 5.22 -9.86 5.07
N GLU A 37 4.99 -10.70 6.03
CA GLU A 37 3.81 -11.60 5.97
C GLU A 37 2.54 -10.80 6.27
N ASP A 38 2.62 -9.87 7.17
CA ASP A 38 1.42 -9.04 7.48
C ASP A 38 1.18 -8.05 6.34
N ILE A 39 2.23 -7.55 5.75
CA ILE A 39 2.07 -6.58 4.63
C ILE A 39 1.55 -7.32 3.39
N VAL A 40 2.11 -8.46 3.11
CA VAL A 40 1.67 -9.24 1.94
C VAL A 40 0.34 -9.90 2.22
N LYS A 41 0.12 -10.38 3.41
CA LYS A 41 -1.21 -10.99 3.68
C LYS A 41 -2.23 -9.91 3.36
N PHE A 42 -2.09 -8.80 4.03
CA PHE A 42 -3.02 -7.68 3.84
C PHE A 42 -2.94 -7.10 2.41
N PHE A 43 -1.76 -6.86 1.90
CA PHE A 43 -1.68 -6.31 0.51
C PHE A 43 -2.30 -7.32 -0.44
N GLU A 44 -1.88 -8.54 -0.30
CA GLU A 44 -2.49 -9.61 -1.14
C GLU A 44 -4.00 -9.55 -0.93
N GLU A 45 -4.39 -9.20 0.27
CA GLU A 45 -5.83 -9.09 0.63
C GLU A 45 -6.43 -7.78 0.09
N ILE A 46 -5.67 -6.71 0.09
CA ILE A 46 -6.22 -5.41 -0.36
C ILE A 46 -6.03 -5.26 -1.87
N ASP A 47 -4.95 -5.77 -2.42
CA ASP A 47 -4.78 -5.66 -3.89
C ASP A 47 -5.85 -6.56 -4.49
N VAL A 48 -7.07 -6.09 -4.52
CA VAL A 48 -8.21 -6.93 -5.03
C VAL A 48 -8.24 -7.05 -6.54
N ASP A 49 -7.68 -6.12 -7.21
CA ASP A 49 -7.76 -6.16 -8.68
C ASP A 49 -6.79 -7.22 -9.20
N GLY A 50 -5.91 -7.65 -8.37
CA GLY A 50 -4.96 -8.72 -8.77
C GLY A 50 -3.90 -8.20 -9.74
N ASN A 51 -3.81 -6.91 -9.94
CA ASN A 51 -2.76 -6.39 -10.85
C ASN A 51 -1.45 -6.41 -10.09
N GLY A 52 -1.52 -6.87 -8.86
CA GLY A 52 -0.29 -6.93 -8.03
C GLY A 52 0.01 -5.53 -7.50
N GLU A 53 -0.99 -4.69 -7.42
CA GLU A 53 -0.74 -3.30 -6.93
C GLU A 53 -1.95 -2.77 -6.16
N LEU A 54 -1.72 -1.81 -5.31
CA LEU A 54 -2.82 -1.23 -4.53
C LEU A 54 -3.57 -0.25 -5.42
N ASN A 55 -4.86 -0.31 -5.43
CA ASN A 55 -5.64 0.63 -6.28
C ASN A 55 -6.04 1.84 -5.43
N ALA A 56 -6.75 2.76 -6.01
CA ALA A 56 -7.16 3.99 -5.27
C ALA A 56 -8.12 3.64 -4.11
N ASP A 57 -9.26 3.06 -4.36
CA ASP A 57 -10.17 2.73 -3.23
C ASP A 57 -9.48 1.79 -2.24
N GLU A 58 -8.80 0.79 -2.75
CA GLU A 58 -8.10 -0.15 -1.84
C GLU A 58 -6.96 0.61 -1.17
N PHE A 59 -6.43 1.60 -1.85
CA PHE A 59 -5.33 2.40 -1.26
C PHE A 59 -5.78 2.98 0.07
N THR A 60 -6.97 3.52 0.13
CA THR A 60 -7.45 4.10 1.40
C THR A 60 -7.61 2.98 2.40
N SER A 61 -8.23 1.91 1.99
CA SER A 61 -8.37 0.75 2.90
C SER A 61 -6.99 0.13 3.11
N CYS A 62 -6.07 0.43 2.21
CA CYS A 62 -4.69 -0.10 2.38
C CYS A 62 -4.11 0.56 3.62
N ILE A 63 -4.44 1.80 3.81
CA ILE A 63 -3.95 2.51 4.99
C ILE A 63 -4.86 2.19 6.16
N GLU A 64 -6.14 2.00 5.94
CA GLU A 64 -7.02 1.66 7.08
C GLU A 64 -6.41 0.49 7.81
N LYS A 65 -5.59 -0.31 7.15
CA LYS A 65 -4.94 -1.41 7.90
C LYS A 65 -4.22 -0.78 9.10
N MET A 66 -4.20 0.53 9.10
CA MET A 66 -3.59 1.32 10.18
C MET A 66 -4.14 2.74 9.99
N LEU A 67 -3.69 3.70 10.71
CA LEU A 67 -4.23 5.07 10.53
C LEU A 67 -5.76 5.04 10.62
N SER A 1 -8.20 11.29 5.51
CA SER A 1 -8.03 10.52 4.25
C SER A 1 -6.65 10.80 3.65
N SER A 2 -5.65 10.88 4.49
CA SER A 2 -4.28 11.15 3.96
C SER A 2 -3.75 9.91 3.25
N ALA A 3 -4.61 9.00 2.90
CA ALA A 3 -4.13 7.78 2.20
C ALA A 3 -3.80 8.12 0.76
N LYS A 4 -4.46 9.08 0.20
CA LYS A 4 -4.15 9.48 -1.18
C LYS A 4 -2.91 10.38 -1.13
N ARG A 5 -2.77 11.12 -0.06
CA ARG A 5 -1.59 12.00 0.11
C ARG A 5 -0.35 11.13 0.30
N VAL A 6 -0.42 10.21 1.23
CA VAL A 6 0.74 9.33 1.49
C VAL A 6 1.03 8.55 0.21
N PHE A 7 -0.01 8.09 -0.43
CA PHE A 7 0.17 7.33 -1.70
C PHE A 7 0.87 8.26 -2.71
N GLU A 8 0.44 9.47 -2.86
CA GLU A 8 1.14 10.37 -3.81
C GLU A 8 2.64 10.32 -3.53
N LYS A 9 3.00 10.40 -2.28
CA LYS A 9 4.45 10.34 -1.90
C LYS A 9 5.05 9.02 -2.39
N PHE A 10 4.31 7.95 -2.31
CA PHE A 10 4.84 6.63 -2.75
C PHE A 10 4.54 6.42 -4.22
N ASP A 11 3.55 7.08 -4.76
CA ASP A 11 3.26 6.87 -6.20
C ASP A 11 4.55 7.06 -6.96
N LYS A 12 5.33 6.02 -6.95
CA LYS A 12 6.64 6.01 -7.63
C LYS A 12 6.42 5.72 -9.11
N ASN A 13 5.23 5.34 -9.45
CA ASN A 13 4.89 5.05 -10.88
C ASN A 13 3.80 6.03 -11.34
N LYS A 14 3.60 7.10 -10.59
CA LYS A 14 2.55 8.11 -10.96
C LYS A 14 1.48 7.38 -11.77
N ASP A 15 1.04 6.28 -11.23
CA ASP A 15 0.05 5.44 -11.93
C ASP A 15 -1.29 5.50 -11.23
N GLY A 16 -1.34 5.71 -9.94
CA GLY A 16 -2.66 5.69 -9.26
C GLY A 16 -2.79 4.32 -8.65
N LYS A 17 -1.68 3.64 -8.59
CA LYS A 17 -1.62 2.31 -7.98
C LYS A 17 -0.23 2.04 -7.44
N LEU A 18 -0.19 1.30 -6.40
CA LEU A 18 1.10 0.92 -5.77
C LEU A 18 1.31 -0.56 -5.85
N SER A 19 2.52 -0.93 -5.76
CA SER A 19 2.87 -2.36 -5.77
C SER A 19 3.23 -2.73 -4.35
N LEU A 20 3.06 -3.95 -3.97
CA LEU A 20 3.42 -4.32 -2.60
C LEU A 20 4.83 -3.81 -2.39
N ASP A 21 5.49 -3.64 -3.48
CA ASP A 21 6.86 -3.11 -3.46
C ASP A 21 6.82 -1.66 -2.95
N GLU A 22 5.91 -0.83 -3.44
CA GLU A 22 5.88 0.57 -2.96
C GLU A 22 5.31 0.59 -1.53
N PHE A 23 4.29 -0.21 -1.30
CA PHE A 23 3.69 -0.29 0.04
C PHE A 23 4.67 -1.01 0.98
N ARG A 24 5.57 -1.82 0.43
CA ARG A 24 6.59 -2.50 1.30
C ARG A 24 7.69 -1.50 1.59
N GLU A 25 7.91 -0.59 0.67
CA GLU A 25 8.91 0.47 0.90
C GLU A 25 8.25 1.40 1.90
N VAL A 26 6.97 1.53 1.72
CA VAL A 26 6.09 2.34 2.57
C VAL A 26 6.00 1.70 3.95
N ALA A 27 5.88 0.41 3.94
CA ALA A 27 5.74 -0.33 5.22
C ALA A 27 7.10 -0.46 5.89
N LEU A 28 8.11 -0.68 5.11
CA LEU A 28 9.48 -0.82 5.67
C LEU A 28 9.99 0.55 6.08
N ALA A 29 9.57 1.58 5.41
CA ALA A 29 10.04 2.95 5.74
C ALA A 29 9.33 3.51 7.00
N PHE A 30 8.03 3.63 6.96
CA PHE A 30 7.29 4.21 8.11
C PHE A 30 6.99 3.15 9.18
N SER A 31 6.50 2.00 8.77
CA SER A 31 6.18 0.94 9.77
C SER A 31 7.15 -0.23 9.60
N PRO A 32 8.39 -0.05 9.94
CA PRO A 32 9.43 -1.12 9.80
C PRO A 32 9.03 -2.40 10.54
N TYR A 33 8.14 -2.30 11.50
CA TYR A 33 7.73 -3.53 12.24
C TYR A 33 6.74 -4.32 11.38
N PHE A 34 6.26 -3.77 10.29
CA PHE A 34 5.31 -4.54 9.44
C PHE A 34 6.05 -5.72 8.86
N THR A 35 5.60 -6.88 9.17
CA THR A 35 6.29 -8.08 8.64
C THR A 35 5.89 -8.32 7.20
N GLN A 36 6.81 -8.74 6.42
CA GLN A 36 6.55 -9.00 5.01
C GLN A 36 5.33 -9.90 4.86
N GLU A 37 5.10 -10.74 5.83
CA GLU A 37 3.92 -11.64 5.74
C GLU A 37 2.67 -10.83 6.06
N ASP A 38 2.76 -9.90 6.97
CA ASP A 38 1.58 -9.06 7.30
C ASP A 38 1.34 -8.07 6.16
N ILE A 39 2.39 -7.53 5.59
CA ILE A 39 2.23 -6.57 4.47
C ILE A 39 1.71 -7.31 3.24
N VAL A 40 2.27 -8.44 2.96
CA VAL A 40 1.83 -9.22 1.78
C VAL A 40 0.50 -9.90 2.06
N LYS A 41 0.28 -10.40 3.24
CA LYS A 41 -1.04 -11.01 3.50
C LYS A 41 -2.06 -9.91 3.19
N PHE A 42 -1.92 -8.82 3.88
CA PHE A 42 -2.83 -7.67 3.69
C PHE A 42 -2.78 -7.12 2.26
N PHE A 43 -1.62 -6.88 1.72
CA PHE A 43 -1.54 -6.34 0.33
C PHE A 43 -2.15 -7.38 -0.61
N GLU A 44 -1.70 -8.59 -0.48
CA GLU A 44 -2.26 -9.68 -1.31
C GLU A 44 -3.78 -9.66 -1.09
N GLU A 45 -4.19 -9.36 0.11
CA GLU A 45 -5.64 -9.30 0.46
C GLU A 45 -6.27 -8.00 -0.04
N ILE A 46 -5.55 -6.91 0.01
CA ILE A 46 -6.14 -5.62 -0.43
C ILE A 46 -5.93 -5.44 -1.93
N ASP A 47 -4.84 -5.93 -2.45
CA ASP A 47 -4.62 -5.81 -3.92
C ASP A 47 -5.69 -6.70 -4.56
N VAL A 48 -6.91 -6.24 -4.61
CA VAL A 48 -8.03 -7.05 -5.17
C VAL A 48 -8.02 -7.13 -6.69
N ASP A 49 -7.44 -6.18 -7.32
CA ASP A 49 -7.48 -6.18 -8.80
C ASP A 49 -6.49 -7.20 -9.32
N GLY A 50 -5.60 -7.64 -8.48
CA GLY A 50 -4.63 -8.66 -8.90
C GLY A 50 -3.61 -8.11 -9.88
N ASN A 51 -3.57 -6.82 -10.10
CA ASN A 51 -2.55 -6.27 -11.03
C ASN A 51 -1.23 -6.24 -10.29
N GLY A 52 -1.25 -6.74 -9.07
CA GLY A 52 -0.01 -6.74 -8.26
C GLY A 52 0.24 -5.34 -7.70
N GLU A 53 -0.80 -4.54 -7.61
CA GLU A 53 -0.60 -3.15 -7.08
C GLU A 53 -1.83 -2.70 -6.30
N LEU A 54 -1.63 -1.76 -5.41
CA LEU A 54 -2.77 -1.23 -4.62
C LEU A 54 -3.52 -0.25 -5.49
N ASN A 55 -4.81 -0.36 -5.52
CA ASN A 55 -5.62 0.61 -6.34
C ASN A 55 -6.04 1.78 -5.46
N ALA A 56 -6.75 2.71 -6.03
CA ALA A 56 -7.19 3.91 -5.26
C ALA A 56 -8.15 3.54 -4.12
N ASP A 57 -9.29 2.95 -4.39
CA ASP A 57 -10.22 2.60 -3.28
C ASP A 57 -9.52 1.68 -2.26
N GLU A 58 -8.83 0.70 -2.74
CA GLU A 58 -8.13 -0.23 -1.80
C GLU A 58 -6.99 0.53 -1.15
N PHE A 59 -6.45 1.50 -1.84
CA PHE A 59 -5.33 2.31 -1.27
C PHE A 59 -5.78 2.87 0.07
N THR A 60 -6.97 3.40 0.12
CA THR A 60 -7.48 3.97 1.39
C THR A 60 -7.69 2.84 2.39
N SER A 61 -8.38 1.82 2.00
CA SER A 61 -8.58 0.68 2.93
C SER A 61 -7.21 0.10 3.28
N CYS A 62 -6.21 0.37 2.45
CA CYS A 62 -4.86 -0.12 2.77
C CYS A 62 -4.38 0.66 3.98
N ILE A 63 -4.67 1.92 3.99
CA ILE A 63 -4.28 2.74 5.15
C ILE A 63 -5.26 2.49 6.28
N GLU A 64 -6.53 2.29 5.99
CA GLU A 64 -7.47 2.03 7.10
C GLU A 64 -6.88 0.96 7.99
N LYS A 65 -6.04 0.09 7.46
CA LYS A 65 -5.41 -0.91 8.37
C LYS A 65 -4.86 -0.15 9.58
N MET A 66 -4.78 1.14 9.44
CA MET A 66 -4.30 2.02 10.52
C MET A 66 -4.90 3.39 10.20
N LEU A 67 -4.48 4.41 10.86
CA LEU A 67 -5.05 5.76 10.57
C LEU A 67 -6.58 5.70 10.67
N SER A 1 -8.58 9.33 4.02
CA SER A 1 -8.13 10.72 4.29
C SER A 1 -6.66 10.87 3.90
N SER A 2 -5.76 10.68 4.83
CA SER A 2 -4.31 10.81 4.50
C SER A 2 -3.85 9.59 3.74
N ALA A 3 -4.75 8.75 3.31
CA ALA A 3 -4.32 7.55 2.57
C ALA A 3 -3.92 7.92 1.16
N LYS A 4 -4.54 8.93 0.61
CA LYS A 4 -4.18 9.35 -0.77
C LYS A 4 -2.93 10.21 -0.67
N ARG A 5 -2.83 11.00 0.38
CA ARG A 5 -1.63 11.84 0.58
C ARG A 5 -0.41 10.95 0.69
N VAL A 6 -0.48 9.99 1.58
CA VAL A 6 0.65 9.06 1.78
C VAL A 6 0.93 8.32 0.47
N PHE A 7 -0.10 7.95 -0.23
CA PHE A 7 0.10 7.23 -1.52
C PHE A 7 0.78 8.19 -2.51
N GLU A 8 0.32 9.39 -2.66
CA GLU A 8 0.99 10.32 -3.61
C GLU A 8 2.49 10.30 -3.32
N LYS A 9 2.85 10.46 -2.08
CA LYS A 9 4.29 10.44 -1.70
C LYS A 9 4.93 9.15 -2.19
N PHE A 10 4.22 8.05 -2.11
CA PHE A 10 4.79 6.76 -2.58
C PHE A 10 4.49 6.55 -4.04
N ASP A 11 3.51 7.20 -4.60
CA ASP A 11 3.25 7.00 -6.03
C ASP A 11 4.56 7.25 -6.77
N LYS A 12 5.38 6.27 -6.74
CA LYS A 12 6.71 6.33 -7.39
C LYS A 12 6.55 6.03 -8.88
N ASN A 13 5.38 5.60 -9.25
CA ASN A 13 5.10 5.30 -10.67
C ASN A 13 3.97 6.23 -11.15
N LYS A 14 3.70 7.28 -10.40
CA LYS A 14 2.61 8.24 -10.80
C LYS A 14 1.58 7.45 -11.61
N ASP A 15 1.17 6.35 -11.07
CA ASP A 15 0.23 5.46 -11.77
C ASP A 15 -1.14 5.49 -11.13
N GLY A 16 -1.23 5.73 -9.84
CA GLY A 16 -2.57 5.70 -9.21
C GLY A 16 -2.69 4.33 -8.62
N LYS A 17 -1.57 3.65 -8.57
CA LYS A 17 -1.51 2.30 -7.98
C LYS A 17 -0.11 2.04 -7.44
N LEU A 18 -0.05 1.29 -6.39
CA LEU A 18 1.23 0.91 -5.78
C LEU A 18 1.41 -0.57 -5.84
N SER A 19 2.62 -1.00 -5.77
CA SER A 19 2.91 -2.43 -5.74
C SER A 19 3.27 -2.77 -4.32
N LEU A 20 3.10 -3.98 -3.91
CA LEU A 20 3.47 -4.30 -2.53
C LEU A 20 4.88 -3.80 -2.35
N ASP A 21 5.56 -3.72 -3.43
CA ASP A 21 6.94 -3.20 -3.43
C ASP A 21 6.93 -1.73 -2.98
N GLU A 22 6.06 -0.90 -3.52
CA GLU A 22 6.04 0.52 -3.09
C GLU A 22 5.51 0.58 -1.66
N PHE A 23 4.55 -0.24 -1.37
CA PHE A 23 3.97 -0.30 -0.02
C PHE A 23 4.99 -0.99 0.91
N ARG A 24 5.92 -1.76 0.36
CA ARG A 24 6.97 -2.43 1.21
C ARG A 24 8.02 -1.38 1.58
N GLU A 25 8.24 -0.46 0.68
CA GLU A 25 9.20 0.63 0.97
C GLU A 25 8.47 1.53 1.95
N VAL A 26 7.19 1.63 1.71
CA VAL A 26 6.26 2.41 2.55
C VAL A 26 6.19 1.79 3.94
N ALA A 27 6.08 0.51 3.96
CA ALA A 27 5.94 -0.22 5.24
C ALA A 27 7.30 -0.34 5.93
N LEU A 28 8.28 -0.74 5.21
CA LEU A 28 9.64 -0.90 5.80
C LEU A 28 10.19 0.48 6.19
N ALA A 29 9.81 1.51 5.47
CA ALA A 29 10.32 2.88 5.79
C ALA A 29 9.60 3.49 6.99
N PHE A 30 8.30 3.65 6.91
CA PHE A 30 7.56 4.28 8.04
C PHE A 30 7.14 3.25 9.08
N SER A 31 6.61 2.13 8.67
CA SER A 31 6.18 1.09 9.64
C SER A 31 7.09 -0.13 9.54
N PRO A 32 8.32 -0.01 9.97
CA PRO A 32 9.31 -1.13 9.91
C PRO A 32 8.87 -2.32 10.75
N TYR A 33 7.98 -2.13 11.70
CA TYR A 33 7.54 -3.26 12.54
C TYR A 33 6.54 -4.12 11.77
N PHE A 34 6.09 -3.67 10.63
CA PHE A 34 5.12 -4.49 9.85
C PHE A 34 5.83 -5.74 9.39
N THR A 35 5.26 -6.86 9.69
CA THR A 35 5.90 -8.10 9.26
C THR A 35 5.63 -8.30 7.79
N GLN A 36 6.59 -8.78 7.10
CA GLN A 36 6.43 -8.99 5.65
C GLN A 36 5.19 -9.83 5.38
N GLU A 37 4.84 -10.67 6.31
CA GLU A 37 3.64 -11.53 6.14
C GLU A 37 2.38 -10.68 6.32
N ASP A 38 2.40 -9.74 7.21
CA ASP A 38 1.20 -8.88 7.42
C ASP A 38 1.06 -7.91 6.24
N ILE A 39 2.16 -7.42 5.74
CA ILE A 39 2.11 -6.47 4.59
C ILE A 39 1.65 -7.22 3.34
N VAL A 40 2.26 -8.35 3.09
CA VAL A 40 1.91 -9.15 1.90
C VAL A 40 0.59 -9.86 2.11
N LYS A 41 0.32 -10.36 3.29
CA LYS A 41 -0.99 -11.02 3.47
C LYS A 41 -2.02 -9.95 3.16
N PHE A 42 -1.94 -8.86 3.86
CA PHE A 42 -2.89 -7.75 3.66
C PHE A 42 -2.79 -7.17 2.24
N PHE A 43 -1.61 -6.85 1.77
CA PHE A 43 -1.51 -6.30 0.39
C PHE A 43 -2.10 -7.33 -0.55
N GLU A 44 -1.67 -8.55 -0.41
CA GLU A 44 -2.22 -9.64 -1.25
C GLU A 44 -3.75 -9.61 -1.04
N GLU A 45 -4.17 -9.29 0.16
CA GLU A 45 -5.61 -9.22 0.49
C GLU A 45 -6.24 -7.93 -0.05
N ILE A 46 -5.53 -6.83 0.02
CA ILE A 46 -6.11 -5.54 -0.44
C ILE A 46 -5.89 -5.37 -1.94
N ASP A 47 -4.77 -5.78 -2.46
CA ASP A 47 -4.58 -5.67 -3.93
C ASP A 47 -5.61 -6.60 -4.55
N VAL A 48 -6.83 -6.15 -4.66
CA VAL A 48 -7.93 -7.02 -5.18
C VAL A 48 -7.93 -7.14 -6.69
N ASP A 49 -7.38 -6.19 -7.36
CA ASP A 49 -7.43 -6.23 -8.84
C ASP A 49 -6.41 -7.24 -9.34
N GLY A 50 -5.54 -7.64 -8.48
CA GLY A 50 -4.54 -8.67 -8.85
C GLY A 50 -3.49 -8.12 -9.82
N ASN A 51 -3.47 -6.84 -10.06
CA ASN A 51 -2.44 -6.30 -10.97
C ASN A 51 -1.15 -6.27 -10.18
N GLY A 52 -1.21 -6.72 -8.95
CA GLY A 52 0.00 -6.73 -8.09
C GLY A 52 0.24 -5.33 -7.55
N GLU A 53 -0.78 -4.51 -7.47
CA GLU A 53 -0.58 -3.11 -6.98
C GLU A 53 -1.78 -2.62 -6.19
N LEU A 54 -1.56 -1.68 -5.32
CA LEU A 54 -2.66 -1.12 -4.51
C LEU A 54 -3.44 -0.13 -5.35
N ASN A 55 -4.68 -0.41 -5.57
CA ASN A 55 -5.51 0.54 -6.38
C ASN A 55 -5.96 1.70 -5.50
N ALA A 56 -6.66 2.64 -6.10
CA ALA A 56 -7.12 3.84 -5.33
C ALA A 56 -8.10 3.46 -4.20
N ASP A 57 -9.21 2.83 -4.50
CA ASP A 57 -10.15 2.48 -3.39
C ASP A 57 -9.46 1.56 -2.38
N GLU A 58 -8.72 0.60 -2.86
CA GLU A 58 -8.01 -0.32 -1.93
C GLU A 58 -6.92 0.47 -1.23
N PHE A 59 -6.39 1.45 -1.91
CA PHE A 59 -5.31 2.29 -1.30
C PHE A 59 -5.81 2.86 0.02
N THR A 60 -7.02 3.33 0.03
CA THR A 60 -7.56 3.92 1.28
C THR A 60 -7.76 2.81 2.30
N SER A 61 -8.39 1.74 1.90
CA SER A 61 -8.56 0.62 2.85
C SER A 61 -7.18 0.04 3.14
N CYS A 62 -6.23 0.31 2.28
CA CYS A 62 -4.85 -0.20 2.50
C CYS A 62 -4.23 0.60 3.62
N ILE A 63 -4.55 1.87 3.70
CA ILE A 63 -3.98 2.70 4.77
C ILE A 63 -4.89 2.66 5.98
N GLU A 64 -6.18 2.55 5.80
CA GLU A 64 -7.05 2.50 6.98
C GLU A 64 -6.71 1.27 7.80
N LYS A 65 -6.08 0.26 7.22
CA LYS A 65 -5.72 -0.89 8.07
C LYS A 65 -4.52 -0.48 8.94
N MET A 66 -3.73 0.44 8.45
CA MET A 66 -2.53 0.89 9.20
C MET A 66 -2.75 2.30 9.78
N LEU A 67 -3.64 3.08 9.23
CA LEU A 67 -3.85 4.46 9.78
C LEU A 67 -5.28 4.91 9.45
N SER A 1 -7.58 8.10 5.91
CA SER A 1 -7.27 9.55 5.74
C SER A 1 -5.82 9.71 5.29
N SER A 2 -5.52 10.77 4.59
CA SER A 2 -4.13 10.99 4.12
C SER A 2 -3.64 9.75 3.39
N ALA A 3 -4.52 8.88 3.01
CA ALA A 3 -4.09 7.64 2.31
C ALA A 3 -3.74 7.97 0.87
N LYS A 4 -4.38 8.94 0.30
CA LYS A 4 -4.06 9.32 -1.09
C LYS A 4 -2.81 10.19 -1.05
N ARG A 5 -2.68 10.98 -0.01
CA ARG A 5 -1.49 11.85 0.15
C ARG A 5 -0.26 10.97 0.34
N VAL A 6 -0.33 10.07 1.28
CA VAL A 6 0.82 9.17 1.54
C VAL A 6 1.11 8.38 0.26
N PHE A 7 0.07 7.97 -0.41
CA PHE A 7 0.26 7.22 -1.68
C PHE A 7 0.98 8.14 -2.69
N GLU A 8 0.54 9.36 -2.82
CA GLU A 8 1.23 10.27 -3.79
C GLU A 8 2.73 10.21 -3.51
N LYS A 9 3.12 10.41 -2.29
CA LYS A 9 4.57 10.37 -1.94
C LYS A 9 5.16 9.03 -2.40
N PHE A 10 4.43 7.97 -2.29
CA PHE A 10 4.95 6.64 -2.71
C PHE A 10 4.65 6.40 -4.18
N ASP A 11 3.69 7.08 -4.75
CA ASP A 11 3.42 6.85 -6.19
C ASP A 11 4.73 7.03 -6.92
N LYS A 12 5.52 6.00 -6.88
CA LYS A 12 6.85 5.98 -7.52
C LYS A 12 6.66 5.65 -9.00
N ASN A 13 5.46 5.28 -9.35
CA ASN A 13 5.13 4.96 -10.77
C ASN A 13 4.06 5.95 -11.26
N LYS A 14 3.86 7.02 -10.53
CA LYS A 14 2.83 8.03 -10.92
C LYS A 14 1.76 7.33 -11.76
N ASP A 15 1.30 6.23 -11.23
CA ASP A 15 0.32 5.42 -11.96
C ASP A 15 -1.05 5.49 -11.30
N GLY A 16 -1.12 5.68 -10.00
CA GLY A 16 -2.45 5.68 -9.36
C GLY A 16 -2.59 4.31 -8.74
N LYS A 17 -1.48 3.62 -8.68
CA LYS A 17 -1.45 2.28 -8.07
C LYS A 17 -0.07 1.99 -7.53
N LEU A 18 -0.03 1.25 -6.48
CA LEU A 18 1.25 0.86 -5.86
C LEU A 18 1.41 -0.63 -5.89
N SER A 19 2.62 -1.07 -5.80
CA SER A 19 2.89 -2.51 -5.77
C SER A 19 3.25 -2.87 -4.33
N LEU A 20 3.03 -4.08 -3.94
CA LEU A 20 3.39 -4.44 -2.56
C LEU A 20 4.82 -4.00 -2.35
N ASP A 21 5.47 -3.85 -3.44
CA ASP A 21 6.87 -3.37 -3.42
C ASP A 21 6.85 -1.90 -2.94
N GLU A 22 5.98 -1.06 -3.46
CA GLU A 22 5.96 0.35 -2.99
C GLU A 22 5.39 0.41 -1.57
N PHE A 23 4.35 -0.33 -1.31
CA PHE A 23 3.77 -0.33 0.05
C PHE A 23 4.71 -1.08 1.00
N ARG A 24 5.56 -1.94 0.49
CA ARG A 24 6.53 -2.67 1.37
C ARG A 24 7.69 -1.73 1.66
N GLU A 25 7.97 -0.85 0.74
CA GLU A 25 9.04 0.16 0.98
C GLU A 25 8.39 1.17 1.93
N VAL A 26 7.14 1.37 1.69
CA VAL A 26 6.27 2.27 2.52
C VAL A 26 6.15 1.70 3.92
N ALA A 27 5.94 0.42 3.98
CA ALA A 27 5.74 -0.25 5.27
C ALA A 27 7.08 -0.46 5.97
N LEU A 28 8.08 -0.82 5.23
CA LEU A 28 9.42 -1.04 5.83
C LEU A 28 10.03 0.31 6.19
N ALA A 29 9.72 1.34 5.46
CA ALA A 29 10.30 2.67 5.74
C ALA A 29 9.61 3.33 6.95
N PHE A 30 8.32 3.55 6.88
CA PHE A 30 7.59 4.21 7.99
C PHE A 30 7.29 3.23 9.12
N SER A 31 6.78 2.08 8.80
CA SER A 31 6.45 1.07 9.85
C SER A 31 7.35 -0.15 9.68
N PRO A 32 8.63 -0.01 9.96
CA PRO A 32 9.60 -1.13 9.82
C PRO A 32 9.18 -2.36 10.62
N TYR A 33 8.32 -2.20 11.58
CA TYR A 33 7.88 -3.38 12.38
C TYR A 33 6.87 -4.20 11.58
N PHE A 34 6.39 -3.70 10.47
CA PHE A 34 5.42 -4.49 9.68
C PHE A 34 6.10 -5.73 9.16
N THR A 35 5.57 -6.86 9.48
CA THR A 35 6.20 -8.10 8.99
C THR A 35 5.80 -8.32 7.55
N GLN A 36 6.72 -8.78 6.78
CA GLN A 36 6.45 -9.01 5.36
C GLN A 36 5.21 -9.88 5.20
N GLU A 37 4.93 -10.71 6.17
CA GLU A 37 3.71 -11.58 6.07
C GLU A 37 2.48 -10.71 6.35
N ASP A 38 2.58 -9.77 7.24
CA ASP A 38 1.42 -8.90 7.53
C ASP A 38 1.24 -7.91 6.37
N ILE A 39 2.33 -7.43 5.82
CA ILE A 39 2.24 -6.47 4.68
C ILE A 39 1.67 -7.19 3.45
N VAL A 40 2.16 -8.36 3.20
CA VAL A 40 1.71 -9.13 2.02
C VAL A 40 0.33 -9.72 2.28
N LYS A 41 0.06 -10.16 3.47
CA LYS A 41 -1.31 -10.70 3.71
C LYS A 41 -2.26 -9.56 3.41
N PHE A 42 -2.07 -8.47 4.08
CA PHE A 42 -2.91 -7.27 3.90
C PHE A 42 -2.83 -6.77 2.45
N PHE A 43 -1.66 -6.61 1.89
CA PHE A 43 -1.57 -6.13 0.48
C PHE A 43 -2.18 -7.17 -0.46
N GLU A 44 -1.75 -8.39 -0.30
CA GLU A 44 -2.31 -9.48 -1.16
C GLU A 44 -3.83 -9.49 -0.95
N GLU A 45 -4.25 -9.14 0.23
CA GLU A 45 -5.69 -9.10 0.57
C GLU A 45 -6.33 -7.84 -0.01
N ILE A 46 -5.59 -6.76 -0.04
CA ILE A 46 -6.17 -5.48 -0.53
C ILE A 46 -5.95 -5.35 -2.05
N ASP A 47 -4.88 -5.88 -2.57
CA ASP A 47 -4.68 -5.81 -4.04
C ASP A 47 -5.75 -6.72 -4.63
N VAL A 48 -6.96 -6.22 -4.72
CA VAL A 48 -8.11 -7.05 -5.21
C VAL A 48 -8.16 -7.19 -6.72
N ASP A 49 -7.65 -6.25 -7.43
CA ASP A 49 -7.77 -6.32 -8.92
C ASP A 49 -6.77 -7.33 -9.43
N GLY A 50 -5.84 -7.71 -8.61
CA GLY A 50 -4.85 -8.73 -9.01
C GLY A 50 -3.79 -8.14 -9.94
N ASN A 51 -3.71 -6.86 -10.09
CA ASN A 51 -2.66 -6.27 -10.96
C ASN A 51 -1.36 -6.30 -10.17
N GLY A 52 -1.44 -6.75 -8.95
CA GLY A 52 -0.23 -6.81 -8.10
C GLY A 52 0.08 -5.41 -7.58
N GLU A 53 -0.90 -4.54 -7.52
CA GLU A 53 -0.64 -3.16 -7.05
C GLU A 53 -1.83 -2.62 -6.27
N LEU A 54 -1.59 -1.66 -5.41
CA LEU A 54 -2.69 -1.07 -4.62
C LEU A 54 -3.44 -0.07 -5.47
N ASN A 55 -4.68 -0.32 -5.70
CA ASN A 55 -5.49 0.61 -6.52
C ASN A 55 -5.93 1.79 -5.65
N ALA A 56 -6.62 2.72 -6.22
CA ALA A 56 -7.07 3.93 -5.45
C ALA A 56 -8.07 3.56 -4.34
N ASP A 57 -9.20 2.98 -4.65
CA ASP A 57 -10.16 2.63 -3.56
C ASP A 57 -9.48 1.69 -2.56
N GLU A 58 -8.77 0.72 -3.03
CA GLU A 58 -8.08 -0.22 -2.11
C GLU A 58 -6.96 0.54 -1.41
N PHE A 59 -6.41 1.52 -2.07
CA PHE A 59 -5.33 2.32 -1.46
C PHE A 59 -5.81 2.86 -0.12
N THR A 60 -7.01 3.37 -0.08
CA THR A 60 -7.54 3.92 1.19
C THR A 60 -7.74 2.76 2.16
N SER A 61 -8.42 1.73 1.73
CA SER A 61 -8.60 0.56 2.62
C SER A 61 -7.21 -0.01 2.91
N CYS A 62 -6.25 0.36 2.09
CA CYS A 62 -4.86 -0.08 2.33
C CYS A 62 -4.40 0.56 3.62
N ILE A 63 -4.70 1.82 3.76
CA ILE A 63 -4.31 2.52 4.99
C ILE A 63 -5.31 2.21 6.08
N GLU A 64 -6.58 2.03 5.78
CA GLU A 64 -7.53 1.70 6.86
C GLU A 64 -6.97 0.54 7.66
N LYS A 65 -6.11 -0.26 7.06
CA LYS A 65 -5.50 -1.35 7.87
C LYS A 65 -4.87 -0.69 9.11
N MET A 66 -4.83 0.61 9.09
CA MET A 66 -4.30 1.42 10.21
C MET A 66 -4.87 2.82 9.98
N LEU A 67 -4.44 3.79 10.70
CA LEU A 67 -4.98 5.17 10.50
C LEU A 67 -6.52 5.11 10.47
N SER A 1 -7.15 8.64 7.32
CA SER A 1 -7.24 9.59 6.19
C SER A 1 -5.85 9.77 5.56
N SER A 2 -5.69 10.78 4.74
CA SER A 2 -4.36 11.00 4.10
C SER A 2 -3.89 9.71 3.43
N ALA A 3 -4.79 8.83 3.10
CA ALA A 3 -4.35 7.58 2.45
C ALA A 3 -3.99 7.85 1.00
N LYS A 4 -4.67 8.78 0.38
CA LYS A 4 -4.34 9.12 -1.02
C LYS A 4 -3.10 10.03 -1.00
N ARG A 5 -3.03 10.88 0.00
CA ARG A 5 -1.84 11.77 0.13
C ARG A 5 -0.59 10.92 0.31
N VAL A 6 -0.64 10.01 1.25
CA VAL A 6 0.53 9.14 1.50
C VAL A 6 0.84 8.37 0.22
N PHE A 7 -0.19 7.95 -0.46
CA PHE A 7 0.03 7.23 -1.74
C PHE A 7 0.74 8.17 -2.71
N GLU A 8 0.29 9.38 -2.85
CA GLU A 8 1.00 10.31 -3.79
C GLU A 8 2.50 10.27 -3.47
N LYS A 9 2.84 10.39 -2.23
CA LYS A 9 4.28 10.36 -1.85
C LYS A 9 4.92 9.05 -2.35
N PHE A 10 4.19 7.96 -2.30
CA PHE A 10 4.76 6.66 -2.75
C PHE A 10 4.51 6.44 -4.23
N ASP A 11 3.59 7.14 -4.85
CA ASP A 11 3.37 6.91 -6.29
C ASP A 11 4.72 6.96 -7.00
N LYS A 12 5.44 5.89 -6.88
CA LYS A 12 6.77 5.78 -7.52
C LYS A 12 6.57 5.38 -8.97
N ASN A 13 5.36 5.02 -9.29
CA ASN A 13 5.01 4.64 -10.70
C ASN A 13 3.96 5.65 -11.23
N LYS A 14 3.77 6.74 -10.53
CA LYS A 14 2.77 7.76 -10.96
C LYS A 14 1.69 7.06 -11.78
N ASP A 15 1.17 6.01 -11.21
CA ASP A 15 0.16 5.20 -11.92
C ASP A 15 -1.19 5.31 -11.25
N GLY A 16 -1.26 5.55 -9.97
CA GLY A 16 -2.60 5.58 -9.32
C GLY A 16 -2.75 4.21 -8.69
N LYS A 17 -1.64 3.52 -8.63
CA LYS A 17 -1.60 2.19 -8.01
C LYS A 17 -0.21 1.93 -7.47
N LEU A 18 -0.17 1.19 -6.41
CA LEU A 18 1.11 0.83 -5.78
C LEU A 18 1.32 -0.66 -5.83
N SER A 19 2.53 -1.04 -5.73
CA SER A 19 2.85 -2.47 -5.71
C SER A 19 3.21 -2.81 -4.27
N LEU A 20 3.01 -4.01 -3.86
CA LEU A 20 3.35 -4.34 -2.47
C LEU A 20 4.76 -3.85 -2.25
N ASP A 21 5.43 -3.69 -3.34
CA ASP A 21 6.81 -3.17 -3.30
C ASP A 21 6.80 -1.68 -2.90
N GLU A 22 5.94 -0.86 -3.48
CA GLU A 22 5.94 0.57 -3.06
C GLU A 22 5.41 0.63 -1.64
N PHE A 23 4.42 -0.17 -1.37
CA PHE A 23 3.84 -0.25 -0.04
C PHE A 23 4.83 -0.94 0.91
N ARG A 24 5.76 -1.73 0.39
CA ARG A 24 6.76 -2.38 1.28
C ARG A 24 7.84 -1.36 1.61
N GLU A 25 8.06 -0.43 0.73
CA GLU A 25 9.03 0.64 1.02
C GLU A 25 8.31 1.54 2.00
N VAL A 26 7.05 1.68 1.74
CA VAL A 26 6.11 2.47 2.58
C VAL A 26 6.02 1.84 3.97
N ALA A 27 5.90 0.55 3.98
CA ALA A 27 5.75 -0.18 5.25
C ALA A 27 7.10 -0.32 5.95
N LEU A 28 8.11 -0.64 5.20
CA LEU A 28 9.46 -0.79 5.79
C LEU A 28 10.01 0.58 6.17
N ALA A 29 9.67 1.61 5.43
CA ALA A 29 10.18 2.96 5.74
C ALA A 29 9.43 3.61 6.92
N PHE A 30 8.15 3.80 6.78
CA PHE A 30 7.35 4.48 7.86
C PHE A 30 7.28 3.61 9.12
N SER A 31 6.89 2.38 8.98
CA SER A 31 6.79 1.49 10.17
C SER A 31 7.47 0.15 9.86
N PRO A 32 8.73 0.02 10.17
CA PRO A 32 9.49 -1.22 9.89
C PRO A 32 8.99 -2.42 10.71
N TYR A 33 8.10 -2.19 11.64
CA TYR A 33 7.57 -3.32 12.45
C TYR A 33 6.56 -4.12 11.63
N PHE A 34 6.15 -3.62 10.50
CA PHE A 34 5.16 -4.38 9.68
C PHE A 34 5.81 -5.65 9.21
N THR A 35 5.22 -6.75 9.53
CA THR A 35 5.82 -8.00 9.08
C THR A 35 5.47 -8.22 7.63
N GLN A 36 6.39 -8.73 6.90
CA GLN A 36 6.16 -8.95 5.46
C GLN A 36 4.92 -9.81 5.27
N GLU A 37 4.60 -10.62 6.24
CA GLU A 37 3.39 -11.48 6.12
C GLU A 37 2.13 -10.64 6.34
N ASP A 38 2.19 -9.68 7.23
CA ASP A 38 1.00 -8.82 7.47
C ASP A 38 0.82 -7.86 6.29
N ILE A 39 1.90 -7.39 5.74
CA ILE A 39 1.82 -6.45 4.58
C ILE A 39 1.37 -7.21 3.34
N VAL A 40 1.95 -8.36 3.12
CA VAL A 40 1.59 -9.16 1.92
C VAL A 40 0.24 -9.82 2.13
N LYS A 41 -0.04 -10.30 3.30
CA LYS A 41 -1.38 -10.91 3.50
C LYS A 41 -2.38 -9.80 3.22
N PHE A 42 -2.27 -8.72 3.92
CA PHE A 42 -3.19 -7.58 3.72
C PHE A 42 -3.07 -7.03 2.29
N PHE A 43 -1.88 -6.80 1.80
CA PHE A 43 -1.74 -6.27 0.41
C PHE A 43 -2.33 -7.30 -0.56
N GLU A 44 -1.91 -8.51 -0.42
CA GLU A 44 -2.45 -9.58 -1.29
C GLU A 44 -3.97 -9.55 -1.14
N GLU A 45 -4.43 -9.27 0.05
CA GLU A 45 -5.87 -9.19 0.33
C GLU A 45 -6.46 -7.87 -0.17
N ILE A 46 -5.69 -6.82 -0.09
CA ILE A 46 -6.23 -5.50 -0.53
C ILE A 46 -6.01 -5.33 -2.03
N ASP A 47 -4.92 -5.78 -2.57
CA ASP A 47 -4.74 -5.67 -4.04
C ASP A 47 -5.80 -6.57 -4.65
N VAL A 48 -7.01 -6.09 -4.75
CA VAL A 48 -8.13 -6.91 -5.27
C VAL A 48 -8.12 -7.05 -6.78
N ASP A 49 -7.52 -6.14 -7.45
CA ASP A 49 -7.55 -6.19 -8.92
C ASP A 49 -6.57 -7.24 -9.40
N GLY A 50 -5.71 -7.68 -8.54
CA GLY A 50 -4.74 -8.73 -8.90
C GLY A 50 -3.67 -8.22 -9.85
N ASN A 51 -3.58 -6.95 -10.07
CA ASN A 51 -2.51 -6.44 -10.97
C ASN A 51 -1.22 -6.41 -10.16
N GLY A 52 -1.31 -6.85 -8.94
CA GLY A 52 -0.10 -6.86 -8.06
C GLY A 52 0.14 -5.45 -7.53
N GLU A 53 -0.87 -4.63 -7.48
CA GLU A 53 -0.66 -3.23 -7.00
C GLU A 53 -1.88 -2.72 -6.24
N LEU A 54 -1.67 -1.77 -5.36
CA LEU A 54 -2.79 -1.21 -4.58
C LEU A 54 -3.56 -0.20 -5.42
N ASN A 55 -4.79 -0.46 -5.63
CA ASN A 55 -5.61 0.49 -6.44
C ASN A 55 -6.04 1.67 -5.55
N ALA A 56 -6.70 2.62 -6.12
CA ALA A 56 -7.13 3.83 -5.35
C ALA A 56 -8.09 3.45 -4.21
N ASP A 57 -9.22 2.86 -4.48
CA ASP A 57 -10.15 2.51 -3.35
C ASP A 57 -9.45 1.57 -2.37
N GLU A 58 -8.70 0.64 -2.87
CA GLU A 58 -7.99 -0.30 -1.96
C GLU A 58 -6.89 0.47 -1.26
N PHE A 59 -6.37 1.49 -1.90
CA PHE A 59 -5.32 2.31 -1.27
C PHE A 59 -5.84 2.83 0.06
N THR A 60 -7.06 3.31 0.06
CA THR A 60 -7.64 3.83 1.33
C THR A 60 -7.74 2.68 2.31
N SER A 61 -8.20 1.56 1.86
CA SER A 61 -8.28 0.38 2.77
C SER A 61 -6.86 -0.15 3.01
N CYS A 62 -5.94 0.23 2.16
CA CYS A 62 -4.53 -0.20 2.37
C CYS A 62 -3.99 0.56 3.57
N ILE A 63 -4.21 1.83 3.59
CA ILE A 63 -3.75 2.62 4.75
C ILE A 63 -4.71 2.35 5.90
N GLU A 64 -5.98 2.14 5.64
CA GLU A 64 -6.91 1.85 6.75
C GLU A 64 -6.31 0.72 7.57
N LYS A 65 -5.45 -0.09 6.98
CA LYS A 65 -4.80 -1.15 7.80
C LYS A 65 -4.28 -0.49 9.09
N MET A 66 -4.25 0.81 9.05
CA MET A 66 -3.81 1.63 10.19
C MET A 66 -4.34 3.03 9.90
N LEU A 67 -3.91 4.02 10.61
CA LEU A 67 -4.40 5.40 10.35
C LEU A 67 -5.93 5.43 10.49
N SER A 1 -8.79 11.61 4.51
CA SER A 1 -7.84 10.51 4.85
C SER A 1 -6.47 10.80 4.22
N SER A 2 -5.41 10.63 4.97
CA SER A 2 -4.06 10.90 4.42
C SER A 2 -3.59 9.69 3.62
N ALA A 3 -4.49 8.85 3.19
CA ALA A 3 -4.06 7.66 2.42
C ALA A 3 -3.76 8.04 0.98
N LYS A 4 -4.43 9.03 0.46
CA LYS A 4 -4.14 9.45 -0.93
C LYS A 4 -2.87 10.29 -0.91
N ARG A 5 -2.71 11.07 0.13
CA ARG A 5 -1.49 11.92 0.25
C ARG A 5 -0.28 11.00 0.39
N VAL A 6 -0.35 10.08 1.30
CA VAL A 6 0.81 9.15 1.50
C VAL A 6 1.05 8.41 0.18
N PHE A 7 -0.02 8.02 -0.47
CA PHE A 7 0.14 7.32 -1.77
C PHE A 7 0.84 8.28 -2.75
N GLU A 8 0.39 9.49 -2.87
CA GLU A 8 1.07 10.42 -3.80
C GLU A 8 2.57 10.37 -3.52
N LYS A 9 2.93 10.47 -2.28
CA LYS A 9 4.37 10.43 -1.91
C LYS A 9 5.03 9.17 -2.51
N PHE A 10 4.36 8.04 -2.46
CA PHE A 10 4.99 6.80 -3.02
C PHE A 10 4.62 6.56 -4.46
N ASP A 11 3.62 7.23 -5.00
CA ASP A 11 3.31 6.98 -6.42
C ASP A 11 4.63 7.05 -7.19
N LYS A 12 5.36 5.99 -7.08
CA LYS A 12 6.67 5.89 -7.75
C LYS A 12 6.44 5.49 -9.20
N ASN A 13 5.22 5.14 -9.50
CA ASN A 13 4.87 4.79 -10.91
C ASN A 13 3.80 5.78 -11.40
N LYS A 14 3.62 6.88 -10.69
CA LYS A 14 2.60 7.90 -11.08
C LYS A 14 1.52 7.18 -11.88
N ASP A 15 1.05 6.10 -11.32
CA ASP A 15 0.05 5.27 -12.02
C ASP A 15 -1.30 5.35 -11.33
N GLY A 16 -1.35 5.57 -10.04
CA GLY A 16 -2.67 5.57 -9.37
C GLY A 16 -2.79 4.22 -8.71
N LYS A 17 -1.67 3.55 -8.65
CA LYS A 17 -1.62 2.23 -8.00
C LYS A 17 -0.22 1.97 -7.46
N LEU A 18 -0.17 1.27 -6.38
CA LEU A 18 1.11 0.90 -5.77
C LEU A 18 1.31 -0.58 -5.78
N SER A 19 2.51 -0.99 -5.70
CA SER A 19 2.82 -2.42 -5.65
C SER A 19 3.17 -2.74 -4.22
N LEU A 20 2.96 -3.94 -3.79
CA LEU A 20 3.31 -4.26 -2.41
C LEU A 20 4.72 -3.78 -2.19
N ASP A 21 5.39 -3.63 -3.26
CA ASP A 21 6.78 -3.11 -3.23
C ASP A 21 6.74 -1.64 -2.78
N GLU A 22 5.88 -0.82 -3.35
CA GLU A 22 5.84 0.60 -2.90
C GLU A 22 5.29 0.65 -1.49
N PHE A 23 4.29 -0.14 -1.24
CA PHE A 23 3.69 -0.21 0.10
C PHE A 23 4.71 -0.87 1.05
N ARG A 24 5.66 -1.62 0.51
CA ARG A 24 6.70 -2.23 1.39
C ARG A 24 7.73 -1.16 1.72
N GLU A 25 7.87 -0.20 0.85
CA GLU A 25 8.78 0.93 1.14
C GLU A 25 8.02 1.77 2.14
N VAL A 26 6.76 1.90 1.87
CA VAL A 26 5.80 2.62 2.72
C VAL A 26 5.78 2.00 4.11
N ALA A 27 5.72 0.71 4.12
CA ALA A 27 5.64 -0.04 5.40
C ALA A 27 7.03 -0.13 6.05
N LEU A 28 8.01 -0.48 5.28
CA LEU A 28 9.38 -0.60 5.85
C LEU A 28 9.88 0.78 6.27
N ALA A 29 9.46 1.81 5.58
CA ALA A 29 9.93 3.19 5.92
C ALA A 29 9.22 3.75 7.16
N PHE A 30 7.92 3.88 7.12
CA PHE A 30 7.18 4.46 8.28
C PHE A 30 6.86 3.40 9.32
N SER A 31 6.35 2.27 8.92
CA SER A 31 6.00 1.21 9.91
C SER A 31 6.94 0.01 9.72
N PRO A 32 8.18 0.15 10.09
CA PRO A 32 9.18 -0.94 9.93
C PRO A 32 8.80 -2.19 10.73
N TYR A 33 7.95 -2.06 11.72
CA TYR A 33 7.56 -3.24 12.52
C TYR A 33 6.60 -4.12 11.72
N PHE A 34 6.06 -3.64 10.63
CA PHE A 34 5.13 -4.48 9.84
C PHE A 34 5.91 -5.65 9.27
N THR A 35 5.48 -6.82 9.57
CA THR A 35 6.18 -7.99 9.04
C THR A 35 5.78 -8.20 7.60
N GLN A 36 6.70 -8.58 6.80
CA GLN A 36 6.42 -8.79 5.37
C GLN A 36 5.21 -9.70 5.20
N GLU A 37 4.95 -10.54 6.16
CA GLU A 37 3.78 -11.46 6.05
C GLU A 37 2.48 -10.67 6.29
N ASP A 38 2.47 -9.77 7.22
CA ASP A 38 1.22 -8.98 7.46
C ASP A 38 1.02 -7.99 6.31
N ILE A 39 2.10 -7.47 5.78
CA ILE A 39 1.98 -6.49 4.66
C ILE A 39 1.52 -7.22 3.40
N VAL A 40 2.10 -8.35 3.14
CA VAL A 40 1.72 -9.14 1.94
C VAL A 40 0.39 -9.83 2.19
N LYS A 41 0.16 -10.33 3.37
CA LYS A 41 -1.16 -10.96 3.60
C LYS A 41 -2.19 -9.90 3.30
N PHE A 42 -2.08 -8.80 3.98
CA PHE A 42 -3.03 -7.68 3.80
C PHE A 42 -2.95 -7.11 2.38
N PHE A 43 -1.77 -6.81 1.88
CA PHE A 43 -1.68 -6.26 0.49
C PHE A 43 -2.29 -7.28 -0.45
N GLU A 44 -1.84 -8.50 -0.33
CA GLU A 44 -2.42 -9.57 -1.16
C GLU A 44 -3.93 -9.54 -0.96
N GLU A 45 -4.34 -9.20 0.24
CA GLU A 45 -5.79 -9.11 0.58
C GLU A 45 -6.41 -7.83 0.03
N ILE A 46 -5.67 -6.75 0.04
CA ILE A 46 -6.24 -5.46 -0.44
C ILE A 46 -6.02 -5.31 -1.94
N ASP A 47 -4.93 -5.80 -2.47
CA ASP A 47 -4.75 -5.70 -3.95
C ASP A 47 -5.82 -6.61 -4.55
N VAL A 48 -7.03 -6.13 -4.62
CA VAL A 48 -8.15 -6.97 -5.13
C VAL A 48 -8.19 -7.10 -6.64
N ASP A 49 -7.63 -6.17 -7.32
CA ASP A 49 -7.72 -6.21 -8.80
C ASP A 49 -6.73 -7.23 -9.31
N GLY A 50 -5.84 -7.66 -8.46
CA GLY A 50 -4.87 -8.70 -8.86
C GLY A 50 -3.81 -8.15 -9.81
N ASN A 51 -3.73 -6.87 -9.98
CA ASN A 51 -2.68 -6.32 -10.86
C ASN A 51 -1.38 -6.32 -10.07
N GLY A 52 -1.47 -6.76 -8.84
CA GLY A 52 -0.26 -6.81 -7.98
C GLY A 52 0.04 -5.41 -7.46
N GLU A 53 -0.97 -4.56 -7.39
CA GLU A 53 -0.72 -3.16 -6.92
C GLU A 53 -1.93 -2.63 -6.14
N LEU A 54 -1.69 -1.67 -5.29
CA LEU A 54 -2.79 -1.09 -4.50
C LEU A 54 -3.56 -0.09 -5.36
N ASN A 55 -4.80 -0.36 -5.56
CA ASN A 55 -5.63 0.57 -6.39
C ASN A 55 -6.06 1.76 -5.53
N ALA A 56 -6.76 2.68 -6.13
CA ALA A 56 -7.21 3.89 -5.36
C ALA A 56 -8.19 3.54 -4.23
N ASP A 57 -9.31 2.94 -4.51
CA ASP A 57 -10.25 2.61 -3.39
C ASP A 57 -9.55 1.69 -2.39
N GLU A 58 -8.84 0.71 -2.88
CA GLU A 58 -8.13 -0.22 -1.96
C GLU A 58 -7.02 0.57 -1.27
N PHE A 59 -6.49 1.55 -1.94
CA PHE A 59 -5.41 2.38 -1.35
C PHE A 59 -5.88 2.93 -0.01
N THR A 60 -7.07 3.47 0.03
CA THR A 60 -7.58 4.03 1.30
C THR A 60 -7.75 2.89 2.29
N SER A 61 -8.38 1.84 1.86
CA SER A 61 -8.54 0.68 2.77
C SER A 61 -7.16 0.06 3.01
N CYS A 62 -6.22 0.37 2.15
CA CYS A 62 -4.84 -0.14 2.35
C CYS A 62 -4.30 0.51 3.60
N ILE A 63 -4.60 1.75 3.78
CA ILE A 63 -4.14 2.44 4.99
C ILE A 63 -5.08 2.09 6.13
N GLU A 64 -6.35 1.86 5.87
CA GLU A 64 -7.26 1.50 6.98
C GLU A 64 -6.65 0.32 7.72
N LYS A 65 -5.80 -0.45 7.08
CA LYS A 65 -5.16 -1.57 7.84
C LYS A 65 -4.49 -0.92 9.07
N MET A 66 -4.49 0.39 9.08
CA MET A 66 -3.94 1.19 10.18
C MET A 66 -4.52 2.59 9.98
N LEU A 67 -4.11 3.55 10.71
CA LEU A 67 -4.68 4.92 10.54
C LEU A 67 -6.21 4.84 10.57
N SER A 1 -7.80 10.57 6.59
CA SER A 1 -7.34 9.40 5.81
C SER A 1 -5.91 9.64 5.31
N SER A 2 -5.68 10.73 4.64
CA SER A 2 -4.30 11.02 4.14
C SER A 2 -3.75 9.79 3.42
N ALA A 3 -4.59 8.85 3.09
CA ALA A 3 -4.09 7.63 2.41
C ALA A 3 -3.77 7.97 0.95
N LYS A 4 -4.46 8.91 0.38
CA LYS A 4 -4.16 9.28 -1.03
C LYS A 4 -2.93 10.19 -1.00
N ARG A 5 -2.84 11.03 0.00
CA ARG A 5 -1.66 11.93 0.12
C ARG A 5 -0.41 11.08 0.32
N VAL A 6 -0.45 10.19 1.27
CA VAL A 6 0.73 9.31 1.53
C VAL A 6 1.01 8.53 0.25
N PHE A 7 -0.02 8.13 -0.44
CA PHE A 7 0.18 7.39 -1.72
C PHE A 7 0.95 8.31 -2.67
N GLU A 8 0.55 9.54 -2.80
CA GLU A 8 1.31 10.45 -3.71
C GLU A 8 2.80 10.35 -3.37
N LYS A 9 3.13 10.44 -2.11
CA LYS A 9 4.55 10.35 -1.71
C LYS A 9 5.15 9.03 -2.23
N PHE A 10 4.39 7.98 -2.21
CA PHE A 10 4.90 6.67 -2.69
C PHE A 10 4.61 6.48 -4.17
N ASP A 11 3.68 7.19 -4.75
CA ASP A 11 3.44 6.99 -6.20
C ASP A 11 4.78 7.08 -6.93
N LYS A 12 5.50 6.01 -6.84
CA LYS A 12 6.81 5.92 -7.50
C LYS A 12 6.61 5.57 -8.96
N ASN A 13 5.40 5.23 -9.30
CA ASN A 13 5.05 4.91 -10.72
C ASN A 13 3.99 5.91 -11.21
N LYS A 14 3.80 6.98 -10.47
CA LYS A 14 2.77 8.01 -10.86
C LYS A 14 1.69 7.31 -11.69
N ASP A 15 1.18 6.25 -11.16
CA ASP A 15 0.18 5.45 -11.88
C ASP A 15 -1.17 5.52 -11.20
N GLY A 16 -1.25 5.72 -9.91
CA GLY A 16 -2.57 5.71 -9.25
C GLY A 16 -2.69 4.34 -8.64
N LYS A 17 -1.58 3.66 -8.59
CA LYS A 17 -1.53 2.33 -7.98
C LYS A 17 -0.13 2.06 -7.47
N LEU A 18 -0.08 1.31 -6.42
CA LEU A 18 1.21 0.95 -5.79
C LEU A 18 1.42 -0.54 -5.86
N SER A 19 2.64 -0.94 -5.78
CA SER A 19 2.96 -2.38 -5.79
C SER A 19 3.31 -2.77 -4.38
N LEU A 20 3.17 -4.01 -4.05
CA LEU A 20 3.53 -4.43 -2.68
C LEU A 20 4.91 -3.92 -2.43
N ASP A 21 5.58 -3.69 -3.49
CA ASP A 21 6.95 -3.12 -3.42
C ASP A 21 6.87 -1.68 -2.87
N GLU A 22 5.95 -0.85 -3.36
CA GLU A 22 5.88 0.54 -2.84
C GLU A 22 5.26 0.55 -1.44
N PHE A 23 4.23 -0.22 -1.24
CA PHE A 23 3.59 -0.30 0.09
C PHE A 23 4.54 -1.03 1.04
N ARG A 24 5.43 -1.84 0.52
CA ARG A 24 6.42 -2.54 1.39
C ARG A 24 7.54 -1.56 1.71
N GLU A 25 7.81 -0.68 0.79
CA GLU A 25 8.83 0.37 1.05
C GLU A 25 8.16 1.30 2.02
N VAL A 26 6.89 1.45 1.81
CA VAL A 26 6.01 2.28 2.66
C VAL A 26 5.86 1.62 4.02
N ALA A 27 5.76 0.32 4.00
CA ALA A 27 5.57 -0.43 5.25
C ALA A 27 6.90 -0.57 5.96
N LEU A 28 7.95 -0.65 5.19
CA LEU A 28 9.31 -0.79 5.79
C LEU A 28 9.82 0.60 6.19
N ALA A 29 9.43 1.62 5.47
CA ALA A 29 9.89 2.99 5.79
C ALA A 29 9.14 3.59 6.98
N PHE A 30 7.84 3.72 6.87
CA PHE A 30 7.04 4.33 7.97
C PHE A 30 6.84 3.35 9.12
N SER A 31 6.42 2.15 8.83
CA SER A 31 6.19 1.15 9.91
C SER A 31 7.16 -0.02 9.72
N PRO A 32 8.43 0.21 9.94
CA PRO A 32 9.47 -0.84 9.77
C PRO A 32 9.10 -2.15 10.50
N TYR A 33 8.21 -2.08 11.45
CA TYR A 33 7.81 -3.30 12.18
C TYR A 33 6.77 -4.08 11.40
N PHE A 34 6.38 -3.62 10.23
CA PHE A 34 5.37 -4.40 9.45
C PHE A 34 5.98 -5.71 9.05
N THR A 35 5.33 -6.78 9.39
CA THR A 35 5.88 -8.08 9.01
C THR A 35 5.58 -8.33 7.56
N GLN A 36 6.50 -8.92 6.89
CA GLN A 36 6.33 -9.21 5.45
C GLN A 36 5.02 -9.97 5.24
N GLU A 37 4.62 -10.74 6.21
CA GLU A 37 3.37 -11.53 6.07
C GLU A 37 2.16 -10.59 6.23
N ASP A 38 2.26 -9.60 7.08
CA ASP A 38 1.12 -8.67 7.26
C ASP A 38 1.02 -7.74 6.04
N ILE A 39 2.14 -7.38 5.49
CA ILE A 39 2.15 -6.48 4.30
C ILE A 39 1.67 -7.26 3.08
N VAL A 40 2.20 -8.43 2.89
CA VAL A 40 1.82 -9.27 1.73
C VAL A 40 0.46 -9.91 1.96
N LYS A 41 0.18 -10.38 3.13
CA LYS A 41 -1.16 -10.96 3.33
C LYS A 41 -2.14 -9.84 3.06
N PHE A 42 -2.00 -8.76 3.78
CA PHE A 42 -2.91 -7.61 3.58
C PHE A 42 -2.78 -7.05 2.16
N PHE A 43 -1.60 -6.82 1.66
CA PHE A 43 -1.48 -6.30 0.27
C PHE A 43 -2.12 -7.31 -0.68
N GLU A 44 -1.73 -8.53 -0.54
CA GLU A 44 -2.32 -9.60 -1.39
C GLU A 44 -3.84 -9.53 -1.19
N GLU A 45 -4.26 -9.24 0.01
CA GLU A 45 -5.71 -9.14 0.32
C GLU A 45 -6.28 -7.80 -0.18
N ILE A 46 -5.52 -6.75 -0.10
CA ILE A 46 -6.03 -5.43 -0.53
C ILE A 46 -5.86 -5.26 -2.04
N ASP A 47 -4.78 -5.71 -2.61
CA ASP A 47 -4.63 -5.60 -4.08
C ASP A 47 -5.69 -6.52 -4.67
N VAL A 48 -6.92 -6.05 -4.73
CA VAL A 48 -8.05 -6.90 -5.22
C VAL A 48 -8.11 -7.02 -6.73
N ASP A 49 -7.60 -6.08 -7.43
CA ASP A 49 -7.72 -6.13 -8.91
C ASP A 49 -6.70 -7.13 -9.43
N GLY A 50 -5.78 -7.51 -8.61
CA GLY A 50 -4.79 -8.52 -9.00
C GLY A 50 -3.75 -7.96 -9.97
N ASN A 51 -3.71 -6.67 -10.17
CA ASN A 51 -2.68 -6.12 -11.08
C ASN A 51 -1.35 -6.15 -10.33
N GLY A 52 -1.39 -6.64 -9.12
CA GLY A 52 -0.15 -6.70 -8.30
C GLY A 52 0.15 -5.33 -7.73
N GLU A 53 -0.84 -4.49 -7.63
CA GLU A 53 -0.59 -3.11 -7.09
C GLU A 53 -1.80 -2.61 -6.30
N LEU A 54 -1.56 -1.68 -5.39
CA LEU A 54 -2.67 -1.14 -4.59
C LEU A 54 -3.45 -0.11 -5.39
N ASN A 55 -4.69 -0.36 -5.59
CA ASN A 55 -5.52 0.62 -6.36
C ASN A 55 -5.94 1.76 -5.45
N ALA A 56 -6.62 2.73 -6.00
CA ALA A 56 -7.07 3.92 -5.20
C ALA A 56 -8.02 3.52 -4.07
N ASP A 57 -9.14 2.92 -4.34
CA ASP A 57 -10.07 2.56 -3.22
C ASP A 57 -9.36 1.61 -2.24
N GLU A 58 -8.61 0.67 -2.76
CA GLU A 58 -7.90 -0.28 -1.87
C GLU A 58 -6.78 0.48 -1.17
N PHE A 59 -6.27 1.49 -1.82
CA PHE A 59 -5.20 2.30 -1.20
C PHE A 59 -5.69 2.81 0.15
N THR A 60 -6.89 3.32 0.18
CA THR A 60 -7.44 3.84 1.46
C THR A 60 -7.56 2.69 2.44
N SER A 61 -8.10 1.59 1.99
CA SER A 61 -8.22 0.42 2.89
C SER A 61 -6.81 -0.14 3.14
N CYS A 62 -5.89 0.20 2.28
CA CYS A 62 -4.48 -0.25 2.51
C CYS A 62 -3.98 0.48 3.73
N ILE A 63 -4.42 1.69 3.89
CA ILE A 63 -4.02 2.47 5.08
C ILE A 63 -4.99 2.14 6.20
N GLU A 64 -6.25 1.91 5.92
CA GLU A 64 -7.18 1.59 7.03
C GLU A 64 -6.53 0.51 7.87
N LYS A 65 -5.61 -0.25 7.31
CA LYS A 65 -4.90 -1.24 8.16
C LYS A 65 -4.45 -0.52 9.43
N MET A 66 -4.48 0.79 9.37
CA MET A 66 -4.10 1.65 10.50
C MET A 66 -4.68 3.02 10.18
N LEU A 67 -4.28 4.03 10.86
CA LEU A 67 -4.82 5.39 10.57
C LEU A 67 -6.35 5.35 10.64
N SER A 1 -7.16 10.26 6.89
CA SER A 1 -7.61 10.51 5.50
C SER A 1 -6.40 10.77 4.60
N SER A 2 -5.24 10.92 5.18
CA SER A 2 -4.03 11.17 4.36
C SER A 2 -3.60 9.88 3.67
N ALA A 3 -4.53 9.04 3.32
CA ALA A 3 -4.15 7.78 2.65
C ALA A 3 -3.82 8.05 1.18
N LYS A 4 -4.52 8.96 0.57
CA LYS A 4 -4.23 9.29 -0.85
C LYS A 4 -2.98 10.18 -0.85
N ARG A 5 -2.86 11.01 0.14
CA ARG A 5 -1.68 11.90 0.23
C ARG A 5 -0.43 11.05 0.40
N VAL A 6 -0.45 10.15 1.33
CA VAL A 6 0.73 9.28 1.57
C VAL A 6 1.00 8.50 0.28
N PHE A 7 -0.04 8.11 -0.39
CA PHE A 7 0.14 7.38 -1.67
C PHE A 7 0.81 8.32 -2.68
N GLU A 8 0.34 9.52 -2.83
CA GLU A 8 1.01 10.42 -3.81
C GLU A 8 2.52 10.41 -3.52
N LYS A 9 2.89 10.35 -2.27
CA LYS A 9 4.34 10.32 -1.91
C LYS A 9 4.98 9.01 -2.38
N PHE A 10 4.28 7.91 -2.24
CA PHE A 10 4.87 6.61 -2.68
C PHE A 10 4.60 6.40 -4.15
N ASP A 11 3.71 7.15 -4.74
CA ASP A 11 3.46 6.95 -6.18
C ASP A 11 4.80 6.98 -6.91
N LYS A 12 5.50 5.89 -6.82
CA LYS A 12 6.82 5.77 -7.47
C LYS A 12 6.59 5.40 -8.94
N ASN A 13 5.37 5.07 -9.25
CA ASN A 13 5.00 4.73 -10.66
C ASN A 13 3.96 5.75 -11.16
N LYS A 14 3.81 6.84 -10.44
CA LYS A 14 2.81 7.89 -10.86
C LYS A 14 1.72 7.20 -11.69
N ASP A 15 1.22 6.14 -11.14
CA ASP A 15 0.20 5.34 -11.86
C ASP A 15 -1.15 5.44 -11.19
N GLY A 16 -1.22 5.66 -9.90
CA GLY A 16 -2.55 5.68 -9.25
C GLY A 16 -2.70 4.32 -8.62
N LYS A 17 -1.60 3.62 -8.58
CA LYS A 17 -1.56 2.29 -7.96
C LYS A 17 -0.18 2.02 -7.41
N LEU A 18 -0.14 1.29 -6.35
CA LEU A 18 1.14 0.92 -5.72
C LEU A 18 1.36 -0.55 -5.81
N SER A 19 2.58 -0.93 -5.71
CA SER A 19 2.92 -2.36 -5.73
C SER A 19 3.26 -2.75 -4.32
N LEU A 20 3.10 -3.99 -3.98
CA LEU A 20 3.46 -4.40 -2.62
C LEU A 20 4.86 -3.90 -2.38
N ASP A 21 5.51 -3.67 -3.46
CA ASP A 21 6.88 -3.13 -3.42
C ASP A 21 6.82 -1.68 -2.88
N GLU A 22 5.90 -0.85 -3.36
CA GLU A 22 5.86 0.53 -2.84
C GLU A 22 5.26 0.53 -1.43
N PHE A 23 4.25 -0.26 -1.21
CA PHE A 23 3.64 -0.36 0.12
C PHE A 23 4.59 -1.11 1.07
N ARG A 24 5.48 -1.92 0.51
CA ARG A 24 6.47 -2.65 1.37
C ARG A 24 7.61 -1.67 1.69
N GLU A 25 7.85 -0.78 0.78
CA GLU A 25 8.89 0.27 1.03
C GLU A 25 8.22 1.22 2.01
N VAL A 26 6.96 1.39 1.79
CA VAL A 26 6.09 2.24 2.64
C VAL A 26 5.96 1.62 4.02
N ALA A 27 5.80 0.34 4.04
CA ALA A 27 5.60 -0.39 5.30
C ALA A 27 6.96 -0.55 6.00
N LEU A 28 7.98 -0.79 5.25
CA LEU A 28 9.32 -0.97 5.84
C LEU A 28 9.89 0.40 6.21
N ALA A 29 9.52 1.41 5.50
CA ALA A 29 10.05 2.78 5.79
C ALA A 29 9.36 3.40 7.01
N PHE A 30 8.07 3.58 6.96
CA PHE A 30 7.35 4.22 8.10
C PHE A 30 7.02 3.21 9.19
N SER A 31 6.50 2.07 8.84
CA SER A 31 6.15 1.04 9.87
C SER A 31 7.07 -0.17 9.73
N PRO A 32 8.33 -0.01 10.04
CA PRO A 32 9.32 -1.12 9.93
C PRO A 32 8.85 -2.37 10.67
N TYR A 33 7.97 -2.22 11.61
CA TYR A 33 7.48 -3.41 12.36
C TYR A 33 6.54 -4.22 11.47
N PHE A 34 6.13 -3.68 10.35
CA PHE A 34 5.23 -4.46 9.46
C PHE A 34 5.99 -5.64 8.92
N THR A 35 5.54 -6.80 9.25
CA THR A 35 6.24 -8.00 8.77
C THR A 35 5.85 -8.26 7.33
N GLN A 36 6.79 -8.72 6.57
CA GLN A 36 6.52 -8.98 5.15
C GLN A 36 5.29 -9.87 5.02
N GLU A 37 5.02 -10.68 5.99
CA GLU A 37 3.82 -11.56 5.92
C GLU A 37 2.57 -10.71 6.18
N ASP A 38 2.67 -9.75 7.07
CA ASP A 38 1.50 -8.88 7.35
C ASP A 38 1.29 -7.93 6.17
N ILE A 39 2.37 -7.47 5.59
CA ILE A 39 2.27 -6.54 4.44
C ILE A 39 1.76 -7.29 3.22
N VAL A 40 2.29 -8.45 2.98
CA VAL A 40 1.87 -9.25 1.80
C VAL A 40 0.52 -9.90 2.05
N LYS A 41 0.26 -10.38 3.23
CA LYS A 41 -1.08 -10.96 3.46
C LYS A 41 -2.07 -9.84 3.18
N PHE A 42 -1.89 -8.76 3.87
CA PHE A 42 -2.79 -7.59 3.70
C PHE A 42 -2.73 -7.06 2.26
N PHE A 43 -1.56 -6.85 1.71
CA PHE A 43 -1.49 -6.33 0.31
C PHE A 43 -2.09 -7.37 -0.63
N GLU A 44 -1.64 -8.58 -0.51
CA GLU A 44 -2.21 -9.65 -1.38
C GLU A 44 -3.71 -9.69 -1.12
N GLU A 45 -4.11 -9.36 0.08
CA GLU A 45 -5.54 -9.35 0.45
C GLU A 45 -6.20 -8.07 -0.06
N ILE A 46 -5.50 -6.97 -0.03
CA ILE A 46 -6.10 -5.69 -0.47
C ILE A 46 -5.89 -5.49 -1.98
N ASP A 47 -4.79 -5.95 -2.51
CA ASP A 47 -4.59 -5.81 -3.98
C ASP A 47 -5.66 -6.69 -4.62
N VAL A 48 -6.86 -6.23 -4.68
CA VAL A 48 -7.99 -7.05 -5.24
C VAL A 48 -7.99 -7.11 -6.75
N ASP A 49 -7.41 -6.16 -7.39
CA ASP A 49 -7.46 -6.15 -8.86
C ASP A 49 -6.46 -7.18 -9.38
N GLY A 50 -5.59 -7.63 -8.54
CA GLY A 50 -4.63 -8.67 -8.96
C GLY A 50 -3.58 -8.12 -9.94
N ASN A 51 -3.53 -6.83 -10.14
CA ASN A 51 -2.50 -6.30 -11.06
C ASN A 51 -1.20 -6.26 -10.29
N GLY A 52 -1.23 -6.73 -9.07
CA GLY A 52 -0.02 -6.74 -8.23
C GLY A 52 0.23 -5.35 -7.66
N GLU A 53 -0.79 -4.54 -7.55
CA GLU A 53 -0.60 -3.16 -7.04
C GLU A 53 -1.81 -2.68 -6.24
N LEU A 54 -1.61 -1.73 -5.36
CA LEU A 54 -2.73 -1.20 -4.56
C LEU A 54 -3.51 -0.20 -5.40
N ASN A 55 -4.75 -0.45 -5.61
CA ASN A 55 -5.57 0.50 -6.41
C ASN A 55 -5.99 1.69 -5.53
N ALA A 56 -6.68 2.62 -6.11
CA ALA A 56 -7.12 3.83 -5.34
C ALA A 56 -8.09 3.47 -4.20
N ASP A 57 -9.22 2.88 -4.46
CA ASP A 57 -10.16 2.57 -3.34
C ASP A 57 -9.47 1.68 -2.30
N GLU A 58 -8.80 0.65 -2.75
CA GLU A 58 -8.11 -0.25 -1.79
C GLU A 58 -6.97 0.52 -1.14
N PHE A 59 -6.43 1.47 -1.85
CA PHE A 59 -5.31 2.29 -1.30
C PHE A 59 -5.76 2.89 0.02
N THR A 60 -6.93 3.46 0.04
CA THR A 60 -7.43 4.07 1.30
C THR A 60 -7.64 2.97 2.33
N SER A 61 -8.24 1.90 1.93
CA SER A 61 -8.44 0.78 2.88
C SER A 61 -7.07 0.18 3.20
N CYS A 62 -6.10 0.43 2.36
CA CYS A 62 -4.75 -0.09 2.64
C CYS A 62 -4.20 0.69 3.82
N ILE A 63 -4.51 1.94 3.86
CA ILE A 63 -4.06 2.76 5.00
C ILE A 63 -5.04 2.59 6.14
N GLU A 64 -6.31 2.43 5.87
CA GLU A 64 -7.26 2.23 6.97
C GLU A 64 -6.71 1.16 7.89
N LYS A 65 -5.90 0.24 7.38
CA LYS A 65 -5.32 -0.76 8.30
C LYS A 65 -4.75 -0.01 9.51
N MET A 66 -4.64 1.28 9.36
CA MET A 66 -4.15 2.16 10.43
C MET A 66 -4.65 3.55 10.08
N LEU A 67 -4.20 4.56 10.75
CA LEU A 67 -4.67 5.93 10.43
C LEU A 67 -6.19 6.00 10.63
N SER A 1 -7.47 11.67 7.38
CA SER A 1 -7.51 11.27 5.95
C SER A 1 -6.21 11.68 5.26
N SER A 2 -5.53 10.74 4.66
CA SER A 2 -4.25 11.08 3.97
C SER A 2 -3.74 9.84 3.22
N ALA A 3 -4.60 8.94 2.86
CA ALA A 3 -4.15 7.73 2.14
C ALA A 3 -3.82 8.08 0.70
N LYS A 4 -4.52 9.01 0.14
CA LYS A 4 -4.22 9.41 -1.27
C LYS A 4 -2.99 10.31 -1.22
N ARG A 5 -2.84 11.05 -0.15
CA ARG A 5 -1.66 11.93 0.00
C ARG A 5 -0.42 11.07 0.19
N VAL A 6 -0.47 10.14 1.12
CA VAL A 6 0.70 9.27 1.36
C VAL A 6 0.98 8.49 0.07
N PHE A 7 -0.04 8.07 -0.60
CA PHE A 7 0.14 7.34 -1.88
C PHE A 7 0.78 8.31 -2.88
N GLU A 8 0.29 9.51 -2.97
CA GLU A 8 0.91 10.47 -3.92
C GLU A 8 2.43 10.47 -3.65
N LYS A 9 2.81 10.42 -2.41
CA LYS A 9 4.25 10.41 -2.08
C LYS A 9 4.89 9.09 -2.55
N PHE A 10 4.18 7.99 -2.47
CA PHE A 10 4.76 6.69 -2.92
C PHE A 10 4.49 6.48 -4.40
N ASP A 11 3.53 7.15 -4.98
CA ASP A 11 3.28 6.95 -6.43
C ASP A 11 4.61 7.08 -7.16
N LYS A 12 5.38 6.05 -7.09
CA LYS A 12 6.69 6.01 -7.75
C LYS A 12 6.48 5.64 -9.22
N ASN A 13 5.29 5.23 -9.54
CA ASN A 13 4.94 4.88 -10.94
C ASN A 13 3.83 5.83 -11.43
N LYS A 14 3.61 6.91 -10.70
CA LYS A 14 2.55 7.90 -11.08
C LYS A 14 1.48 7.16 -11.89
N ASP A 15 1.04 6.07 -11.33
CA ASP A 15 0.04 5.23 -12.03
C ASP A 15 -1.30 5.31 -11.33
N GLY A 16 -1.35 5.54 -10.05
CA GLY A 16 -2.67 5.54 -9.37
C GLY A 16 -2.80 4.18 -8.74
N LYS A 17 -1.68 3.49 -8.69
CA LYS A 17 -1.62 2.16 -8.07
C LYS A 17 -0.22 1.90 -7.56
N LEU A 18 -0.17 1.16 -6.50
CA LEU A 18 1.11 0.79 -5.89
C LEU A 18 1.30 -0.69 -5.94
N SER A 19 2.51 -1.10 -5.87
CA SER A 19 2.82 -2.54 -5.88
C SER A 19 3.19 -2.93 -4.46
N LEU A 20 3.04 -4.16 -4.12
CA LEU A 20 3.42 -4.56 -2.76
C LEU A 20 4.83 -4.07 -2.54
N ASP A 21 5.47 -3.89 -3.64
CA ASP A 21 6.85 -3.35 -3.61
C ASP A 21 6.81 -1.92 -3.09
N GLU A 22 5.89 -1.07 -3.54
CA GLU A 22 5.86 0.32 -3.04
C GLU A 22 5.29 0.36 -1.62
N PHE A 23 4.27 -0.41 -1.37
CA PHE A 23 3.67 -0.46 -0.01
C PHE A 23 4.66 -1.17 0.91
N ARG A 24 5.56 -1.95 0.34
CA ARG A 24 6.61 -2.64 1.15
C ARG A 24 7.71 -1.63 1.46
N GLU A 25 7.92 -0.72 0.55
CA GLU A 25 8.91 0.36 0.80
C GLU A 25 8.22 1.32 1.76
N VAL A 26 6.95 1.46 1.53
CA VAL A 26 6.06 2.31 2.37
C VAL A 26 5.97 1.69 3.76
N ALA A 27 5.86 0.41 3.77
CA ALA A 27 5.72 -0.33 5.05
C ALA A 27 7.07 -0.38 5.74
N LEU A 28 8.11 -0.36 4.95
CA LEU A 28 9.48 -0.41 5.52
C LEU A 28 9.92 1.00 5.90
N ALA A 29 9.43 1.99 5.20
CA ALA A 29 9.83 3.39 5.50
C ALA A 29 9.11 3.94 6.74
N PHE A 30 7.80 4.00 6.71
CA PHE A 30 7.05 4.58 7.87
C PHE A 30 6.86 3.54 8.98
N SER A 31 6.45 2.35 8.65
CA SER A 31 6.24 1.30 9.69
C SER A 31 7.27 0.18 9.49
N PRO A 32 8.52 0.46 9.75
CA PRO A 32 9.61 -0.53 9.58
C PRO A 32 9.30 -1.85 10.29
N TYR A 33 8.41 -1.84 11.24
CA TYR A 33 8.10 -3.09 11.97
C TYR A 33 7.07 -3.93 11.19
N PHE A 34 6.60 -3.46 10.06
CA PHE A 34 5.61 -4.28 9.30
C PHE A 34 6.31 -5.53 8.82
N THR A 35 5.78 -6.66 9.20
CA THR A 35 6.42 -7.91 8.77
C THR A 35 6.02 -8.20 7.34
N GLN A 36 6.92 -8.70 6.59
CA GLN A 36 6.64 -9.00 5.18
C GLN A 36 5.38 -9.86 5.05
N GLU A 37 5.09 -10.64 6.05
CA GLU A 37 3.88 -11.50 5.99
C GLU A 37 2.63 -10.65 6.21
N ASP A 38 2.70 -9.68 7.08
CA ASP A 38 1.52 -8.82 7.32
C ASP A 38 1.35 -7.87 6.12
N ILE A 39 2.44 -7.44 5.55
CA ILE A 39 2.38 -6.53 4.38
C ILE A 39 1.83 -7.30 3.17
N VAL A 40 2.35 -8.46 2.95
CA VAL A 40 1.90 -9.29 1.80
C VAL A 40 0.56 -9.93 2.09
N LYS A 41 0.33 -10.39 3.28
CA LYS A 41 -1.00 -10.96 3.55
C LYS A 41 -1.99 -9.85 3.26
N PHE A 42 -1.82 -8.76 3.94
CA PHE A 42 -2.71 -7.59 3.77
C PHE A 42 -2.67 -7.08 2.32
N PHE A 43 -1.51 -6.83 1.78
CA PHE A 43 -1.46 -6.33 0.37
C PHE A 43 -2.12 -7.37 -0.53
N GLU A 44 -1.72 -8.59 -0.37
CA GLU A 44 -2.34 -9.68 -1.18
C GLU A 44 -3.85 -9.60 -0.94
N GLU A 45 -4.23 -9.25 0.28
CA GLU A 45 -5.67 -9.13 0.64
C GLU A 45 -6.27 -7.83 0.11
N ILE A 46 -5.52 -6.76 0.12
CA ILE A 46 -6.08 -5.46 -0.34
C ILE A 46 -5.90 -5.32 -1.86
N ASP A 47 -4.82 -5.80 -2.41
CA ASP A 47 -4.67 -5.71 -3.88
C ASP A 47 -5.72 -6.65 -4.47
N VAL A 48 -6.95 -6.23 -4.50
CA VAL A 48 -8.06 -7.09 -5.00
C VAL A 48 -8.10 -7.23 -6.50
N ASP A 49 -7.58 -6.28 -7.19
CA ASP A 49 -7.66 -6.33 -8.66
C ASP A 49 -6.66 -7.35 -9.19
N GLY A 50 -5.75 -7.74 -8.36
CA GLY A 50 -4.76 -8.77 -8.75
C GLY A 50 -3.76 -8.22 -9.78
N ASN A 51 -3.75 -6.94 -10.02
CA ASN A 51 -2.76 -6.40 -10.98
C ASN A 51 -1.42 -6.39 -10.26
N GLY A 52 -1.42 -6.87 -9.05
CA GLY A 52 -0.17 -6.91 -8.26
C GLY A 52 0.12 -5.52 -7.71
N GLU A 53 -0.89 -4.68 -7.61
CA GLU A 53 -0.66 -3.30 -7.10
C GLU A 53 -1.86 -2.81 -6.30
N LEU A 54 -1.64 -1.85 -5.44
CA LEU A 54 -2.76 -1.30 -4.64
C LEU A 54 -3.52 -0.32 -5.52
N ASN A 55 -4.81 -0.42 -5.53
CA ASN A 55 -5.61 0.52 -6.36
C ASN A 55 -6.03 1.72 -5.50
N ALA A 56 -6.72 2.64 -6.08
CA ALA A 56 -7.16 3.85 -5.33
C ALA A 56 -8.12 3.49 -4.17
N ASP A 57 -9.24 2.87 -4.45
CA ASP A 57 -10.17 2.53 -3.33
C ASP A 57 -9.46 1.60 -2.32
N GLU A 58 -8.74 0.63 -2.81
CA GLU A 58 -8.04 -0.29 -1.89
C GLU A 58 -6.91 0.48 -1.21
N PHE A 59 -6.39 1.45 -1.89
CA PHE A 59 -5.29 2.28 -1.31
C PHE A 59 -5.76 2.84 0.03
N THR A 60 -6.96 3.36 0.06
CA THR A 60 -7.47 3.93 1.33
C THR A 60 -7.68 2.81 2.31
N SER A 61 -8.37 1.77 1.93
CA SER A 61 -8.55 0.64 2.87
C SER A 61 -7.18 0.08 3.23
N CYS A 62 -6.20 0.34 2.39
CA CYS A 62 -4.84 -0.12 2.71
C CYS A 62 -4.37 0.64 3.93
N ILE A 63 -4.71 1.90 3.97
CA ILE A 63 -4.31 2.72 5.12
C ILE A 63 -5.30 2.51 6.25
N GLU A 64 -6.58 2.34 5.98
CA GLU A 64 -7.52 2.11 7.10
C GLU A 64 -6.95 1.03 8.00
N LYS A 65 -6.13 0.14 7.47
CA LYS A 65 -5.55 -0.88 8.40
C LYS A 65 -4.94 -0.12 9.59
N MET A 66 -4.84 1.18 9.45
CA MET A 66 -4.31 2.06 10.50
C MET A 66 -4.82 3.45 10.15
N LEU A 67 -4.37 4.46 10.80
CA LEU A 67 -4.85 5.83 10.47
C LEU A 67 -6.38 5.84 10.42
N SER A 1 -8.63 11.06 4.58
CA SER A 1 -7.50 10.41 5.32
C SER A 1 -6.20 10.60 4.54
N SER A 2 -5.08 10.59 5.21
CA SER A 2 -3.79 10.78 4.51
C SER A 2 -3.44 9.50 3.73
N ALA A 3 -4.41 8.77 3.30
CA ALA A 3 -4.10 7.52 2.55
C ALA A 3 -3.73 7.86 1.11
N LYS A 4 -4.37 8.83 0.55
CA LYS A 4 -4.04 9.23 -0.84
C LYS A 4 -2.78 10.08 -0.79
N ARG A 5 -2.65 10.88 0.24
CA ARG A 5 -1.44 11.72 0.39
C ARG A 5 -0.21 10.82 0.49
N VAL A 6 -0.27 9.87 1.39
CA VAL A 6 0.88 8.95 1.58
C VAL A 6 1.13 8.20 0.27
N PHE A 7 0.07 7.85 -0.41
CA PHE A 7 0.25 7.12 -1.70
C PHE A 7 0.90 8.07 -2.72
N GLU A 8 0.43 9.27 -2.86
CA GLU A 8 1.07 10.19 -3.84
C GLU A 8 2.58 10.15 -3.62
N LYS A 9 3.00 10.34 -2.41
CA LYS A 9 4.45 10.32 -2.11
C LYS A 9 5.06 8.98 -2.53
N PHE A 10 4.38 7.90 -2.32
CA PHE A 10 4.94 6.59 -2.73
C PHE A 10 4.63 6.35 -4.19
N ASP A 11 3.70 7.06 -4.75
CA ASP A 11 3.41 6.85 -6.18
C ASP A 11 4.71 7.06 -6.93
N LYS A 12 5.51 6.05 -6.90
CA LYS A 12 6.83 6.06 -7.56
C LYS A 12 6.62 5.74 -9.04
N ASN A 13 5.43 5.35 -9.38
CA ASN A 13 5.09 5.04 -10.80
C ASN A 13 4.01 6.02 -11.27
N LYS A 14 3.80 7.08 -10.51
CA LYS A 14 2.76 8.10 -10.90
C LYS A 14 1.70 7.39 -11.74
N ASP A 15 1.25 6.29 -11.23
CA ASP A 15 0.26 5.47 -11.96
C ASP A 15 -1.09 5.52 -11.28
N GLY A 16 -1.16 5.69 -9.99
CA GLY A 16 -2.48 5.68 -9.33
C GLY A 16 -2.61 4.30 -8.72
N LYS A 17 -1.50 3.61 -8.69
CA LYS A 17 -1.46 2.27 -8.09
C LYS A 17 -0.06 1.97 -7.58
N LEU A 18 0.00 1.20 -6.54
CA LEU A 18 1.29 0.81 -5.96
C LEU A 18 1.45 -0.68 -5.99
N SER A 19 2.65 -1.12 -5.91
CA SER A 19 2.92 -2.57 -5.90
C SER A 19 3.30 -2.93 -4.48
N LEU A 20 3.09 -4.15 -4.09
CA LEU A 20 3.46 -4.54 -2.72
C LEU A 20 4.88 -4.10 -2.53
N ASP A 21 5.53 -3.94 -3.63
CA ASP A 21 6.92 -3.45 -3.62
C ASP A 21 6.92 -1.99 -3.14
N GLU A 22 6.04 -1.15 -3.64
CA GLU A 22 6.03 0.26 -3.18
C GLU A 22 5.50 0.33 -1.75
N PHE A 23 4.46 -0.41 -1.47
CA PHE A 23 3.89 -0.43 -0.11
C PHE A 23 4.86 -1.17 0.82
N ARG A 24 5.69 -2.03 0.28
CA ARG A 24 6.69 -2.76 1.13
C ARG A 24 7.86 -1.82 1.39
N GLU A 25 8.12 -0.94 0.46
CA GLU A 25 9.19 0.06 0.67
C GLU A 25 8.59 1.04 1.66
N VAL A 26 7.32 1.26 1.45
CA VAL A 26 6.49 2.15 2.30
C VAL A 26 6.41 1.57 3.71
N ALA A 27 6.18 0.30 3.76
CA ALA A 27 6.01 -0.39 5.05
C ALA A 27 7.37 -0.61 5.71
N LEU A 28 8.35 -0.95 4.93
CA LEU A 28 9.71 -1.18 5.50
C LEU A 28 10.34 0.16 5.84
N ALA A 29 10.04 1.18 5.09
CA ALA A 29 10.62 2.52 5.35
C ALA A 29 9.93 3.24 6.51
N PHE A 30 8.66 3.49 6.39
CA PHE A 30 7.91 4.22 7.45
C PHE A 30 7.60 3.31 8.64
N SER A 31 7.02 2.17 8.38
CA SER A 31 6.67 1.24 9.50
C SER A 31 7.50 -0.03 9.37
N PRO A 32 8.79 0.06 9.57
CA PRO A 32 9.70 -1.11 9.45
C PRO A 32 9.23 -2.28 10.31
N TYR A 33 8.41 -2.04 11.30
CA TYR A 33 7.93 -3.14 12.15
C TYR A 33 6.87 -3.95 11.39
N PHE A 34 6.43 -3.48 10.25
CA PHE A 34 5.41 -4.26 9.50
C PHE A 34 6.05 -5.56 9.06
N THR A 35 5.45 -6.63 9.43
CA THR A 35 6.03 -7.93 9.03
C THR A 35 5.65 -8.20 7.60
N GLN A 36 6.55 -8.77 6.87
CA GLN A 36 6.30 -9.06 5.46
C GLN A 36 5.02 -9.87 5.33
N GLU A 37 4.73 -10.68 6.29
CA GLU A 37 3.47 -11.48 6.23
C GLU A 37 2.29 -10.54 6.44
N ASP A 38 2.45 -9.56 7.28
CA ASP A 38 1.34 -8.60 7.52
C ASP A 38 1.22 -7.67 6.31
N ILE A 39 2.33 -7.30 5.71
CA ILE A 39 2.30 -6.39 4.52
C ILE A 39 1.76 -7.15 3.33
N VAL A 40 2.20 -8.37 3.15
CA VAL A 40 1.72 -9.17 2.00
C VAL A 40 0.32 -9.65 2.29
N LYS A 41 0.01 -10.02 3.51
CA LYS A 41 -1.39 -10.42 3.77
C LYS A 41 -2.19 -9.17 3.49
N PHE A 42 -1.83 -8.11 4.14
CA PHE A 42 -2.49 -6.80 3.97
C PHE A 42 -2.58 -6.44 2.47
N PHE A 43 -1.46 -6.43 1.81
CA PHE A 43 -1.44 -6.06 0.37
C PHE A 43 -2.12 -7.13 -0.48
N GLU A 44 -1.73 -8.36 -0.30
CA GLU A 44 -2.37 -9.46 -1.07
C GLU A 44 -3.87 -9.40 -0.77
N GLU A 45 -4.21 -8.97 0.41
CA GLU A 45 -5.63 -8.85 0.82
C GLU A 45 -6.25 -7.60 0.22
N ILE A 46 -5.50 -6.54 0.14
CA ILE A 46 -6.05 -5.26 -0.38
C ILE A 46 -5.85 -5.17 -1.90
N ASP A 47 -4.81 -5.76 -2.44
CA ASP A 47 -4.64 -5.72 -3.91
C ASP A 47 -5.73 -6.60 -4.50
N VAL A 48 -6.92 -6.09 -4.58
CA VAL A 48 -8.09 -6.91 -5.06
C VAL A 48 -8.14 -7.02 -6.58
N ASP A 49 -7.59 -6.10 -7.27
CA ASP A 49 -7.69 -6.14 -8.75
C ASP A 49 -6.73 -7.17 -9.28
N GLY A 50 -5.81 -7.60 -8.46
CA GLY A 50 -4.87 -8.65 -8.88
C GLY A 50 -3.83 -8.11 -9.88
N ASN A 51 -3.79 -6.83 -10.09
CA ASN A 51 -2.76 -6.29 -11.03
C ASN A 51 -1.44 -6.30 -10.29
N GLY A 52 -1.47 -6.76 -9.06
CA GLY A 52 -0.22 -6.80 -8.25
C GLY A 52 0.08 -5.41 -7.72
N GLU A 53 -0.91 -4.55 -7.63
CA GLU A 53 -0.65 -3.17 -7.14
C GLU A 53 -1.82 -2.63 -6.33
N LEU A 54 -1.56 -1.69 -5.45
CA LEU A 54 -2.64 -1.11 -4.64
C LEU A 54 -3.42 -0.09 -5.46
N ASN A 55 -4.66 -0.35 -5.67
CA ASN A 55 -5.48 0.62 -6.46
C ASN A 55 -5.89 1.78 -5.57
N ALA A 56 -6.58 2.73 -6.12
CA ALA A 56 -7.00 3.94 -5.34
C ALA A 56 -7.97 3.56 -4.21
N ASP A 57 -9.11 2.98 -4.49
CA ASP A 57 -10.04 2.64 -3.37
C ASP A 57 -9.34 1.72 -2.37
N GLU A 58 -8.58 0.78 -2.87
CA GLU A 58 -7.87 -0.16 -1.96
C GLU A 58 -6.75 0.60 -1.26
N PHE A 59 -6.22 1.59 -1.92
CA PHE A 59 -5.14 2.40 -1.30
C PHE A 59 -5.65 2.93 0.04
N THR A 60 -6.87 3.40 0.07
CA THR A 60 -7.43 3.93 1.34
C THR A 60 -7.66 2.79 2.31
N SER A 61 -8.30 1.75 1.87
CA SER A 61 -8.52 0.60 2.78
C SER A 61 -7.16 0.01 3.17
N CYS A 62 -6.14 0.31 2.42
CA CYS A 62 -4.80 -0.21 2.78
C CYS A 62 -4.25 0.61 3.94
N ILE A 63 -4.23 1.90 3.79
CA ILE A 63 -3.71 2.76 4.88
C ILE A 63 -4.68 2.71 6.05
N GLU A 64 -5.97 2.70 5.81
CA GLU A 64 -6.90 2.64 6.94
C GLU A 64 -6.67 1.35 7.70
N LYS A 65 -6.10 0.35 7.07
CA LYS A 65 -5.85 -0.92 7.83
C LYS A 65 -5.04 -0.56 9.09
N MET A 66 -4.74 0.72 9.25
CA MET A 66 -3.98 1.17 10.47
C MET A 66 -3.41 2.58 10.35
N LEU A 67 -3.86 3.39 9.43
CA LEU A 67 -3.28 4.78 9.32
C LEU A 67 -2.81 5.25 10.71
N SER A 1 -7.40 10.97 6.44
CA SER A 1 -6.66 9.68 6.41
C SER A 1 -5.33 9.88 5.68
N SER A 2 -5.23 10.90 4.86
CA SER A 2 -3.96 11.14 4.14
C SER A 2 -3.50 9.85 3.46
N ALA A 3 -4.41 8.97 3.14
CA ALA A 3 -3.99 7.71 2.49
C ALA A 3 -3.77 7.94 1.01
N LYS A 4 -4.48 8.86 0.43
CA LYS A 4 -4.27 9.14 -1.01
C LYS A 4 -3.01 10.01 -1.09
N ARG A 5 -2.84 10.86 -0.12
CA ARG A 5 -1.63 11.73 -0.08
C ARG A 5 -0.39 10.86 0.07
N VAL A 6 -0.40 9.97 1.04
CA VAL A 6 0.79 9.09 1.25
C VAL A 6 1.00 8.28 -0.05
N PHE A 7 -0.05 7.83 -0.64
CA PHE A 7 0.09 7.06 -1.91
C PHE A 7 0.87 7.91 -2.91
N GLU A 8 0.50 9.15 -3.05
CA GLU A 8 1.20 10.04 -4.02
C GLU A 8 2.70 10.02 -3.70
N LYS A 9 3.05 10.22 -2.47
CA LYS A 9 4.49 10.23 -2.10
C LYS A 9 5.17 8.96 -2.65
N PHE A 10 4.50 7.84 -2.61
CA PHE A 10 5.12 6.59 -3.14
C PHE A 10 4.77 6.36 -4.60
N ASP A 11 3.82 7.09 -5.15
CA ASP A 11 3.51 6.85 -6.59
C ASP A 11 4.85 6.77 -7.34
N LYS A 12 5.51 5.69 -7.17
CA LYS A 12 6.82 5.47 -7.82
C LYS A 12 6.58 5.01 -9.26
N ASN A 13 5.35 4.71 -9.57
CA ASN A 13 5.00 4.30 -10.95
C ASN A 13 4.02 5.33 -11.52
N LYS A 14 3.91 6.47 -10.87
CA LYS A 14 2.97 7.55 -11.34
C LYS A 14 1.84 6.88 -12.12
N ASP A 15 1.29 5.87 -11.54
CA ASP A 15 0.23 5.09 -12.22
C ASP A 15 -1.10 5.27 -11.53
N GLY A 16 -1.12 5.53 -10.24
CA GLY A 16 -2.43 5.63 -9.56
C GLY A 16 -2.66 4.29 -8.92
N LYS A 17 -1.58 3.57 -8.79
CA LYS A 17 -1.60 2.25 -8.14
C LYS A 17 -0.24 1.98 -7.55
N LEU A 18 -0.24 1.22 -6.50
CA LEU A 18 1.01 0.88 -5.83
C LEU A 18 1.27 -0.60 -5.87
N SER A 19 2.50 -0.95 -5.75
CA SER A 19 2.88 -2.36 -5.75
C SER A 19 3.25 -2.73 -4.33
N LEU A 20 3.15 -3.97 -4.00
CA LEU A 20 3.52 -4.37 -2.64
C LEU A 20 4.89 -3.79 -2.39
N ASP A 21 5.54 -3.51 -3.45
CA ASP A 21 6.86 -2.88 -3.39
C ASP A 21 6.73 -1.46 -2.82
N GLU A 22 5.78 -0.66 -3.28
CA GLU A 22 5.65 0.71 -2.73
C GLU A 22 5.04 0.66 -1.33
N PHE A 23 4.04 -0.15 -1.15
CA PHE A 23 3.40 -0.28 0.18
C PHE A 23 4.38 -1.01 1.12
N ARG A 24 5.30 -1.79 0.57
CA ARG A 24 6.31 -2.49 1.42
C ARG A 24 7.41 -1.48 1.77
N GLU A 25 7.63 -0.56 0.89
CA GLU A 25 8.63 0.52 1.17
C GLU A 25 7.92 1.42 2.16
N VAL A 26 6.66 1.58 1.92
CA VAL A 26 5.74 2.38 2.76
C VAL A 26 5.63 1.73 4.13
N ALA A 27 5.50 0.45 4.11
CA ALA A 27 5.32 -0.32 5.36
C ALA A 27 6.66 -0.47 6.07
N LEU A 28 7.71 -0.60 5.32
CA LEU A 28 9.05 -0.75 5.92
C LEU A 28 9.58 0.62 6.31
N ALA A 29 9.21 1.64 5.60
CA ALA A 29 9.71 3.01 5.92
C ALA A 29 8.97 3.61 7.12
N PHE A 30 7.68 3.77 7.04
CA PHE A 30 6.91 4.38 8.16
C PHE A 30 6.75 3.40 9.32
N SER A 31 6.35 2.19 9.04
CA SER A 31 6.17 1.18 10.12
C SER A 31 7.12 0.01 9.86
N PRO A 32 8.40 0.24 10.01
CA PRO A 32 9.43 -0.81 9.78
C PRO A 32 9.09 -2.12 10.51
N TYR A 33 8.23 -2.06 11.49
CA TYR A 33 7.87 -3.30 12.23
C TYR A 33 6.85 -4.11 11.42
N PHE A 34 6.44 -3.62 10.28
CA PHE A 34 5.45 -4.40 9.48
C PHE A 34 6.11 -5.68 9.01
N THR A 35 5.51 -6.78 9.34
CA THR A 35 6.10 -8.04 8.90
C THR A 35 5.74 -8.26 7.45
N GLN A 36 6.67 -8.77 6.72
CA GLN A 36 6.42 -9.01 5.29
C GLN A 36 5.17 -9.85 5.11
N GLU A 37 4.85 -10.67 6.07
CA GLU A 37 3.63 -11.52 5.97
C GLU A 37 2.40 -10.64 6.17
N ASP A 38 2.47 -9.68 7.05
CA ASP A 38 1.28 -8.80 7.27
C ASP A 38 1.14 -7.85 6.08
N ILE A 39 2.24 -7.43 5.52
CA ILE A 39 2.18 -6.50 4.35
C ILE A 39 1.71 -7.27 3.12
N VAL A 40 2.26 -8.42 2.91
CA VAL A 40 1.86 -9.24 1.73
C VAL A 40 0.52 -9.89 1.97
N LYS A 41 0.26 -10.38 3.14
CA LYS A 41 -1.08 -10.97 3.36
C LYS A 41 -2.07 -9.84 3.10
N PHE A 42 -1.93 -8.76 3.83
CA PHE A 42 -2.85 -7.62 3.66
C PHE A 42 -2.73 -7.04 2.24
N PHE A 43 -1.53 -6.82 1.74
CA PHE A 43 -1.41 -6.28 0.35
C PHE A 43 -2.09 -7.26 -0.59
N GLU A 44 -1.74 -8.49 -0.45
CA GLU A 44 -2.37 -9.53 -1.29
C GLU A 44 -3.89 -9.39 -1.08
N GLU A 45 -4.26 -9.03 0.12
CA GLU A 45 -5.69 -8.82 0.48
C GLU A 45 -6.21 -7.48 -0.04
N ILE A 46 -5.41 -6.45 0.03
CA ILE A 46 -5.90 -5.11 -0.41
C ILE A 46 -5.75 -4.97 -1.93
N ASP A 47 -4.70 -5.48 -2.50
CA ASP A 47 -4.58 -5.40 -3.97
C ASP A 47 -5.71 -6.25 -4.53
N VAL A 48 -6.91 -5.73 -4.58
CA VAL A 48 -8.09 -6.51 -5.05
C VAL A 48 -8.12 -6.67 -6.55
N ASP A 49 -7.51 -5.80 -7.26
CA ASP A 49 -7.58 -5.88 -8.73
C ASP A 49 -6.64 -6.97 -9.22
N GLY A 50 -5.77 -7.41 -8.36
CA GLY A 50 -4.85 -8.52 -8.72
C GLY A 50 -3.83 -8.08 -9.77
N ASN A 51 -3.73 -6.82 -10.07
CA ASN A 51 -2.71 -6.38 -11.06
C ASN A 51 -1.37 -6.37 -10.36
N GLY A 52 -1.34 -6.88 -9.16
CA GLY A 52 -0.07 -6.92 -8.39
C GLY A 52 0.21 -5.54 -7.81
N GLU A 53 -0.80 -4.71 -7.72
CA GLU A 53 -0.59 -3.34 -7.18
C GLU A 53 -1.81 -2.88 -6.40
N LEU A 54 -1.61 -1.96 -5.50
CA LEU A 54 -2.74 -1.42 -4.72
C LEU A 54 -3.48 -0.41 -5.56
N ASN A 55 -4.77 -0.43 -5.55
CA ASN A 55 -5.53 0.59 -6.33
C ASN A 55 -5.79 1.78 -5.42
N ALA A 56 -6.40 2.79 -5.94
CA ALA A 56 -6.66 4.01 -5.13
C ALA A 56 -7.56 3.73 -3.91
N ASP A 57 -8.76 3.25 -4.11
CA ASP A 57 -9.64 2.98 -2.93
C ASP A 57 -8.94 1.98 -2.00
N GLU A 58 -8.12 1.15 -2.56
CA GLU A 58 -7.41 0.15 -1.74
C GLU A 58 -6.30 0.87 -0.99
N PHE A 59 -5.78 1.94 -1.56
CA PHE A 59 -4.75 2.69 -0.82
C PHE A 59 -5.35 3.10 0.51
N THR A 60 -6.60 3.52 0.47
CA THR A 60 -7.27 3.97 1.71
C THR A 60 -7.40 2.80 2.68
N SER A 61 -7.83 1.69 2.20
CA SER A 61 -7.96 0.51 3.11
C SER A 61 -6.56 -0.06 3.38
N CYS A 62 -5.62 0.28 2.54
CA CYS A 62 -4.22 -0.19 2.77
C CYS A 62 -3.67 0.62 3.92
N ILE A 63 -3.98 1.88 3.94
CA ILE A 63 -3.51 2.75 5.04
C ILE A 63 -4.45 2.53 6.21
N GLU A 64 -5.73 2.35 5.97
CA GLU A 64 -6.66 2.12 7.09
C GLU A 64 -6.11 1.04 7.98
N LYS A 65 -5.33 0.11 7.46
CA LYS A 65 -4.76 -0.91 8.38
C LYS A 65 -4.17 -0.17 9.59
N MET A 66 -4.03 1.13 9.45
CA MET A 66 -3.51 1.99 10.51
C MET A 66 -3.99 3.40 10.16
N LEU A 67 -3.52 4.39 10.81
CA LEU A 67 -3.97 5.77 10.48
C LEU A 67 -5.51 5.83 10.56
N SER A 1 -7.74 11.85 6.34
CA SER A 1 -7.56 10.69 5.43
C SER A 1 -6.36 10.94 4.52
N SER A 2 -5.18 11.00 5.08
CA SER A 2 -3.97 11.23 4.24
C SER A 2 -3.57 9.92 3.54
N ALA A 3 -4.53 9.13 3.15
CA ALA A 3 -4.17 7.86 2.47
C ALA A 3 -3.81 8.13 1.01
N LYS A 4 -4.48 9.05 0.39
CA LYS A 4 -4.14 9.37 -1.03
C LYS A 4 -2.89 10.24 -1.02
N ARG A 5 -2.77 11.10 -0.05
CA ARG A 5 -1.57 11.97 0.05
C ARG A 5 -0.34 11.08 0.21
N VAL A 6 -0.37 10.19 1.15
CA VAL A 6 0.79 9.29 1.37
C VAL A 6 1.03 8.50 0.09
N PHE A 7 -0.01 8.04 -0.54
CA PHE A 7 0.17 7.28 -1.80
C PHE A 7 0.90 8.18 -2.80
N GLU A 8 0.49 9.40 -2.97
CA GLU A 8 1.22 10.28 -3.92
C GLU A 8 2.71 10.20 -3.61
N LYS A 9 3.08 10.39 -2.38
CA LYS A 9 4.51 10.33 -2.00
C LYS A 9 5.10 9.01 -2.49
N PHE A 10 4.35 7.94 -2.42
CA PHE A 10 4.88 6.62 -2.87
C PHE A 10 4.55 6.40 -4.33
N ASP A 11 3.60 7.10 -4.90
CA ASP A 11 3.33 6.86 -6.34
C ASP A 11 4.64 7.02 -7.09
N LYS A 12 5.41 5.99 -7.03
CA LYS A 12 6.73 5.96 -7.69
C LYS A 12 6.54 5.61 -9.17
N ASN A 13 5.35 5.22 -9.51
CA ASN A 13 5.03 4.90 -10.91
C ASN A 13 3.92 5.87 -11.40
N LYS A 14 3.70 6.92 -10.65
CA LYS A 14 2.64 7.91 -11.04
C LYS A 14 1.59 7.17 -11.86
N ASP A 15 1.16 6.07 -11.32
CA ASP A 15 0.19 5.21 -12.03
C ASP A 15 -1.17 5.28 -11.37
N GLY A 16 -1.24 5.50 -10.09
CA GLY A 16 -2.57 5.51 -9.43
C GLY A 16 -2.71 4.15 -8.79
N LYS A 17 -1.60 3.46 -8.72
CA LYS A 17 -1.56 2.14 -8.08
C LYS A 17 -0.17 1.87 -7.53
N LEU A 18 -0.13 1.18 -6.45
CA LEU A 18 1.14 0.81 -5.82
C LEU A 18 1.33 -0.68 -5.85
N SER A 19 2.53 -1.09 -5.76
CA SER A 19 2.85 -2.53 -5.72
C SER A 19 3.18 -2.87 -4.29
N LEU A 20 2.97 -4.08 -3.90
CA LEU A 20 3.31 -4.45 -2.52
C LEU A 20 4.73 -3.99 -2.32
N ASP A 21 5.39 -3.86 -3.41
CA ASP A 21 6.79 -3.35 -3.40
C ASP A 21 6.77 -1.90 -2.93
N GLU A 22 5.88 -1.05 -3.44
CA GLU A 22 5.88 0.36 -2.99
C GLU A 22 5.30 0.43 -1.58
N PHE A 23 4.27 -0.33 -1.31
CA PHE A 23 3.67 -0.33 0.05
C PHE A 23 4.63 -1.06 1.00
N ARG A 24 5.48 -1.92 0.49
CA ARG A 24 6.46 -2.63 1.36
C ARG A 24 7.62 -1.68 1.63
N GLU A 25 7.88 -0.81 0.69
CA GLU A 25 8.93 0.22 0.90
C GLU A 25 8.29 1.22 1.85
N VAL A 26 7.03 1.40 1.64
CA VAL A 26 6.17 2.31 2.46
C VAL A 26 6.05 1.74 3.87
N ALA A 27 5.86 0.46 3.93
CA ALA A 27 5.67 -0.21 5.23
C ALA A 27 7.02 -0.37 5.94
N LEU A 28 8.02 -0.76 5.20
CA LEU A 28 9.36 -0.96 5.80
C LEU A 28 9.96 0.41 6.12
N ALA A 29 9.64 1.41 5.35
CA ALA A 29 10.22 2.76 5.61
C ALA A 29 9.49 3.45 6.77
N PHE A 30 8.21 3.65 6.65
CA PHE A 30 7.44 4.35 7.73
C PHE A 30 7.29 3.45 8.96
N SER A 31 6.86 2.24 8.78
CA SER A 31 6.67 1.32 9.94
C SER A 31 7.48 0.05 9.71
N PRO A 32 8.77 0.08 10.00
CA PRO A 32 9.65 -1.10 9.79
C PRO A 32 9.20 -2.32 10.60
N TYR A 33 8.32 -2.14 11.55
CA TYR A 33 7.86 -3.29 12.36
C TYR A 33 6.85 -4.12 11.56
N PHE A 34 6.39 -3.63 10.45
CA PHE A 34 5.40 -4.43 9.65
C PHE A 34 6.10 -5.66 9.14
N THR A 35 5.59 -6.80 9.46
CA THR A 35 6.22 -8.03 8.99
C THR A 35 5.83 -8.26 7.54
N GLN A 36 6.77 -8.71 6.77
CA GLN A 36 6.49 -8.96 5.35
C GLN A 36 5.26 -9.85 5.20
N GLU A 37 5.00 -10.67 6.17
CA GLU A 37 3.81 -11.56 6.09
C GLU A 37 2.55 -10.72 6.35
N ASP A 38 2.65 -9.77 7.25
CA ASP A 38 1.46 -8.91 7.54
C ASP A 38 1.25 -7.94 6.37
N ILE A 39 2.32 -7.45 5.81
CA ILE A 39 2.20 -6.50 4.66
C ILE A 39 1.67 -7.25 3.44
N VAL A 40 2.20 -8.40 3.18
CA VAL A 40 1.77 -9.19 2.01
C VAL A 40 0.43 -9.84 2.28
N LYS A 41 0.19 -10.32 3.47
CA LYS A 41 -1.14 -10.92 3.70
C LYS A 41 -2.14 -9.82 3.40
N PHE A 42 -2.01 -8.72 4.08
CA PHE A 42 -2.93 -7.57 3.87
C PHE A 42 -2.86 -7.06 2.42
N PHE A 43 -1.70 -6.79 1.89
CA PHE A 43 -1.62 -6.29 0.48
C PHE A 43 -2.25 -7.34 -0.42
N GLU A 44 -1.82 -8.56 -0.26
CA GLU A 44 -2.42 -9.65 -1.07
C GLU A 44 -3.93 -9.61 -0.82
N GLU A 45 -4.30 -9.20 0.37
CA GLU A 45 -5.74 -9.11 0.73
C GLU A 45 -6.38 -7.86 0.13
N ILE A 46 -5.64 -6.78 0.08
CA ILE A 46 -6.21 -5.51 -0.45
C ILE A 46 -5.96 -5.40 -1.96
N ASP A 47 -4.88 -5.94 -2.45
CA ASP A 47 -4.65 -5.89 -3.92
C ASP A 47 -5.74 -6.76 -4.54
N VAL A 48 -6.94 -6.24 -4.63
CA VAL A 48 -8.09 -7.04 -5.16
C VAL A 48 -8.10 -7.16 -6.67
N ASP A 49 -7.53 -6.22 -7.34
CA ASP A 49 -7.58 -6.26 -8.82
C ASP A 49 -6.61 -7.30 -9.33
N GLY A 50 -5.74 -7.74 -8.48
CA GLY A 50 -4.79 -8.80 -8.85
C GLY A 50 -3.72 -8.29 -9.82
N ASN A 51 -3.65 -7.00 -10.04
CA ASN A 51 -2.59 -6.48 -10.94
C ASN A 51 -1.29 -6.48 -10.15
N GLY A 52 -1.39 -6.85 -8.90
CA GLY A 52 -0.19 -6.87 -8.03
C GLY A 52 0.09 -5.48 -7.51
N GLU A 53 -0.92 -4.65 -7.44
CA GLU A 53 -0.69 -3.25 -6.97
C GLU A 53 -1.89 -2.72 -6.20
N LEU A 54 -1.66 -1.75 -5.34
CA LEU A 54 -2.76 -1.17 -4.56
C LEU A 54 -3.52 -0.18 -5.42
N ASN A 55 -4.76 -0.45 -5.64
CA ASN A 55 -5.57 0.48 -6.48
C ASN A 55 -6.00 1.68 -5.64
N ALA A 56 -6.72 2.59 -6.24
CA ALA A 56 -7.16 3.81 -5.52
C ALA A 56 -8.13 3.47 -4.37
N ASP A 57 -9.26 2.87 -4.64
CA ASP A 57 -10.20 2.56 -3.52
C ASP A 57 -9.50 1.67 -2.48
N GLU A 58 -8.79 0.68 -2.93
CA GLU A 58 -8.09 -0.21 -1.98
C GLU A 58 -6.97 0.59 -1.32
N PHE A 59 -6.45 1.55 -2.02
CA PHE A 59 -5.37 2.39 -1.45
C PHE A 59 -5.83 3.00 -0.13
N THR A 60 -7.03 3.52 -0.11
CA THR A 60 -7.53 4.13 1.15
C THR A 60 -7.74 3.04 2.16
N SER A 61 -8.34 1.96 1.77
CA SER A 61 -8.53 0.83 2.71
C SER A 61 -7.16 0.23 3.02
N CYS A 62 -6.19 0.52 2.16
CA CYS A 62 -4.83 0.00 2.41
C CYS A 62 -4.27 0.78 3.57
N ILE A 63 -4.66 2.01 3.68
CA ILE A 63 -4.18 2.83 4.81
C ILE A 63 -5.16 2.64 5.96
N GLU A 64 -6.44 2.48 5.69
CA GLU A 64 -7.39 2.28 6.80
C GLU A 64 -6.84 1.18 7.68
N LYS A 65 -6.05 0.27 7.14
CA LYS A 65 -5.48 -0.77 8.05
C LYS A 65 -4.85 -0.05 9.24
N MET A 66 -4.72 1.24 9.11
CA MET A 66 -4.18 2.11 10.16
C MET A 66 -4.71 3.51 9.85
N LEU A 67 -4.27 4.50 10.51
CA LEU A 67 -4.78 5.88 10.22
C LEU A 67 -6.31 5.88 10.34
N SER A 1 -7.03 9.20 6.98
CA SER A 1 -7.41 10.47 6.28
C SER A 1 -6.42 10.75 5.15
N SER A 2 -5.14 10.71 5.45
CA SER A 2 -4.13 10.98 4.39
C SER A 2 -3.75 9.68 3.69
N ALA A 3 -4.72 8.91 3.27
CA ALA A 3 -4.38 7.64 2.57
C ALA A 3 -4.01 7.93 1.13
N LYS A 4 -4.66 8.87 0.52
CA LYS A 4 -4.32 9.20 -0.89
C LYS A 4 -3.08 10.10 -0.86
N ARG A 5 -2.98 10.93 0.14
CA ARG A 5 -1.80 11.82 0.25
C ARG A 5 -0.55 10.95 0.36
N VAL A 6 -0.57 10.01 1.26
CA VAL A 6 0.59 9.12 1.45
C VAL A 6 0.86 8.38 0.12
N PHE A 7 -0.18 7.91 -0.50
CA PHE A 7 0.00 7.19 -1.79
C PHE A 7 0.64 8.15 -2.81
N GLU A 8 0.14 9.35 -2.95
CA GLU A 8 0.78 10.27 -3.93
C GLU A 8 2.29 10.29 -3.66
N LYS A 9 2.66 10.38 -2.41
CA LYS A 9 4.11 10.41 -2.07
C LYS A 9 4.77 9.11 -2.54
N PHE A 10 4.09 7.99 -2.42
CA PHE A 10 4.68 6.71 -2.88
C PHE A 10 4.38 6.48 -4.35
N ASP A 11 3.38 7.12 -4.90
CA ASP A 11 3.11 6.90 -6.34
C ASP A 11 4.40 7.18 -7.08
N LYS A 12 5.25 6.22 -7.07
CA LYS A 12 6.56 6.31 -7.73
C LYS A 12 6.38 6.01 -9.22
N ASN A 13 5.21 5.56 -9.58
CA ASN A 13 4.90 5.27 -11.01
C ASN A 13 3.77 6.19 -11.46
N LYS A 14 3.49 7.22 -10.69
CA LYS A 14 2.38 8.16 -11.04
C LYS A 14 1.36 7.38 -11.86
N ASP A 15 0.99 6.25 -11.34
CA ASP A 15 0.06 5.36 -12.05
C ASP A 15 -1.30 5.39 -11.38
N GLY A 16 -1.38 5.57 -10.10
CA GLY A 16 -2.71 5.52 -9.43
C GLY A 16 -2.80 4.15 -8.82
N LYS A 17 -1.67 3.49 -8.77
CA LYS A 17 -1.60 2.15 -8.16
C LYS A 17 -0.20 1.89 -7.64
N LEU A 18 -0.14 1.16 -6.58
CA LEU A 18 1.15 0.79 -5.96
C LEU A 18 1.33 -0.70 -6.00
N SER A 19 2.54 -1.12 -5.92
CA SER A 19 2.84 -2.55 -5.91
C SER A 19 3.20 -2.92 -4.49
N LEU A 20 3.05 -4.16 -4.14
CA LEU A 20 3.42 -4.56 -2.77
C LEU A 20 4.82 -4.07 -2.56
N ASP A 21 5.48 -3.89 -3.64
CA ASP A 21 6.85 -3.36 -3.62
C ASP A 21 6.82 -1.91 -3.11
N GLU A 22 5.92 -1.08 -3.58
CA GLU A 22 5.90 0.32 -3.09
C GLU A 22 5.33 0.38 -1.67
N PHE A 23 4.30 -0.40 -1.42
CA PHE A 23 3.71 -0.44 -0.06
C PHE A 23 4.70 -1.15 0.86
N ARG A 24 5.58 -1.95 0.30
CA ARG A 24 6.62 -2.65 1.11
C ARG A 24 7.74 -1.65 1.42
N GLU A 25 7.97 -0.75 0.51
CA GLU A 25 8.97 0.32 0.74
C GLU A 25 8.30 1.28 1.71
N VAL A 26 7.03 1.45 1.49
CA VAL A 26 6.16 2.30 2.32
C VAL A 26 6.07 1.70 3.72
N ALA A 27 5.91 0.42 3.75
CA ALA A 27 5.77 -0.30 5.03
C ALA A 27 7.12 -0.37 5.72
N LEU A 28 8.15 -0.45 4.95
CA LEU A 28 9.52 -0.53 5.53
C LEU A 28 10.00 0.88 5.89
N ALA A 29 9.54 1.87 5.17
CA ALA A 29 9.99 3.26 5.43
C ALA A 29 9.30 3.87 6.67
N PHE A 30 8.00 3.97 6.65
CA PHE A 30 7.29 4.62 7.80
C PHE A 30 6.93 3.60 8.89
N SER A 31 6.40 2.47 8.53
CA SER A 31 6.03 1.45 9.54
C SER A 31 6.94 0.23 9.42
N PRO A 32 8.19 0.37 9.80
CA PRO A 32 9.17 -0.74 9.71
C PRO A 32 8.73 -1.98 10.49
N TYR A 33 7.84 -1.85 11.43
CA TYR A 33 7.41 -3.03 12.21
C TYR A 33 6.45 -3.90 11.39
N PHE A 34 6.04 -3.44 10.22
CA PHE A 34 5.12 -4.28 9.41
C PHE A 34 5.85 -5.53 8.97
N THR A 35 5.33 -6.66 9.33
CA THR A 35 5.99 -7.90 8.94
C THR A 35 5.64 -8.22 7.50
N GLN A 36 6.58 -8.73 6.79
CA GLN A 36 6.34 -9.05 5.37
C GLN A 36 5.08 -9.89 5.22
N GLU A 37 4.78 -10.69 6.20
CA GLU A 37 3.54 -11.51 6.11
C GLU A 37 2.33 -10.60 6.29
N ASP A 38 2.45 -9.61 7.14
CA ASP A 38 1.31 -8.67 7.34
C ASP A 38 1.20 -7.75 6.12
N ILE A 39 2.32 -7.37 5.57
CA ILE A 39 2.30 -6.47 4.37
C ILE A 39 1.78 -7.25 3.17
N VAL A 40 2.29 -8.43 2.97
CA VAL A 40 1.87 -9.27 1.82
C VAL A 40 0.52 -9.89 2.09
N LYS A 41 0.25 -10.35 3.28
CA LYS A 41 -1.10 -10.92 3.52
C LYS A 41 -2.07 -9.79 3.21
N PHE A 42 -1.91 -8.71 3.90
CA PHE A 42 -2.78 -7.54 3.71
C PHE A 42 -2.71 -7.02 2.26
N PHE A 43 -1.54 -6.79 1.73
CA PHE A 43 -1.48 -6.29 0.32
C PHE A 43 -2.13 -7.33 -0.58
N GLU A 44 -1.73 -8.55 -0.41
CA GLU A 44 -2.36 -9.64 -1.20
C GLU A 44 -3.87 -9.57 -0.96
N GLU A 45 -4.25 -9.22 0.24
CA GLU A 45 -5.69 -9.10 0.61
C GLU A 45 -6.28 -7.80 0.05
N ILE A 46 -5.54 -6.73 0.07
CA ILE A 46 -6.09 -5.44 -0.41
C ILE A 46 -5.89 -5.32 -1.93
N ASP A 47 -4.81 -5.81 -2.46
CA ASP A 47 -4.64 -5.74 -3.93
C ASP A 47 -5.69 -6.67 -4.52
N VAL A 48 -6.91 -6.21 -4.58
CA VAL A 48 -8.04 -7.06 -5.08
C VAL A 48 -8.07 -7.21 -6.58
N ASP A 49 -7.52 -6.28 -7.28
CA ASP A 49 -7.62 -6.34 -8.75
C ASP A 49 -6.61 -7.37 -9.27
N GLY A 50 -5.72 -7.77 -8.43
CA GLY A 50 -4.75 -8.81 -8.83
C GLY A 50 -3.72 -8.27 -9.84
N ASN A 51 -3.71 -6.99 -10.09
CA ASN A 51 -2.70 -6.46 -11.04
C ASN A 51 -1.37 -6.42 -10.28
N GLY A 52 -1.40 -6.88 -9.06
CA GLY A 52 -0.17 -6.88 -8.24
C GLY A 52 0.11 -5.48 -7.71
N GLU A 53 -0.91 -4.65 -7.63
CA GLU A 53 -0.68 -3.26 -7.14
C GLU A 53 -1.88 -2.74 -6.35
N LEU A 54 -1.64 -1.79 -5.47
CA LEU A 54 -2.74 -1.23 -4.67
C LEU A 54 -3.53 -0.24 -5.51
N ASN A 55 -4.77 -0.50 -5.71
CA ASN A 55 -5.60 0.42 -6.51
C ASN A 55 -6.03 1.61 -5.65
N ALA A 56 -6.73 2.54 -6.23
CA ALA A 56 -7.19 3.75 -5.48
C ALA A 56 -8.14 3.39 -4.33
N ASP A 57 -9.26 2.76 -4.59
CA ASP A 57 -10.17 2.43 -3.46
C ASP A 57 -9.45 1.54 -2.44
N GLU A 58 -8.71 0.58 -2.91
CA GLU A 58 -7.99 -0.30 -1.96
C GLU A 58 -6.88 0.49 -1.29
N PHE A 59 -6.37 1.47 -1.98
CA PHE A 59 -5.31 2.33 -1.38
C PHE A 59 -5.83 2.93 -0.08
N THR A 60 -7.05 3.41 -0.09
CA THR A 60 -7.61 4.01 1.15
C THR A 60 -7.79 2.92 2.20
N SER A 61 -8.32 1.81 1.79
CA SER A 61 -8.49 0.70 2.76
C SER A 61 -7.10 0.12 3.08
N CYS A 62 -6.15 0.38 2.21
CA CYS A 62 -4.77 -0.11 2.49
C CYS A 62 -4.21 0.68 3.65
N ILE A 63 -4.34 1.97 3.59
CA ILE A 63 -3.85 2.81 4.69
C ILE A 63 -4.84 2.69 5.83
N GLU A 64 -6.12 2.56 5.57
CA GLU A 64 -7.08 2.44 6.68
C GLU A 64 -6.58 1.37 7.64
N LYS A 65 -5.85 0.39 7.19
CA LYS A 65 -5.33 -0.60 8.18
C LYS A 65 -4.69 0.20 9.33
N MET A 66 -4.51 1.47 9.12
CA MET A 66 -3.93 2.38 10.13
C MET A 66 -4.35 3.78 9.68
N LEU A 67 -3.83 4.79 10.27
CA LEU A 67 -4.21 6.17 9.86
C LEU A 67 -5.74 6.29 9.82
N SER A 1 -8.52 12.69 5.50
CA SER A 1 -7.71 11.44 5.43
C SER A 1 -6.31 11.77 4.94
N SER A 2 -5.58 10.79 4.46
CA SER A 2 -4.20 11.06 3.97
C SER A 2 -3.66 9.82 3.28
N ALA A 3 -4.49 8.88 2.96
CA ALA A 3 -4.00 7.65 2.30
C ALA A 3 -3.73 7.94 0.83
N LYS A 4 -4.42 8.89 0.28
CA LYS A 4 -4.16 9.24 -1.14
C LYS A 4 -2.92 10.12 -1.17
N ARG A 5 -2.79 10.97 -0.19
CA ARG A 5 -1.60 11.86 -0.12
C ARG A 5 -0.35 10.99 0.07
N VAL A 6 -0.40 10.13 1.05
CA VAL A 6 0.77 9.24 1.32
C VAL A 6 1.01 8.38 0.06
N PHE A 7 -0.06 7.96 -0.57
CA PHE A 7 0.09 7.15 -1.80
C PHE A 7 0.91 7.96 -2.82
N GLU A 8 0.56 9.21 -2.99
CA GLU A 8 1.31 10.05 -3.97
C GLU A 8 2.79 10.02 -3.61
N LYS A 9 3.11 10.20 -2.36
CA LYS A 9 4.54 10.17 -1.96
C LYS A 9 5.18 8.88 -2.49
N PHE A 10 4.46 7.79 -2.47
CA PHE A 10 5.02 6.51 -2.97
C PHE A 10 4.71 6.30 -4.44
N ASP A 11 3.77 7.02 -5.01
CA ASP A 11 3.50 6.81 -6.47
C ASP A 11 4.85 6.78 -7.20
N LYS A 12 5.52 5.68 -7.07
CA LYS A 12 6.84 5.52 -7.72
C LYS A 12 6.63 5.11 -9.18
N ASN A 13 5.40 4.80 -9.49
CA ASN A 13 5.05 4.42 -10.90
C ASN A 13 4.05 5.46 -11.43
N LYS A 14 3.91 6.58 -10.74
CA LYS A 14 2.95 7.63 -11.18
C LYS A 14 1.85 6.95 -11.99
N ASP A 15 1.32 5.91 -11.43
CA ASP A 15 0.29 5.11 -12.12
C ASP A 15 -1.05 5.29 -11.45
N GLY A 16 -1.10 5.54 -10.17
CA GLY A 16 -2.42 5.64 -9.50
C GLY A 16 -2.66 4.30 -8.86
N LYS A 17 -1.59 3.57 -8.72
CA LYS A 17 -1.62 2.25 -8.08
C LYS A 17 -0.28 1.96 -7.48
N LEU A 18 -0.28 1.19 -6.45
CA LEU A 18 0.97 0.84 -5.76
C LEU A 18 1.23 -0.64 -5.84
N SER A 19 2.46 -0.97 -5.72
CA SER A 19 2.87 -2.38 -5.74
C SER A 19 3.25 -2.79 -4.34
N LEU A 20 3.17 -4.04 -4.04
CA LEU A 20 3.55 -4.48 -2.70
C LEU A 20 4.91 -3.89 -2.43
N ASP A 21 5.55 -3.55 -3.48
CA ASP A 21 6.87 -2.91 -3.40
C ASP A 21 6.72 -1.49 -2.82
N GLU A 22 5.77 -0.69 -3.29
CA GLU A 22 5.66 0.68 -2.73
C GLU A 22 5.03 0.62 -1.33
N PHE A 23 4.03 -0.19 -1.17
CA PHE A 23 3.39 -0.33 0.16
C PHE A 23 4.38 -1.02 1.08
N ARG A 24 5.31 -1.77 0.54
CA ARG A 24 6.35 -2.44 1.39
C ARG A 24 7.42 -1.41 1.72
N GLU A 25 7.63 -0.48 0.84
CA GLU A 25 8.59 0.61 1.12
C GLU A 25 7.87 1.46 2.15
N VAL A 26 6.61 1.56 1.94
CA VAL A 26 5.67 2.29 2.82
C VAL A 26 5.60 1.57 4.15
N ALA A 27 5.55 0.27 4.07
CA ALA A 27 5.43 -0.55 5.29
C ALA A 27 6.78 -0.65 5.97
N LEU A 28 7.83 -0.61 5.20
CA LEU A 28 9.19 -0.69 5.79
C LEU A 28 9.62 0.69 6.26
N ALA A 29 9.15 1.73 5.61
CA ALA A 29 9.54 3.10 5.99
C ALA A 29 8.78 3.58 7.24
N PHE A 30 7.47 3.63 7.16
CA PHE A 30 6.67 4.13 8.33
C PHE A 30 6.47 3.03 9.37
N SER A 31 6.10 1.86 8.97
CA SER A 31 5.87 0.75 9.95
C SER A 31 6.93 -0.34 9.74
N PRO A 32 8.17 -0.05 10.01
CA PRO A 32 9.27 -1.03 9.84
C PRO A 32 8.95 -2.36 10.54
N TYR A 33 8.08 -2.34 11.50
CA TYR A 33 7.74 -3.60 12.22
C TYR A 33 6.75 -4.41 11.38
N PHE A 34 6.31 -3.90 10.26
CA PHE A 34 5.35 -4.68 9.43
C PHE A 34 6.05 -5.92 8.92
N THR A 35 5.52 -7.05 9.25
CA THR A 35 6.16 -8.30 8.81
C THR A 35 5.80 -8.56 7.36
N GLN A 36 6.74 -9.07 6.63
CA GLN A 36 6.50 -9.36 5.20
C GLN A 36 5.22 -10.17 5.04
N GLU A 37 4.89 -10.96 6.01
CA GLU A 37 3.64 -11.76 5.90
C GLU A 37 2.45 -10.83 6.13
N ASP A 38 2.60 -9.86 6.98
CA ASP A 38 1.48 -8.90 7.24
C ASP A 38 1.33 -7.98 6.03
N ILE A 39 2.43 -7.56 5.45
CA ILE A 39 2.38 -6.65 4.28
C ILE A 39 1.85 -7.42 3.07
N VAL A 40 2.35 -8.60 2.85
CA VAL A 40 1.92 -9.42 1.70
C VAL A 40 0.56 -10.04 1.95
N LYS A 41 0.30 -10.53 3.13
CA LYS A 41 -1.06 -11.08 3.34
C LYS A 41 -2.02 -9.95 3.08
N PHE A 42 -1.85 -8.88 3.81
CA PHE A 42 -2.71 -7.69 3.65
C PHE A 42 -2.63 -7.13 2.23
N PHE A 43 -1.44 -6.89 1.71
CA PHE A 43 -1.35 -6.35 0.33
C PHE A 43 -2.05 -7.34 -0.60
N GLU A 44 -1.70 -8.58 -0.46
CA GLU A 44 -2.38 -9.62 -1.28
C GLU A 44 -3.88 -9.45 -1.03
N GLU A 45 -4.23 -9.07 0.17
CA GLU A 45 -5.65 -8.86 0.56
C GLU A 45 -6.19 -7.52 0.03
N ILE A 46 -5.41 -6.48 0.09
CA ILE A 46 -5.91 -5.15 -0.36
C ILE A 46 -5.77 -5.02 -1.88
N ASP A 47 -4.73 -5.52 -2.46
CA ASP A 47 -4.63 -5.45 -3.94
C ASP A 47 -5.76 -6.30 -4.49
N VAL A 48 -6.95 -5.77 -4.53
CA VAL A 48 -8.13 -6.55 -5.00
C VAL A 48 -8.17 -6.71 -6.50
N ASP A 49 -7.56 -5.83 -7.22
CA ASP A 49 -7.62 -5.91 -8.69
C ASP A 49 -6.68 -6.99 -9.18
N GLY A 50 -5.79 -7.42 -8.33
CA GLY A 50 -4.86 -8.51 -8.69
C GLY A 50 -3.85 -8.07 -9.75
N ASN A 51 -3.77 -6.80 -10.06
CA ASN A 51 -2.77 -6.36 -11.06
C ASN A 51 -1.42 -6.36 -10.37
N GLY A 52 -1.38 -6.89 -9.19
CA GLY A 52 -0.11 -6.94 -8.42
C GLY A 52 0.17 -5.56 -7.83
N GLU A 53 -0.84 -4.73 -7.74
CA GLU A 53 -0.63 -3.36 -7.18
C GLU A 53 -1.85 -2.92 -6.40
N LEU A 54 -1.66 -2.00 -5.48
CA LEU A 54 -2.79 -1.49 -4.71
C LEU A 54 -3.52 -0.45 -5.54
N ASN A 55 -4.82 -0.48 -5.53
CA ASN A 55 -5.56 0.55 -6.32
C ASN A 55 -5.84 1.74 -5.40
N ALA A 56 -6.43 2.76 -5.93
CA ALA A 56 -6.69 3.98 -5.11
C ALA A 56 -7.62 3.71 -3.90
N ASP A 57 -8.81 3.24 -4.13
CA ASP A 57 -9.71 2.98 -2.97
C ASP A 57 -9.04 1.98 -2.03
N GLU A 58 -8.21 1.14 -2.57
CA GLU A 58 -7.51 0.14 -1.73
C GLU A 58 -6.41 0.85 -0.98
N PHE A 59 -5.87 1.91 -1.54
CA PHE A 59 -4.84 2.66 -0.80
C PHE A 59 -5.43 3.07 0.53
N THR A 60 -6.66 3.52 0.49
CA THR A 60 -7.33 3.99 1.74
C THR A 60 -7.51 2.81 2.69
N SER A 61 -8.07 1.75 2.22
CA SER A 61 -8.24 0.58 3.11
C SER A 61 -6.85 0.03 3.46
N CYS A 62 -5.86 0.36 2.66
CA CYS A 62 -4.49 -0.09 2.98
C CYS A 62 -4.03 0.66 4.21
N ILE A 63 -4.27 1.94 4.23
CA ILE A 63 -3.86 2.72 5.41
C ILE A 63 -4.87 2.45 6.52
N GLU A 64 -6.13 2.27 6.20
CA GLU A 64 -7.11 1.98 7.28
C GLU A 64 -6.54 0.89 8.15
N LYS A 65 -5.69 0.03 7.62
CA LYS A 65 -5.10 -1.00 8.53
C LYS A 65 -4.57 -0.26 9.77
N MET A 66 -4.49 1.04 9.66
CA MET A 66 -4.04 1.90 10.77
C MET A 66 -4.59 3.29 10.44
N LEU A 67 -4.16 4.29 11.11
CA LEU A 67 -4.67 5.66 10.82
C LEU A 67 -6.20 5.65 10.88
N SER A 1 -7.13 7.89 6.80
CA SER A 1 -6.98 9.22 6.17
C SER A 1 -5.55 9.37 5.64
N SER A 2 -5.27 10.45 4.96
CA SER A 2 -3.89 10.66 4.43
C SER A 2 -3.49 9.46 3.58
N ALA A 3 -4.44 8.71 3.09
CA ALA A 3 -4.07 7.52 2.28
C ALA A 3 -3.74 7.94 0.85
N LYS A 4 -4.41 8.92 0.34
CA LYS A 4 -4.11 9.38 -1.03
C LYS A 4 -2.86 10.27 -0.96
N ARG A 5 -2.74 11.02 0.10
CA ARG A 5 -1.55 11.90 0.26
C ARG A 5 -0.31 11.02 0.40
N VAL A 6 -0.35 10.09 1.32
CA VAL A 6 0.81 9.20 1.54
C VAL A 6 1.08 8.42 0.24
N PHE A 7 0.05 8.03 -0.44
CA PHE A 7 0.23 7.29 -1.71
C PHE A 7 0.89 8.23 -2.73
N GLU A 8 0.42 9.44 -2.87
CA GLU A 8 1.06 10.35 -3.84
C GLU A 8 2.56 10.33 -3.59
N LYS A 9 2.97 10.54 -2.37
CA LYS A 9 4.42 10.53 -2.05
C LYS A 9 5.05 9.21 -2.50
N PHE A 10 4.33 8.12 -2.37
CA PHE A 10 4.90 6.80 -2.78
C PHE A 10 4.60 6.52 -4.23
N ASP A 11 3.63 7.16 -4.82
CA ASP A 11 3.35 6.89 -6.25
C ASP A 11 4.66 7.02 -7.01
N LYS A 12 5.41 5.96 -6.97
CA LYS A 12 6.72 5.91 -7.65
C LYS A 12 6.52 5.63 -9.14
N ASN A 13 5.32 5.27 -9.48
CA ASN A 13 4.99 5.01 -10.92
C ASN A 13 3.90 5.99 -11.38
N LYS A 14 3.71 7.07 -10.64
CA LYS A 14 2.66 8.07 -11.03
C LYS A 14 1.59 7.33 -11.83
N ASP A 15 1.18 6.23 -11.30
CA ASP A 15 0.20 5.37 -12.00
C ASP A 15 -1.15 5.41 -11.30
N GLY A 16 -1.20 5.60 -10.01
CA GLY A 16 -2.52 5.57 -9.34
C GLY A 16 -2.61 4.21 -8.71
N LYS A 17 -1.48 3.54 -8.65
CA LYS A 17 -1.41 2.22 -8.02
C LYS A 17 -0.02 1.96 -7.49
N LEU A 18 0.03 1.22 -6.42
CA LEU A 18 1.31 0.85 -5.79
C LEU A 18 1.48 -0.64 -5.81
N SER A 19 2.68 -1.06 -5.72
CA SER A 19 2.96 -2.51 -5.67
C SER A 19 3.30 -2.85 -4.25
N LEU A 20 3.08 -4.05 -3.84
CA LEU A 20 3.44 -4.40 -2.46
C LEU A 20 4.86 -3.95 -2.27
N ASP A 21 5.51 -3.87 -3.37
CA ASP A 21 6.91 -3.39 -3.39
C ASP A 21 6.94 -1.93 -2.93
N GLU A 22 6.07 -1.07 -3.44
CA GLU A 22 6.13 0.35 -2.98
C GLU A 22 5.56 0.45 -1.57
N PHE A 23 4.52 -0.29 -1.30
CA PHE A 23 3.90 -0.27 0.05
C PHE A 23 4.84 -0.99 1.04
N ARG A 24 5.66 -1.91 0.57
CA ARG A 24 6.63 -2.59 1.48
C ARG A 24 7.81 -1.65 1.70
N GLU A 25 8.07 -0.83 0.72
CA GLU A 25 9.16 0.18 0.88
C GLU A 25 8.55 1.24 1.78
N VAL A 26 7.29 1.46 1.55
CA VAL A 26 6.48 2.42 2.34
C VAL A 26 6.39 1.93 3.78
N ALA A 27 6.14 0.67 3.91
CA ALA A 27 5.96 0.06 5.24
C ALA A 27 7.32 -0.15 5.91
N LEU A 28 8.24 -0.72 5.19
CA LEU A 28 9.59 -0.95 5.76
C LEU A 28 10.24 0.39 6.09
N ALA A 29 9.92 1.41 5.33
CA ALA A 29 10.53 2.75 5.58
C ALA A 29 9.86 3.44 6.78
N PHE A 30 8.58 3.68 6.71
CA PHE A 30 7.88 4.39 7.81
C PHE A 30 7.42 3.41 8.90
N SER A 31 6.80 2.32 8.52
CA SER A 31 6.34 1.33 9.54
C SER A 31 7.19 0.07 9.47
N PRO A 32 8.42 0.15 9.94
CA PRO A 32 9.35 -1.02 9.91
C PRO A 32 8.84 -2.19 10.73
N TYR A 33 7.95 -1.96 11.66
CA TYR A 33 7.44 -3.09 12.49
C TYR A 33 6.50 -3.96 11.67
N PHE A 34 5.95 -3.45 10.58
CA PHE A 34 5.03 -4.31 9.78
C PHE A 34 5.81 -5.44 9.19
N THR A 35 5.40 -6.63 9.48
CA THR A 35 6.11 -7.79 8.94
C THR A 35 5.71 -8.00 7.50
N GLN A 36 6.65 -8.38 6.70
CA GLN A 36 6.36 -8.60 5.27
C GLN A 36 5.18 -9.54 5.12
N GLU A 37 4.99 -10.43 6.04
CA GLU A 37 3.86 -11.37 5.93
C GLU A 37 2.55 -10.65 6.22
N ASP A 38 2.54 -9.74 7.16
CA ASP A 38 1.29 -9.00 7.46
C ASP A 38 1.03 -7.99 6.34
N ILE A 39 2.07 -7.44 5.79
CA ILE A 39 1.92 -6.44 4.70
C ILE A 39 1.46 -7.16 3.43
N VAL A 40 2.06 -8.27 3.12
CA VAL A 40 1.68 -9.03 1.91
C VAL A 40 0.37 -9.74 2.15
N LYS A 41 0.13 -10.25 3.31
CA LYS A 41 -1.18 -10.90 3.52
C LYS A 41 -2.23 -9.83 3.23
N PHE A 42 -2.13 -8.72 3.93
CA PHE A 42 -3.10 -7.61 3.74
C PHE A 42 -2.98 -7.02 2.33
N PHE A 43 -1.79 -6.76 1.84
CA PHE A 43 -1.67 -6.20 0.46
C PHE A 43 -2.26 -7.22 -0.50
N GLU A 44 -1.83 -8.43 -0.37
CA GLU A 44 -2.39 -9.50 -1.22
C GLU A 44 -3.91 -9.47 -1.04
N GLU A 45 -4.33 -9.15 0.16
CA GLU A 45 -5.79 -9.06 0.47
C GLU A 45 -6.38 -7.75 -0.07
N ILE A 46 -5.60 -6.70 -0.05
CA ILE A 46 -6.13 -5.40 -0.54
C ILE A 46 -5.90 -5.26 -2.03
N ASP A 47 -4.80 -5.76 -2.54
CA ASP A 47 -4.59 -5.68 -4.02
C ASP A 47 -5.65 -6.59 -4.62
N VAL A 48 -6.86 -6.12 -4.70
CA VAL A 48 -7.99 -6.95 -5.21
C VAL A 48 -8.02 -7.10 -6.72
N ASP A 49 -7.46 -6.17 -7.41
CA ASP A 49 -7.54 -6.25 -8.90
C ASP A 49 -6.55 -7.29 -9.37
N GLY A 50 -5.65 -7.68 -8.53
CA GLY A 50 -4.68 -8.73 -8.90
C GLY A 50 -3.60 -8.20 -9.84
N ASN A 51 -3.51 -6.92 -10.03
CA ASN A 51 -2.44 -6.41 -10.92
C ASN A 51 -1.15 -6.38 -10.11
N GLY A 52 -1.24 -6.80 -8.87
CA GLY A 52 -0.04 -6.83 -8.00
C GLY A 52 0.24 -5.41 -7.49
N GLU A 53 -0.78 -4.59 -7.41
CA GLU A 53 -0.54 -3.19 -6.94
C GLU A 53 -1.76 -2.67 -6.17
N LEU A 54 -1.53 -1.69 -5.33
CA LEU A 54 -2.64 -1.10 -4.55
C LEU A 54 -3.40 -0.12 -5.41
N ASN A 55 -4.65 -0.38 -5.62
CA ASN A 55 -5.46 0.55 -6.45
C ASN A 55 -5.90 1.73 -5.59
N ALA A 56 -6.61 2.66 -6.17
CA ALA A 56 -7.07 3.88 -5.42
C ALA A 56 -8.03 3.51 -4.27
N ASP A 57 -9.15 2.90 -4.53
CA ASP A 57 -10.07 2.56 -3.40
C ASP A 57 -9.36 1.64 -2.40
N GLU A 58 -8.63 0.68 -2.91
CA GLU A 58 -7.91 -0.25 -2.00
C GLU A 58 -6.81 0.53 -1.31
N PHE A 59 -6.30 1.53 -1.97
CA PHE A 59 -5.24 2.37 -1.37
C PHE A 59 -5.74 2.93 -0.04
N THR A 60 -6.96 3.40 -0.02
CA THR A 60 -7.51 3.98 1.24
C THR A 60 -7.65 2.87 2.26
N SER A 61 -8.13 1.73 1.84
CA SER A 61 -8.25 0.60 2.79
C SER A 61 -6.85 0.02 3.02
N CYS A 62 -5.93 0.32 2.13
CA CYS A 62 -4.54 -0.17 2.31
C CYS A 62 -3.93 0.64 3.45
N ILE A 63 -4.24 1.90 3.49
CA ILE A 63 -3.71 2.74 4.57
C ILE A 63 -4.64 2.57 5.77
N GLU A 64 -5.93 2.42 5.56
CA GLU A 64 -6.82 2.22 6.73
C GLU A 64 -6.28 1.05 7.52
N LYS A 65 -5.44 0.23 6.91
CA LYS A 65 -4.82 -0.89 7.66
C LYS A 65 -4.30 -0.40 9.03
N MET A 66 -4.72 0.78 9.40
CA MET A 66 -4.31 1.40 10.71
C MET A 66 -2.98 2.16 10.55
N LEU A 67 -2.76 2.76 9.42
CA LEU A 67 -1.48 3.54 9.22
C LEU A 67 -1.12 4.27 10.51
N SER A 1 -7.66 9.75 7.21
CA SER A 1 -7.20 8.62 6.34
C SER A 1 -5.88 9.00 5.68
N SER A 2 -5.85 10.10 4.98
CA SER A 2 -4.58 10.53 4.31
C SER A 2 -4.02 9.35 3.50
N ALA A 3 -4.85 8.43 3.10
CA ALA A 3 -4.35 7.27 2.33
C ALA A 3 -3.99 7.72 0.91
N LYS A 4 -4.69 8.69 0.40
CA LYS A 4 -4.36 9.19 -0.95
C LYS A 4 -3.17 10.14 -0.81
N ARG A 5 -3.08 10.78 0.32
CA ARG A 5 -1.95 11.71 0.58
C ARG A 5 -0.66 10.90 0.73
N VAL A 6 -0.69 9.94 1.59
CA VAL A 6 0.51 9.09 1.81
C VAL A 6 0.85 8.42 0.48
N PHE A 7 -0.16 7.92 -0.18
CA PHE A 7 0.07 7.26 -1.49
C PHE A 7 0.64 8.30 -2.47
N GLU A 8 0.09 9.48 -2.50
CA GLU A 8 0.66 10.49 -3.44
C GLU A 8 2.18 10.55 -3.24
N LYS A 9 2.61 10.48 -2.01
CA LYS A 9 4.07 10.53 -1.75
C LYS A 9 4.75 9.22 -2.21
N PHE A 10 4.09 8.10 -2.09
CA PHE A 10 4.72 6.82 -2.53
C PHE A 10 4.48 6.61 -4.02
N ASP A 11 3.53 7.30 -4.59
CA ASP A 11 3.29 7.13 -6.04
C ASP A 11 4.62 7.24 -6.76
N LYS A 12 5.38 6.19 -6.68
CA LYS A 12 6.70 6.15 -7.34
C LYS A 12 6.49 5.81 -8.81
N ASN A 13 5.28 5.43 -9.14
CA ASN A 13 4.93 5.12 -10.56
C ASN A 13 3.85 6.11 -11.02
N LYS A 14 3.66 7.17 -10.27
CA LYS A 14 2.62 8.20 -10.64
C LYS A 14 1.55 7.50 -11.46
N ASP A 15 1.09 6.39 -10.96
CA ASP A 15 0.10 5.59 -11.69
C ASP A 15 -1.26 5.66 -11.02
N GLY A 16 -1.33 5.84 -9.74
CA GLY A 16 -2.66 5.83 -9.08
C GLY A 16 -2.79 4.46 -8.50
N LYS A 17 -1.69 3.77 -8.46
CA LYS A 17 -1.64 2.42 -7.88
C LYS A 17 -0.24 2.15 -7.37
N LEU A 18 -0.18 1.36 -6.35
CA LEU A 18 1.12 0.98 -5.75
C LEU A 18 1.33 -0.50 -5.85
N SER A 19 2.54 -0.89 -5.79
CA SER A 19 2.88 -2.32 -5.83
C SER A 19 3.26 -2.72 -4.42
N LEU A 20 3.12 -3.96 -4.08
CA LEU A 20 3.52 -4.37 -2.72
C LEU A 20 4.92 -3.86 -2.53
N ASP A 21 5.54 -3.64 -3.63
CA ASP A 21 6.90 -3.07 -3.62
C ASP A 21 6.85 -1.63 -3.10
N GLU A 22 5.94 -0.81 -3.56
CA GLU A 22 5.90 0.59 -3.05
C GLU A 22 5.36 0.59 -1.62
N PHE A 23 4.36 -0.20 -1.36
CA PHE A 23 3.80 -0.26 0.01
C PHE A 23 4.82 -1.00 0.91
N ARG A 24 5.67 -1.82 0.34
CA ARG A 24 6.69 -2.52 1.16
C ARG A 24 7.83 -1.54 1.45
N GLU A 25 8.06 -0.63 0.54
CA GLU A 25 9.09 0.41 0.79
C GLU A 25 8.45 1.33 1.80
N VAL A 26 7.17 1.50 1.61
CA VAL A 26 6.31 2.31 2.50
C VAL A 26 6.24 1.68 3.88
N ALA A 27 6.12 0.39 3.87
CA ALA A 27 5.99 -0.37 5.14
C ALA A 27 7.37 -0.52 5.77
N LEU A 28 8.36 -0.69 4.96
CA LEU A 28 9.74 -0.85 5.49
C LEU A 28 10.29 0.51 5.88
N ALA A 29 9.89 1.55 5.21
CA ALA A 29 10.40 2.91 5.52
C ALA A 29 9.73 3.50 6.77
N PHE A 30 8.43 3.65 6.75
CA PHE A 30 7.73 4.28 7.92
C PHE A 30 7.45 3.26 9.01
N SER A 31 6.94 2.11 8.68
CA SER A 31 6.64 1.09 9.72
C SER A 31 7.57 -0.12 9.51
N PRO A 32 8.84 0.04 9.76
CA PRO A 32 9.83 -1.05 9.58
C PRO A 32 9.47 -2.30 10.38
N TYR A 33 8.65 -2.18 11.38
CA TYR A 33 8.29 -3.39 12.19
C TYR A 33 7.24 -4.21 11.44
N PHE A 34 6.74 -3.74 10.34
CA PHE A 34 5.72 -4.54 9.60
C PHE A 34 6.39 -5.79 9.10
N THR A 35 5.85 -6.92 9.44
CA THR A 35 6.45 -8.17 8.97
C THR A 35 6.03 -8.41 7.55
N GLN A 36 6.92 -8.94 6.78
CA GLN A 36 6.61 -9.20 5.36
C GLN A 36 5.30 -9.97 5.26
N GLU A 37 4.96 -10.74 6.26
CA GLU A 37 3.68 -11.50 6.23
C GLU A 37 2.55 -10.52 6.50
N ASP A 38 2.78 -9.54 7.34
CA ASP A 38 1.72 -8.54 7.62
C ASP A 38 1.57 -7.60 6.42
N ILE A 39 2.68 -7.21 5.83
CA ILE A 39 2.63 -6.30 4.64
C ILE A 39 1.94 -7.01 3.49
N VAL A 40 2.32 -8.23 3.26
CA VAL A 40 1.73 -9.00 2.15
C VAL A 40 0.32 -9.44 2.49
N LYS A 41 0.04 -9.75 3.72
CA LYS A 41 -1.36 -10.11 4.01
C LYS A 41 -2.18 -8.86 3.69
N PHE A 42 -1.84 -7.77 4.34
CA PHE A 42 -2.55 -6.49 4.11
C PHE A 42 -2.58 -6.17 2.60
N PHE A 43 -1.45 -6.25 1.93
CA PHE A 43 -1.43 -5.91 0.47
C PHE A 43 -2.08 -7.02 -0.36
N GLU A 44 -1.66 -8.23 -0.17
CA GLU A 44 -2.25 -9.36 -0.96
C GLU A 44 -3.77 -9.33 -0.79
N GLU A 45 -4.24 -9.08 0.40
CA GLU A 45 -5.70 -9.04 0.66
C GLU A 45 -6.33 -7.80 0.02
N ILE A 46 -5.58 -6.74 -0.09
CA ILE A 46 -6.16 -5.49 -0.65
C ILE A 46 -5.85 -5.39 -2.15
N ASP A 47 -4.79 -6.00 -2.62
CA ASP A 47 -4.50 -5.94 -4.07
C ASP A 47 -5.54 -6.82 -4.76
N VAL A 48 -6.77 -6.38 -4.80
CA VAL A 48 -7.87 -7.19 -5.38
C VAL A 48 -7.86 -7.21 -6.89
N ASP A 49 -7.31 -6.24 -7.50
CA ASP A 49 -7.35 -6.18 -8.97
C ASP A 49 -6.36 -7.17 -9.54
N GLY A 50 -5.47 -7.64 -8.72
CA GLY A 50 -4.51 -8.66 -9.18
C GLY A 50 -3.47 -8.05 -10.13
N ASN A 51 -3.42 -6.76 -10.28
CA ASN A 51 -2.39 -6.18 -11.18
C ASN A 51 -1.09 -6.14 -10.38
N GLY A 52 -1.14 -6.64 -9.18
CA GLY A 52 0.07 -6.65 -8.31
C GLY A 52 0.29 -5.26 -7.73
N GLU A 53 -0.75 -4.46 -7.64
CA GLU A 53 -0.58 -3.08 -7.10
C GLU A 53 -1.80 -2.63 -6.32
N LEU A 54 -1.61 -1.69 -5.43
CA LEU A 54 -2.75 -1.17 -4.65
C LEU A 54 -3.52 -0.20 -5.50
N ASN A 55 -4.80 -0.30 -5.53
CA ASN A 55 -5.61 0.65 -6.35
C ASN A 55 -6.05 1.80 -5.45
N ALA A 56 -6.78 2.74 -6.00
CA ALA A 56 -7.23 3.91 -5.19
C ALA A 56 -8.23 3.47 -4.08
N ASP A 57 -9.36 2.90 -4.43
CA ASP A 57 -10.31 2.50 -3.35
C ASP A 57 -9.62 1.54 -2.38
N GLU A 58 -8.92 0.58 -2.89
CA GLU A 58 -8.22 -0.40 -2.00
C GLU A 58 -7.10 0.34 -1.27
N PHE A 59 -6.57 1.35 -1.88
CA PHE A 59 -5.47 2.13 -1.24
C PHE A 59 -5.94 2.63 0.13
N THR A 60 -7.15 3.12 0.20
CA THR A 60 -7.66 3.64 1.50
C THR A 60 -8.09 2.49 2.40
N SER A 61 -8.81 1.55 1.88
CA SER A 61 -9.24 0.42 2.73
C SER A 61 -8.01 -0.18 3.42
N CYS A 62 -6.89 -0.12 2.78
CA CYS A 62 -5.67 -0.68 3.40
C CYS A 62 -5.17 0.28 4.47
N ILE A 63 -5.03 1.52 4.12
CA ILE A 63 -4.54 2.49 5.13
C ILE A 63 -5.49 2.51 6.32
N GLU A 64 -6.78 2.52 6.12
CA GLU A 64 -7.66 2.49 7.30
C GLU A 64 -7.41 1.18 8.04
N LYS A 65 -6.87 0.19 7.36
CA LYS A 65 -6.57 -1.08 8.07
C LYS A 65 -5.60 -0.77 9.22
N MET A 66 -5.13 0.44 9.26
CA MET A 66 -4.17 0.81 10.33
C MET A 66 -4.06 2.32 10.58
N LEU A 67 -4.76 3.16 9.90
CA LEU A 67 -4.62 4.61 10.19
C LEU A 67 -5.73 5.05 11.16
N SER A 1 -7.45 9.28 6.36
CA SER A 1 -7.86 9.85 5.04
C SER A 1 -6.63 10.27 4.25
N SER A 2 -5.52 10.45 4.92
CA SER A 2 -4.28 10.87 4.20
C SER A 2 -3.73 9.68 3.39
N ALA A 3 -4.58 8.79 2.99
CA ALA A 3 -4.08 7.61 2.21
C ALA A 3 -3.76 8.04 0.78
N LYS A 4 -4.50 8.95 0.24
CA LYS A 4 -4.21 9.41 -1.14
C LYS A 4 -2.96 10.30 -1.07
N ARG A 5 -2.83 11.03 0.00
CA ARG A 5 -1.64 11.91 0.16
C ARG A 5 -0.41 11.04 0.35
N VAL A 6 -0.47 10.13 1.27
CA VAL A 6 0.71 9.25 1.50
C VAL A 6 0.96 8.49 0.19
N PHE A 7 -0.07 8.33 -0.59
CA PHE A 7 0.08 7.62 -1.90
C PHE A 7 0.82 8.55 -2.87
N GLU A 8 0.37 9.77 -3.03
CA GLU A 8 1.10 10.67 -3.97
C GLU A 8 2.59 10.62 -3.62
N LYS A 9 2.89 10.59 -2.35
CA LYS A 9 4.32 10.53 -1.93
C LYS A 9 4.95 9.20 -2.40
N PHE A 10 4.23 8.11 -2.29
CA PHE A 10 4.79 6.80 -2.72
C PHE A 10 4.51 6.56 -4.19
N ASP A 11 3.52 7.21 -4.75
CA ASP A 11 3.26 6.99 -6.19
C ASP A 11 4.58 7.19 -6.92
N LYS A 12 5.39 6.19 -6.86
CA LYS A 12 6.71 6.21 -7.53
C LYS A 12 6.52 5.86 -8.99
N ASN A 13 5.33 5.45 -9.32
CA ASN A 13 4.99 5.12 -10.73
C ASN A 13 3.87 6.06 -11.20
N LYS A 14 3.62 7.11 -10.44
CA LYS A 14 2.53 8.06 -10.81
C LYS A 14 1.45 7.28 -11.55
N ASP A 15 1.02 6.22 -10.93
CA ASP A 15 0.02 5.34 -11.57
C ASP A 15 -1.32 5.49 -10.90
N GLY A 16 -1.39 5.75 -9.61
CA GLY A 16 -2.74 5.79 -9.00
C GLY A 16 -2.93 4.40 -8.45
N LYS A 17 -1.82 3.71 -8.37
CA LYS A 17 -1.78 2.35 -7.85
C LYS A 17 -0.38 2.07 -7.36
N LEU A 18 -0.31 1.27 -6.35
CA LEU A 18 0.99 0.90 -5.79
C LEU A 18 1.19 -0.59 -5.81
N SER A 19 2.39 -0.99 -5.77
CA SER A 19 2.71 -2.43 -5.75
C SER A 19 3.12 -2.77 -4.34
N LEU A 20 2.97 -3.99 -3.94
CA LEU A 20 3.37 -4.34 -2.57
C LEU A 20 4.77 -3.83 -2.39
N ASP A 21 5.41 -3.68 -3.49
CA ASP A 21 6.80 -3.15 -3.48
C ASP A 21 6.76 -1.68 -3.03
N GLU A 22 5.86 -0.86 -3.54
CA GLU A 22 5.84 0.55 -3.08
C GLU A 22 5.30 0.61 -1.67
N PHE A 23 4.31 -0.18 -1.37
CA PHE A 23 3.72 -0.21 -0.02
C PHE A 23 4.68 -0.94 0.93
N ARG A 24 5.53 -1.81 0.43
CA ARG A 24 6.51 -2.50 1.33
C ARG A 24 7.68 -1.55 1.60
N GLU A 25 7.96 -0.71 0.65
CA GLU A 25 9.02 0.31 0.86
C GLU A 25 8.39 1.32 1.80
N VAL A 26 7.13 1.50 1.58
CA VAL A 26 6.27 2.40 2.40
C VAL A 26 6.18 1.84 3.81
N ALA A 27 5.95 0.58 3.88
CA ALA A 27 5.76 -0.10 5.17
C ALA A 27 7.12 -0.28 5.85
N LEU A 28 8.12 -0.58 5.07
CA LEU A 28 9.48 -0.78 5.64
C LEU A 28 10.09 0.59 5.98
N ALA A 29 9.74 1.60 5.22
CA ALA A 29 10.31 2.95 5.47
C ALA A 29 9.66 3.65 6.68
N PHE A 30 8.38 3.86 6.64
CA PHE A 30 7.71 4.58 7.77
C PHE A 30 7.31 3.62 8.89
N SER A 31 6.71 2.50 8.56
CA SER A 31 6.29 1.54 9.62
C SER A 31 7.13 0.26 9.52
N PRO A 32 8.40 0.35 9.85
CA PRO A 32 9.32 -0.82 9.77
C PRO A 32 8.82 -2.01 10.60
N TYR A 33 7.95 -1.78 11.54
CA TYR A 33 7.45 -2.92 12.37
C TYR A 33 6.47 -3.77 11.56
N PHE A 34 6.03 -3.29 10.42
CA PHE A 34 5.08 -4.12 9.62
C PHE A 34 5.79 -5.36 9.17
N THR A 35 5.25 -6.49 9.50
CA THR A 35 5.89 -7.73 9.07
C THR A 35 5.54 -7.99 7.62
N GLN A 36 6.49 -8.48 6.89
CA GLN A 36 6.25 -8.76 5.47
C GLN A 36 5.01 -9.62 5.31
N GLU A 37 4.73 -10.44 6.28
CA GLU A 37 3.53 -11.32 6.20
C GLU A 37 2.27 -10.48 6.40
N ASP A 38 2.32 -9.50 7.28
CA ASP A 38 1.12 -8.65 7.51
C ASP A 38 0.95 -7.71 6.32
N ILE A 39 2.04 -7.26 5.75
CA ILE A 39 1.96 -6.35 4.58
C ILE A 39 1.49 -7.12 3.35
N VAL A 40 2.07 -8.27 3.14
CA VAL A 40 1.69 -9.09 1.97
C VAL A 40 0.34 -9.75 2.22
N LYS A 41 0.08 -10.21 3.41
CA LYS A 41 -1.25 -10.81 3.63
C LYS A 41 -2.26 -9.71 3.31
N PHE A 42 -2.13 -8.59 3.99
CA PHE A 42 -3.06 -7.47 3.76
C PHE A 42 -2.95 -6.94 2.32
N PHE A 43 -1.77 -6.75 1.81
CA PHE A 43 -1.65 -6.26 0.39
C PHE A 43 -2.25 -7.31 -0.54
N GLU A 44 -1.82 -8.53 -0.36
CA GLU A 44 -2.37 -9.63 -1.19
C GLU A 44 -3.90 -9.61 -1.00
N GLU A 45 -4.34 -9.31 0.19
CA GLU A 45 -5.79 -9.26 0.49
C GLU A 45 -6.40 -7.97 -0.04
N ILE A 46 -5.67 -6.89 -0.03
CA ILE A 46 -6.23 -5.61 -0.50
C ILE A 46 -6.05 -5.50 -2.02
N ASP A 47 -4.98 -6.04 -2.55
CA ASP A 47 -4.81 -5.99 -4.02
C ASP A 47 -5.89 -6.88 -4.61
N VAL A 48 -7.08 -6.39 -4.70
CA VAL A 48 -8.21 -7.22 -5.21
C VAL A 48 -8.25 -7.32 -6.72
N ASP A 49 -7.74 -6.36 -7.39
CA ASP A 49 -7.81 -6.36 -8.88
C ASP A 49 -6.78 -7.35 -9.41
N GLY A 50 -5.87 -7.73 -8.59
CA GLY A 50 -4.85 -8.72 -9.01
C GLY A 50 -3.81 -8.11 -9.95
N ASN A 51 -3.79 -6.82 -10.11
CA ASN A 51 -2.78 -6.21 -11.00
C ASN A 51 -1.46 -6.22 -10.24
N GLY A 52 -1.48 -6.71 -9.04
CA GLY A 52 -0.25 -6.76 -8.22
C GLY A 52 0.05 -5.37 -7.67
N GLU A 53 -0.95 -4.53 -7.57
CA GLU A 53 -0.71 -3.15 -7.05
C GLU A 53 -1.91 -2.66 -6.25
N LEU A 54 -1.69 -1.71 -5.38
CA LEU A 54 -2.80 -1.18 -4.58
C LEU A 54 -3.59 -0.20 -5.42
N ASN A 55 -4.82 -0.51 -5.65
CA ASN A 55 -5.65 0.41 -6.48
C ASN A 55 -6.07 1.57 -5.61
N ALA A 56 -6.78 2.52 -6.18
CA ALA A 56 -7.19 3.71 -5.40
C ALA A 56 -8.13 3.33 -4.24
N ASP A 57 -9.25 2.73 -4.51
CA ASP A 57 -10.18 2.36 -3.40
C ASP A 57 -9.47 1.42 -2.41
N GLU A 58 -8.81 0.42 -2.89
CA GLU A 58 -8.09 -0.50 -1.98
C GLU A 58 -6.95 0.28 -1.35
N PHE A 59 -6.45 1.25 -2.05
CA PHE A 59 -5.33 2.10 -1.52
C PHE A 59 -5.74 2.68 -0.18
N THR A 60 -6.93 3.20 -0.09
CA THR A 60 -7.39 3.79 1.19
C THR A 60 -7.55 2.67 2.20
N SER A 61 -8.16 1.59 1.79
CA SER A 61 -8.31 0.45 2.72
C SER A 61 -6.91 -0.15 2.96
N CYS A 62 -5.99 0.14 2.06
CA CYS A 62 -4.61 -0.35 2.27
C CYS A 62 -4.08 0.36 3.50
N ILE A 63 -4.46 1.59 3.64
CA ILE A 63 -4.04 2.35 4.82
C ILE A 63 -4.98 2.01 5.96
N GLU A 64 -6.24 1.74 5.70
CA GLU A 64 -7.14 1.38 6.83
C GLU A 64 -6.45 0.33 7.67
N LYS A 65 -5.55 -0.43 7.10
CA LYS A 65 -4.81 -1.41 7.96
C LYS A 65 -4.38 -0.65 9.22
N MET A 66 -4.28 0.64 9.06
CA MET A 66 -3.92 1.55 10.15
C MET A 66 -4.58 2.88 9.82
N LEU A 67 -4.20 3.92 10.47
CA LEU A 67 -4.81 5.26 10.18
C LEU A 67 -6.34 5.11 10.20
N SER A 1 -8.71 9.85 4.86
CA SER A 1 -7.47 10.18 5.61
C SER A 1 -6.33 10.46 4.62
N SER A 2 -5.15 10.75 5.11
CA SER A 2 -4.01 11.03 4.19
C SER A 2 -3.58 9.73 3.50
N ALA A 3 -4.51 8.89 3.15
CA ALA A 3 -4.12 7.62 2.48
C ALA A 3 -3.81 7.90 1.01
N LYS A 4 -4.53 8.80 0.41
CA LYS A 4 -4.23 9.13 -1.00
C LYS A 4 -3.00 10.04 -1.00
N ARG A 5 -2.88 10.85 0.01
CA ARG A 5 -1.71 11.76 0.13
C ARG A 5 -0.44 10.90 0.28
N VAL A 6 -0.45 9.99 1.21
CA VAL A 6 0.75 9.14 1.42
C VAL A 6 1.01 8.39 0.11
N PHE A 7 -0.03 7.98 -0.54
CA PHE A 7 0.15 7.26 -1.84
C PHE A 7 0.82 8.19 -2.84
N GLU A 8 0.33 9.39 -3.02
CA GLU A 8 0.99 10.29 -4.01
C GLU A 8 2.50 10.31 -3.69
N LYS A 9 2.84 10.34 -2.43
CA LYS A 9 4.29 10.36 -2.05
C LYS A 9 4.98 9.12 -2.62
N PHE A 10 4.36 7.97 -2.55
CA PHE A 10 5.02 6.73 -3.07
C PHE A 10 4.63 6.49 -4.51
N ASP A 11 3.66 7.17 -5.04
CA ASP A 11 3.33 6.91 -6.47
C ASP A 11 4.64 6.99 -7.25
N LYS A 12 5.38 5.94 -7.13
CA LYS A 12 6.68 5.84 -7.81
C LYS A 12 6.45 5.43 -9.27
N ASN A 13 5.24 5.08 -9.56
CA ASN A 13 4.86 4.70 -10.94
C ASN A 13 3.80 5.70 -11.43
N LYS A 14 3.63 6.80 -10.73
CA LYS A 14 2.60 7.82 -11.12
C LYS A 14 1.52 7.11 -11.92
N ASP A 15 1.02 6.05 -11.35
CA ASP A 15 0.01 5.22 -12.04
C ASP A 15 -1.33 5.30 -11.32
N GLY A 16 -1.36 5.53 -10.03
CA GLY A 16 -2.68 5.52 -9.34
C GLY A 16 -2.78 4.15 -8.70
N LYS A 17 -1.64 3.49 -8.66
CA LYS A 17 -1.56 2.17 -8.03
C LYS A 17 -0.15 1.94 -7.52
N LEU A 18 -0.08 1.20 -6.47
CA LEU A 18 1.22 0.85 -5.86
C LEU A 18 1.44 -0.63 -5.91
N SER A 19 2.66 -1.03 -5.83
CA SER A 19 2.99 -2.45 -5.82
C SER A 19 3.34 -2.82 -4.40
N LEU A 20 3.20 -4.06 -4.04
CA LEU A 20 3.55 -4.44 -2.67
C LEU A 20 4.94 -3.92 -2.44
N ASP A 21 5.61 -3.71 -3.52
CA ASP A 21 6.97 -3.14 -3.47
C ASP A 21 6.89 -1.70 -2.94
N GLU A 22 5.97 -0.89 -3.42
CA GLU A 22 5.89 0.51 -2.92
C GLU A 22 5.29 0.50 -1.51
N PHE A 23 4.30 -0.32 -1.27
CA PHE A 23 3.68 -0.40 0.06
C PHE A 23 4.64 -1.14 1.01
N ARG A 24 5.53 -1.96 0.47
CA ARG A 24 6.52 -2.65 1.34
C ARG A 24 7.66 -1.68 1.63
N GLU A 25 7.92 -0.81 0.71
CA GLU A 25 8.95 0.24 0.93
C GLU A 25 8.29 1.24 1.87
N VAL A 26 7.04 1.44 1.60
CA VAL A 26 6.17 2.33 2.42
C VAL A 26 6.10 1.79 3.83
N ALA A 27 5.81 0.54 3.91
CA ALA A 27 5.64 -0.14 5.21
C ALA A 27 6.98 -0.29 5.92
N LEU A 28 7.98 -0.66 5.18
CA LEU A 28 9.33 -0.84 5.80
C LEU A 28 9.93 0.53 6.09
N ALA A 29 9.59 1.52 5.31
CA ALA A 29 10.17 2.87 5.53
C ALA A 29 9.53 3.61 6.73
N PHE A 30 8.25 3.83 6.69
CA PHE A 30 7.58 4.60 7.80
C PHE A 30 7.10 3.66 8.91
N SER A 31 6.44 2.59 8.57
CA SER A 31 5.94 1.65 9.63
C SER A 31 6.73 0.34 9.56
N PRO A 32 7.97 0.35 9.98
CA PRO A 32 8.84 -0.85 9.95
C PRO A 32 8.26 -2.01 10.76
N TYR A 33 7.35 -1.74 11.66
CA TYR A 33 6.77 -2.85 12.47
C TYR A 33 5.93 -3.74 11.55
N PHE A 34 5.57 -3.26 10.39
CA PHE A 34 4.76 -4.10 9.46
C PHE A 34 5.62 -5.29 9.03
N THR A 35 5.31 -6.48 9.45
CA THR A 35 6.15 -7.61 8.96
C THR A 35 5.73 -7.90 7.56
N GLN A 36 6.62 -8.44 6.85
CA GLN A 36 6.36 -8.79 5.44
C GLN A 36 5.10 -9.63 5.30
N GLU A 37 4.81 -10.45 6.27
CA GLU A 37 3.59 -11.30 6.18
C GLU A 37 2.34 -10.43 6.33
N ASP A 38 2.38 -9.45 7.19
CA ASP A 38 1.19 -8.56 7.36
C ASP A 38 1.08 -7.66 6.13
N ILE A 39 2.19 -7.27 5.57
CA ILE A 39 2.16 -6.39 4.37
C ILE A 39 1.73 -7.20 3.15
N VAL A 40 2.30 -8.35 2.98
CA VAL A 40 1.94 -9.20 1.81
C VAL A 40 0.60 -9.87 2.05
N LYS A 41 0.35 -10.34 3.23
CA LYS A 41 -0.98 -10.96 3.45
C LYS A 41 -2.00 -9.86 3.16
N PHE A 42 -1.89 -8.76 3.84
CA PHE A 42 -2.84 -7.65 3.62
C PHE A 42 -2.71 -7.09 2.19
N PHE A 43 -1.53 -6.86 1.70
CA PHE A 43 -1.41 -6.33 0.31
C PHE A 43 -2.03 -7.37 -0.63
N GLU A 44 -1.62 -8.58 -0.48
CA GLU A 44 -2.20 -9.66 -1.31
C GLU A 44 -3.72 -9.61 -1.11
N GLU A 45 -4.13 -9.32 0.09
CA GLU A 45 -5.58 -9.22 0.42
C GLU A 45 -6.17 -7.91 -0.09
N ILE A 46 -5.41 -6.84 -0.03
CA ILE A 46 -5.95 -5.53 -0.48
C ILE A 46 -5.78 -5.37 -1.98
N ASP A 47 -4.69 -5.83 -2.54
CA ASP A 47 -4.55 -5.72 -4.01
C ASP A 47 -5.62 -6.64 -4.58
N VAL A 48 -6.84 -6.18 -4.64
CA VAL A 48 -7.97 -7.04 -5.10
C VAL A 48 -8.06 -7.16 -6.62
N ASP A 49 -7.56 -6.22 -7.33
CA ASP A 49 -7.70 -6.28 -8.80
C ASP A 49 -6.69 -7.28 -9.34
N GLY A 50 -5.76 -7.67 -8.52
CA GLY A 50 -4.77 -8.69 -8.93
C GLY A 50 -3.74 -8.13 -9.90
N ASN A 51 -3.71 -6.83 -10.11
CA ASN A 51 -2.68 -6.28 -11.03
C ASN A 51 -1.35 -6.30 -10.27
N GLY A 52 -1.39 -6.77 -9.06
CA GLY A 52 -0.15 -6.83 -8.24
C GLY A 52 0.15 -5.44 -7.68
N GLU A 53 -0.84 -4.60 -7.58
CA GLU A 53 -0.59 -3.21 -7.07
C GLU A 53 -1.78 -2.71 -6.27
N LEU A 54 -1.55 -1.76 -5.40
CA LEU A 54 -2.65 -1.20 -4.58
C LEU A 54 -3.45 -0.20 -5.40
N ASN A 55 -4.69 -0.47 -5.57
CA ASN A 55 -5.54 0.48 -6.35
C ASN A 55 -5.96 1.64 -5.46
N ALA A 56 -6.65 2.59 -6.00
CA ALA A 56 -7.09 3.79 -5.23
C ALA A 56 -8.02 3.40 -4.06
N ASP A 57 -9.14 2.79 -4.29
CA ASP A 57 -10.04 2.44 -3.15
C ASP A 57 -9.31 1.50 -2.18
N GLU A 58 -8.57 0.56 -2.70
CA GLU A 58 -7.84 -0.36 -1.80
C GLU A 58 -6.73 0.41 -1.12
N PHE A 59 -6.23 1.42 -1.79
CA PHE A 59 -5.16 2.26 -1.19
C PHE A 59 -5.66 2.81 0.14
N THR A 60 -6.87 3.28 0.17
CA THR A 60 -7.43 3.84 1.43
C THR A 60 -7.54 2.72 2.45
N SER A 61 -8.00 1.58 2.03
CA SER A 61 -8.09 0.44 2.98
C SER A 61 -6.69 -0.11 3.23
N CYS A 62 -5.76 0.22 2.36
CA CYS A 62 -4.36 -0.24 2.57
C CYS A 62 -3.79 0.57 3.72
N ILE A 63 -4.07 1.84 3.72
CA ILE A 63 -3.58 2.70 4.81
C ILE A 63 -4.51 2.50 5.99
N GLU A 64 -5.79 2.33 5.77
CA GLU A 64 -6.71 2.13 6.91
C GLU A 64 -6.14 1.03 7.80
N LYS A 65 -5.35 0.13 7.27
CA LYS A 65 -4.75 -0.90 8.17
C LYS A 65 -4.16 -0.15 9.38
N MET A 66 -4.05 1.14 9.24
CA MET A 66 -3.54 2.02 10.31
C MET A 66 -3.98 3.42 9.92
N LEU A 67 -3.48 4.43 10.54
CA LEU A 67 -3.89 5.81 10.18
C LEU A 67 -5.43 5.89 10.20
N SER A 1 -8.08 9.08 5.20
CA SER A 1 -8.00 10.52 4.86
C SER A 1 -6.71 10.80 4.09
N SER A 2 -5.59 10.82 4.77
CA SER A 2 -4.30 11.08 4.06
C SER A 2 -3.80 9.78 3.41
N ALA A 3 -4.69 8.88 3.10
CA ALA A 3 -4.24 7.61 2.46
C ALA A 3 -3.93 7.86 0.99
N LYS A 4 -4.61 8.78 0.38
CA LYS A 4 -4.32 9.08 -1.06
C LYS A 4 -3.09 9.95 -1.09
N ARG A 5 -2.98 10.86 -0.15
CA ARG A 5 -1.80 11.75 -0.08
C ARG A 5 -0.55 10.90 0.10
N VAL A 6 -0.57 10.04 1.08
CA VAL A 6 0.61 9.17 1.33
C VAL A 6 0.86 8.32 0.08
N PHE A 7 -0.20 7.85 -0.53
CA PHE A 7 -0.04 7.03 -1.76
C PHE A 7 0.72 7.87 -2.80
N GLU A 8 0.31 9.09 -2.99
CA GLU A 8 0.99 9.95 -4.00
C GLU A 8 2.49 9.96 -3.71
N LYS A 9 2.87 10.24 -2.51
CA LYS A 9 4.31 10.28 -2.17
C LYS A 9 4.98 8.99 -2.64
N PHE A 10 4.34 7.87 -2.48
CA PHE A 10 4.95 6.60 -2.92
C PHE A 10 4.68 6.37 -4.39
N ASP A 11 3.80 7.11 -5.00
CA ASP A 11 3.54 6.90 -6.45
C ASP A 11 4.90 6.88 -7.15
N LYS A 12 5.60 5.80 -7.01
CA LYS A 12 6.93 5.65 -7.64
C LYS A 12 6.72 5.24 -9.10
N ASN A 13 5.51 4.92 -9.42
CA ASN A 13 5.17 4.54 -10.83
C ASN A 13 4.16 5.56 -11.37
N LYS A 14 3.99 6.66 -10.67
CA LYS A 14 3.02 7.70 -11.12
C LYS A 14 1.94 7.02 -11.95
N ASP A 15 1.39 5.97 -11.39
CA ASP A 15 0.37 5.18 -12.09
C ASP A 15 -0.98 5.33 -11.43
N GLY A 16 -1.04 5.57 -10.15
CA GLY A 16 -2.38 5.65 -9.50
C GLY A 16 -2.60 4.29 -8.87
N LYS A 17 -1.52 3.58 -8.75
CA LYS A 17 -1.53 2.25 -8.12
C LYS A 17 -0.18 1.98 -7.51
N LEU A 18 -0.17 1.20 -6.49
CA LEU A 18 1.08 0.87 -5.81
C LEU A 18 1.34 -0.60 -5.86
N SER A 19 2.57 -0.96 -5.73
CA SER A 19 2.96 -2.37 -5.74
C SER A 19 3.30 -2.75 -4.33
N LEU A 20 3.19 -3.99 -4.00
CA LEU A 20 3.55 -4.40 -2.64
C LEU A 20 4.91 -3.83 -2.38
N ASP A 21 5.57 -3.53 -3.43
CA ASP A 21 6.91 -2.92 -3.34
C ASP A 21 6.79 -1.47 -2.81
N GLU A 22 5.88 -0.65 -3.31
CA GLU A 22 5.80 0.73 -2.77
C GLU A 22 5.20 0.68 -1.38
N PHE A 23 4.21 -0.15 -1.20
CA PHE A 23 3.59 -0.31 0.11
C PHE A 23 4.62 -1.01 1.03
N ARG A 24 5.59 -1.69 0.45
CA ARG A 24 6.66 -2.35 1.27
C ARG A 24 7.68 -1.30 1.68
N GLU A 25 7.86 -0.33 0.84
CA GLU A 25 8.79 0.79 1.18
C GLU A 25 8.01 1.61 2.20
N VAL A 26 6.75 1.72 1.93
CA VAL A 26 5.77 2.42 2.79
C VAL A 26 5.72 1.72 4.14
N ALA A 27 5.66 0.43 4.08
CA ALA A 27 5.53 -0.38 5.30
C ALA A 27 6.88 -0.50 6.01
N LEU A 28 7.92 -0.64 5.26
CA LEU A 28 9.28 -0.77 5.87
C LEU A 28 9.78 0.61 6.29
N ALA A 29 9.41 1.63 5.58
CA ALA A 29 9.86 3.01 5.93
C ALA A 29 9.06 3.58 7.11
N PHE A 30 7.77 3.70 6.93
CA PHE A 30 6.92 4.30 8.02
C PHE A 30 7.02 3.46 9.29
N SER A 31 6.76 2.19 9.21
CA SER A 31 6.82 1.32 10.42
C SER A 31 7.54 0.01 10.05
N PRO A 32 8.81 -0.09 10.33
CA PRO A 32 9.59 -1.31 9.99
C PRO A 32 9.09 -2.54 10.76
N TYR A 33 8.19 -2.35 11.68
CA TYR A 33 7.69 -3.52 12.46
C TYR A 33 6.66 -4.28 11.63
N PHE A 34 6.31 -3.78 10.46
CA PHE A 34 5.32 -4.52 9.63
C PHE A 34 5.94 -5.82 9.21
N THR A 35 5.28 -6.89 9.51
CA THR A 35 5.84 -8.18 9.13
C THR A 35 5.58 -8.39 7.66
N GLN A 36 6.52 -8.96 6.99
CA GLN A 36 6.37 -9.19 5.55
C GLN A 36 5.10 -9.97 5.29
N GLU A 37 4.73 -10.79 6.22
CA GLU A 37 3.48 -11.60 6.06
C GLU A 37 2.26 -10.68 6.23
N ASP A 38 2.36 -9.71 7.09
CA ASP A 38 1.20 -8.79 7.30
C ASP A 38 1.10 -7.85 6.10
N ILE A 39 2.22 -7.43 5.56
CA ILE A 39 2.19 -6.50 4.38
C ILE A 39 1.73 -7.27 3.15
N VAL A 40 2.31 -8.42 2.94
CA VAL A 40 1.94 -9.24 1.75
C VAL A 40 0.59 -9.90 1.97
N LYS A 41 0.30 -10.38 3.15
CA LYS A 41 -1.04 -10.98 3.32
C LYS A 41 -2.03 -9.86 3.07
N PHE A 42 -1.91 -8.79 3.81
CA PHE A 42 -2.84 -7.65 3.64
C PHE A 42 -2.71 -7.06 2.22
N PHE A 43 -1.52 -6.84 1.73
CA PHE A 43 -1.40 -6.28 0.35
C PHE A 43 -2.06 -7.28 -0.59
N GLU A 44 -1.69 -8.51 -0.44
CA GLU A 44 -2.33 -9.56 -1.27
C GLU A 44 -3.84 -9.43 -1.06
N GLU A 45 -4.22 -9.06 0.14
CA GLU A 45 -5.66 -8.88 0.48
C GLU A 45 -6.19 -7.54 -0.05
N ILE A 46 -5.39 -6.51 0.03
CA ILE A 46 -5.87 -5.17 -0.44
C ILE A 46 -5.68 -5.08 -1.95
N ASP A 47 -4.63 -5.64 -2.46
CA ASP A 47 -4.45 -5.61 -3.95
C ASP A 47 -5.57 -6.44 -4.52
N VAL A 48 -6.76 -5.90 -4.61
CA VAL A 48 -7.95 -6.66 -5.10
C VAL A 48 -7.95 -6.82 -6.62
N ASP A 49 -7.34 -5.93 -7.31
CA ASP A 49 -7.39 -6.00 -8.78
C ASP A 49 -6.42 -7.07 -9.25
N GLY A 50 -5.55 -7.50 -8.39
CA GLY A 50 -4.61 -8.58 -8.75
C GLY A 50 -3.59 -8.12 -9.80
N ASN A 51 -3.53 -6.86 -10.10
CA ASN A 51 -2.53 -6.41 -11.10
C ASN A 51 -1.17 -6.36 -10.39
N GLY A 52 -1.14 -6.88 -9.20
CA GLY A 52 0.13 -6.90 -8.43
C GLY A 52 0.37 -5.50 -7.84
N GLU A 53 -0.64 -4.68 -7.79
CA GLU A 53 -0.46 -3.32 -7.22
C GLU A 53 -1.71 -2.88 -6.47
N LEU A 54 -1.54 -1.97 -5.55
CA LEU A 54 -2.69 -1.46 -4.78
C LEU A 54 -3.43 -0.44 -5.63
N ASN A 55 -4.72 -0.50 -5.64
CA ASN A 55 -5.47 0.52 -6.42
C ASN A 55 -5.78 1.69 -5.50
N ALA A 56 -6.39 2.71 -6.02
CA ALA A 56 -6.67 3.91 -5.20
C ALA A 56 -7.60 3.62 -4.00
N ASP A 57 -8.78 3.12 -4.22
CA ASP A 57 -9.67 2.83 -3.06
C ASP A 57 -8.98 1.84 -2.12
N GLU A 58 -8.12 1.04 -2.66
CA GLU A 58 -7.42 0.05 -1.83
C GLU A 58 -6.34 0.79 -1.06
N PHE A 59 -5.83 1.85 -1.61
CA PHE A 59 -4.82 2.62 -0.84
C PHE A 59 -5.48 3.01 0.48
N THR A 60 -6.73 3.41 0.40
CA THR A 60 -7.44 3.84 1.63
C THR A 60 -7.52 2.68 2.59
N SER A 61 -7.96 1.55 2.13
CA SER A 61 -8.03 0.38 3.04
C SER A 61 -6.61 -0.14 3.32
N CYS A 62 -5.67 0.23 2.49
CA CYS A 62 -4.27 -0.18 2.75
C CYS A 62 -3.76 0.62 3.93
N ILE A 63 -4.00 1.90 3.90
CA ILE A 63 -3.57 2.75 5.03
C ILE A 63 -4.54 2.52 6.18
N GLU A 64 -5.81 2.33 5.91
CA GLU A 64 -6.76 2.09 7.01
C GLU A 64 -6.21 1.00 7.90
N LYS A 65 -5.39 0.09 7.39
CA LYS A 65 -4.84 -0.92 8.31
C LYS A 65 -4.27 -0.18 9.53
N MET A 66 -4.15 1.11 9.40
CA MET A 66 -3.66 1.98 10.49
C MET A 66 -4.15 3.38 10.13
N LEU A 67 -3.71 4.38 10.80
CA LEU A 67 -4.18 5.76 10.48
C LEU A 67 -5.69 5.82 10.65
#